data_2V14
# 
_entry.id   2V14 
# 
_audit_conform.dict_name       mmcif_pdbx.dic 
_audit_conform.dict_version    5.397 
_audit_conform.dict_location   http://mmcif.pdb.org/dictionaries/ascii/mmcif_pdbx.dic 
# 
loop_
_database_2.database_id 
_database_2.database_code 
_database_2.pdbx_database_accession 
_database_2.pdbx_DOI 
PDB   2V14         pdb_00002v14 10.2210/pdb2v14/pdb 
PDBE  EBI-29965    ?            ?                   
WWPDB D_1290029965 ?            ?                   
# 
loop_
_pdbx_audit_revision_history.ordinal 
_pdbx_audit_revision_history.data_content_type 
_pdbx_audit_revision_history.major_revision 
_pdbx_audit_revision_history.minor_revision 
_pdbx_audit_revision_history.revision_date 
1 'Structure model' 1 0 2007-07-31 
2 'Structure model' 1 1 2011-05-08 
3 'Structure model' 1 2 2011-07-13 
4 'Structure model' 1 3 2024-10-23 
# 
_pdbx_audit_revision_details.ordinal             1 
_pdbx_audit_revision_details.revision_ordinal    1 
_pdbx_audit_revision_details.data_content_type   'Structure model' 
_pdbx_audit_revision_details.provider            repository 
_pdbx_audit_revision_details.type                'Initial release' 
_pdbx_audit_revision_details.description         ? 
_pdbx_audit_revision_details.details             ? 
# 
loop_
_pdbx_audit_revision_group.ordinal 
_pdbx_audit_revision_group.revision_ordinal 
_pdbx_audit_revision_group.data_content_type 
_pdbx_audit_revision_group.group 
1 2 'Structure model' 'Version format compliance' 
2 3 'Structure model' 'Version format compliance' 
3 4 'Structure model' 'Data collection'           
4 4 'Structure model' 'Database references'       
5 4 'Structure model' 'Derived calculations'      
6 4 'Structure model' Other                       
7 4 'Structure model' 'Structure summary'         
# 
loop_
_pdbx_audit_revision_category.ordinal 
_pdbx_audit_revision_category.revision_ordinal 
_pdbx_audit_revision_category.data_content_type 
_pdbx_audit_revision_category.category 
1 4 'Structure model' chem_comp_atom            
2 4 'Structure model' chem_comp_bond            
3 4 'Structure model' database_2                
4 4 'Structure model' pdbx_database_status      
5 4 'Structure model' pdbx_entry_details        
6 4 'Structure model' pdbx_modification_feature 
7 4 'Structure model' struct_conn               
# 
loop_
_pdbx_audit_revision_item.ordinal 
_pdbx_audit_revision_item.revision_ordinal 
_pdbx_audit_revision_item.data_content_type 
_pdbx_audit_revision_item.item 
1 4 'Structure model' '_database_2.pdbx_DOI'                         
2 4 'Structure model' '_database_2.pdbx_database_accession'          
3 4 'Structure model' '_pdbx_database_status.status_code_sf'         
4 4 'Structure model' '_pdbx_entry_details.has_protein_modification' 
5 4 'Structure model' '_struct_conn.pdbx_leaving_atom_flag'          
# 
_pdbx_database_status.status_code                     REL 
_pdbx_database_status.entry_id                        2V14 
_pdbx_database_status.deposit_site                    PDBE 
_pdbx_database_status.process_site                    PDBE 
_pdbx_database_status.SG_entry                        . 
_pdbx_database_status.recvd_initial_deposition_date   2007-05-21 
_pdbx_database_status.pdb_format_compatible           Y 
_pdbx_database_status.status_code_sf                  REL 
_pdbx_database_status.status_code_mr                  ? 
_pdbx_database_status.status_code_cs                  ? 
_pdbx_database_status.methods_development_category    ? 
_pdbx_database_status.status_code_nmr_data            ? 
# 
loop_
_audit_author.name 
_audit_author.pdbx_ordinal 
'Wilson, M.I.'   1 
'Williams, R.L.' 2 
'Cho, W.'        3 
'Hong, W.'       4 
'Blatner, N.R.'  5 
# 
_citation.id                        primary 
_citation.title                     'The Structural Basis of Novel Endosome Anchoring Activity of Kif16B Kinesin.' 
_citation.journal_abbrev            'Embo J.' 
_citation.journal_volume            26 
_citation.page_first                3709 
_citation.page_last                 ? 
_citation.year                      2007 
_citation.journal_id_ASTM           EMJODG 
_citation.country                   UK 
_citation.journal_id_ISSN           0261-4189 
_citation.journal_id_CSD            0897 
_citation.book_publisher            ? 
_citation.pdbx_database_id_PubMed   17641687 
_citation.pdbx_database_id_DOI      10.1038/SJ.EMBOJ.7601800 
# 
loop_
_citation_author.citation_id 
_citation_author.name 
_citation_author.ordinal 
_citation_author.identifier_ORCID 
primary 'Blatner, N.R.'  1 ? 
primary 'Wilson, M.I.'   2 ? 
primary 'Lei, C.'        3 ? 
primary 'Hong, W.'       4 ? 
primary 'Murray, D.'     5 ? 
primary 'Williams, R.L.' 6 ? 
primary 'Cho, W.'        7 ? 
# 
loop_
_entity.id 
_entity.type 
_entity.src_method 
_entity.pdbx_description 
_entity.formula_weight 
_entity.pdbx_number_of_molecules 
_entity.pdbx_ec 
_entity.pdbx_mutation 
_entity.pdbx_fragment 
_entity.details 
1 polymer man 'KINESIN-LIKE MOTOR PROTEIN C20ORF23' 15928.246 1  ? ? 'PHOX-HOMOLOGY DOMAIN, RESIDUES 1179-1312' ? 
2 water   nat water                                 18.015    62 ? ? ?                                          ? 
# 
_entity_name_com.entity_id   1 
_entity_name_com.name        'KIF16B KINESIN-3 MOTOR PROTEIN, SORTING NEXIN-23' 
# 
_entity_poly.entity_id                      1 
_entity_poly.type                           'polypeptide(L)' 
_entity_poly.nstd_linkage                   no 
_entity_poly.nstd_monomer                   yes 
_entity_poly.pdbx_seq_one_letter_code       
;DLKDPIKISIPRYVLCGQGKDAHFEFEVKITVLDETWTVFRRYSRFRE(MSE)HKTLKLKYAELAALEFPPKKLFGNKDE
RVIAERRSHLEKYLRDFFSV(MSE)LQSATSPLHINKVGLTLSKHTICEFSPFFKKGVFDYS
;
_entity_poly.pdbx_seq_one_letter_code_can   
;DLKDPIKISIPRYVLCGQGKDAHFEFEVKITVLDETWTVFRRYSRFREMHKTLKLKYAELAALEFPPKKLFGNKDERVIA
ERRSHLEKYLRDFFSVMLQSATSPLHINKVGLTLSKHTICEFSPFFKKGVFDYS
;
_entity_poly.pdbx_strand_id                 A 
_entity_poly.pdbx_target_identifier         ? 
# 
_pdbx_entity_nonpoly.entity_id   2 
_pdbx_entity_nonpoly.name        water 
_pdbx_entity_nonpoly.comp_id     HOH 
# 
loop_
_entity_poly_seq.entity_id 
_entity_poly_seq.num 
_entity_poly_seq.mon_id 
_entity_poly_seq.hetero 
1 1   ASP n 
1 2   LEU n 
1 3   LYS n 
1 4   ASP n 
1 5   PRO n 
1 6   ILE n 
1 7   LYS n 
1 8   ILE n 
1 9   SER n 
1 10  ILE n 
1 11  PRO n 
1 12  ARG n 
1 13  TYR n 
1 14  VAL n 
1 15  LEU n 
1 16  CYS n 
1 17  GLY n 
1 18  GLN n 
1 19  GLY n 
1 20  LYS n 
1 21  ASP n 
1 22  ALA n 
1 23  HIS n 
1 24  PHE n 
1 25  GLU n 
1 26  PHE n 
1 27  GLU n 
1 28  VAL n 
1 29  LYS n 
1 30  ILE n 
1 31  THR n 
1 32  VAL n 
1 33  LEU n 
1 34  ASP n 
1 35  GLU n 
1 36  THR n 
1 37  TRP n 
1 38  THR n 
1 39  VAL n 
1 40  PHE n 
1 41  ARG n 
1 42  ARG n 
1 43  TYR n 
1 44  SER n 
1 45  ARG n 
1 46  PHE n 
1 47  ARG n 
1 48  GLU n 
1 49  MSE n 
1 50  HIS n 
1 51  LYS n 
1 52  THR n 
1 53  LEU n 
1 54  LYS n 
1 55  LEU n 
1 56  LYS n 
1 57  TYR n 
1 58  ALA n 
1 59  GLU n 
1 60  LEU n 
1 61  ALA n 
1 62  ALA n 
1 63  LEU n 
1 64  GLU n 
1 65  PHE n 
1 66  PRO n 
1 67  PRO n 
1 68  LYS n 
1 69  LYS n 
1 70  LEU n 
1 71  PHE n 
1 72  GLY n 
1 73  ASN n 
1 74  LYS n 
1 75  ASP n 
1 76  GLU n 
1 77  ARG n 
1 78  VAL n 
1 79  ILE n 
1 80  ALA n 
1 81  GLU n 
1 82  ARG n 
1 83  ARG n 
1 84  SER n 
1 85  HIS n 
1 86  LEU n 
1 87  GLU n 
1 88  LYS n 
1 89  TYR n 
1 90  LEU n 
1 91  ARG n 
1 92  ASP n 
1 93  PHE n 
1 94  PHE n 
1 95  SER n 
1 96  VAL n 
1 97  MSE n 
1 98  LEU n 
1 99  GLN n 
1 100 SER n 
1 101 ALA n 
1 102 THR n 
1 103 SER n 
1 104 PRO n 
1 105 LEU n 
1 106 HIS n 
1 107 ILE n 
1 108 ASN n 
1 109 LYS n 
1 110 VAL n 
1 111 GLY n 
1 112 LEU n 
1 113 THR n 
1 114 LEU n 
1 115 SER n 
1 116 LYS n 
1 117 HIS n 
1 118 THR n 
1 119 ILE n 
1 120 CYS n 
1 121 GLU n 
1 122 PHE n 
1 123 SER n 
1 124 PRO n 
1 125 PHE n 
1 126 PHE n 
1 127 LYS n 
1 128 LYS n 
1 129 GLY n 
1 130 VAL n 
1 131 PHE n 
1 132 ASP n 
1 133 TYR n 
1 134 SER n 
# 
_entity_src_gen.entity_id                          1 
_entity_src_gen.pdbx_src_id                        1 
_entity_src_gen.pdbx_alt_source_flag               sample 
_entity_src_gen.pdbx_seq_type                      ? 
_entity_src_gen.pdbx_beg_seq_num                   ? 
_entity_src_gen.pdbx_end_seq_num                   ? 
_entity_src_gen.gene_src_common_name               HUMAN 
_entity_src_gen.gene_src_genus                     ? 
_entity_src_gen.pdbx_gene_src_gene                 ? 
_entity_src_gen.gene_src_species                   ? 
_entity_src_gen.gene_src_strain                    ? 
_entity_src_gen.gene_src_tissue                    ? 
_entity_src_gen.gene_src_tissue_fraction           ? 
_entity_src_gen.gene_src_details                   ? 
_entity_src_gen.pdbx_gene_src_fragment             ? 
_entity_src_gen.pdbx_gene_src_scientific_name      'HOMO SAPIENS' 
_entity_src_gen.pdbx_gene_src_ncbi_taxonomy_id     9606 
_entity_src_gen.pdbx_gene_src_variant              ? 
_entity_src_gen.pdbx_gene_src_cell_line            ? 
_entity_src_gen.pdbx_gene_src_atcc                 ? 
_entity_src_gen.pdbx_gene_src_organ                ? 
_entity_src_gen.pdbx_gene_src_organelle            ? 
_entity_src_gen.pdbx_gene_src_cell                 ? 
_entity_src_gen.pdbx_gene_src_cellular_location    ? 
_entity_src_gen.host_org_common_name               ? 
_entity_src_gen.pdbx_host_org_scientific_name      'ESCHERICHIA COLI' 
_entity_src_gen.pdbx_host_org_ncbi_taxonomy_id     562 
_entity_src_gen.host_org_genus                     ? 
_entity_src_gen.pdbx_host_org_gene                 ? 
_entity_src_gen.pdbx_host_org_organ                ? 
_entity_src_gen.host_org_species                   ? 
_entity_src_gen.pdbx_host_org_tissue               ? 
_entity_src_gen.pdbx_host_org_tissue_fraction      ? 
_entity_src_gen.pdbx_host_org_strain               'B834(DE3)PLYSS' 
_entity_src_gen.pdbx_host_org_variant              ? 
_entity_src_gen.pdbx_host_org_cell_line            ? 
_entity_src_gen.pdbx_host_org_atcc                 ? 
_entity_src_gen.pdbx_host_org_culture_collection   ? 
_entity_src_gen.pdbx_host_org_cell                 ? 
_entity_src_gen.pdbx_host_org_organelle            ? 
_entity_src_gen.pdbx_host_org_cellular_location    ? 
_entity_src_gen.pdbx_host_org_vector_type          ? 
_entity_src_gen.pdbx_host_org_vector               ? 
_entity_src_gen.host_org_details                   ? 
_entity_src_gen.expression_system_id               ? 
_entity_src_gen.plasmid_name                       ? 
_entity_src_gen.plasmid_details                    ? 
_entity_src_gen.pdbx_description                   ? 
# 
loop_
_chem_comp.id 
_chem_comp.type 
_chem_comp.mon_nstd_flag 
_chem_comp.name 
_chem_comp.pdbx_synonyms 
_chem_comp.formula 
_chem_comp.formula_weight 
ALA 'L-peptide linking' y ALANINE          ? 'C3 H7 N O2'     89.093  
ARG 'L-peptide linking' y ARGININE         ? 'C6 H15 N4 O2 1' 175.209 
ASN 'L-peptide linking' y ASPARAGINE       ? 'C4 H8 N2 O3'    132.118 
ASP 'L-peptide linking' y 'ASPARTIC ACID'  ? 'C4 H7 N O4'     133.103 
CYS 'L-peptide linking' y CYSTEINE         ? 'C3 H7 N O2 S'   121.158 
GLN 'L-peptide linking' y GLUTAMINE        ? 'C5 H10 N2 O3'   146.144 
GLU 'L-peptide linking' y 'GLUTAMIC ACID'  ? 'C5 H9 N O4'     147.129 
GLY 'peptide linking'   y GLYCINE          ? 'C2 H5 N O2'     75.067  
HIS 'L-peptide linking' y HISTIDINE        ? 'C6 H10 N3 O2 1' 156.162 
HOH non-polymer         . WATER            ? 'H2 O'           18.015  
ILE 'L-peptide linking' y ISOLEUCINE       ? 'C6 H13 N O2'    131.173 
LEU 'L-peptide linking' y LEUCINE          ? 'C6 H13 N O2'    131.173 
LYS 'L-peptide linking' y LYSINE           ? 'C6 H15 N2 O2 1' 147.195 
MSE 'L-peptide linking' n SELENOMETHIONINE ? 'C5 H11 N O2 Se' 196.106 
PHE 'L-peptide linking' y PHENYLALANINE    ? 'C9 H11 N O2'    165.189 
PRO 'L-peptide linking' y PROLINE          ? 'C5 H9 N O2'     115.130 
SER 'L-peptide linking' y SERINE           ? 'C3 H7 N O3'     105.093 
THR 'L-peptide linking' y THREONINE        ? 'C4 H9 N O3'     119.119 
TRP 'L-peptide linking' y TRYPTOPHAN       ? 'C11 H12 N2 O2'  204.225 
TYR 'L-peptide linking' y TYROSINE         ? 'C9 H11 N O3'    181.189 
VAL 'L-peptide linking' y VALINE           ? 'C5 H11 N O2'    117.146 
# 
loop_
_pdbx_poly_seq_scheme.asym_id 
_pdbx_poly_seq_scheme.entity_id 
_pdbx_poly_seq_scheme.seq_id 
_pdbx_poly_seq_scheme.mon_id 
_pdbx_poly_seq_scheme.ndb_seq_num 
_pdbx_poly_seq_scheme.pdb_seq_num 
_pdbx_poly_seq_scheme.auth_seq_num 
_pdbx_poly_seq_scheme.pdb_mon_id 
_pdbx_poly_seq_scheme.auth_mon_id 
_pdbx_poly_seq_scheme.pdb_strand_id 
_pdbx_poly_seq_scheme.pdb_ins_code 
_pdbx_poly_seq_scheme.hetero 
A 1 1   ASP 1   1179 1179 ASP ASP A . n 
A 1 2   LEU 2   1180 1180 LEU LEU A . n 
A 1 3   LYS 3   1181 1181 LYS LYS A . n 
A 1 4   ASP 4   1182 1182 ASP ASP A . n 
A 1 5   PRO 5   1183 1183 PRO PRO A . n 
A 1 6   ILE 6   1184 1184 ILE ILE A . n 
A 1 7   LYS 7   1185 1185 LYS LYS A . n 
A 1 8   ILE 8   1186 1186 ILE ILE A . n 
A 1 9   SER 9   1187 1187 SER SER A . n 
A 1 10  ILE 10  1188 1188 ILE ILE A . n 
A 1 11  PRO 11  1189 1189 PRO PRO A . n 
A 1 12  ARG 12  1190 1190 ARG ARG A . n 
A 1 13  TYR 13  1191 1191 TYR TYR A . n 
A 1 14  VAL 14  1192 1192 VAL VAL A . n 
A 1 15  LEU 15  1193 1193 LEU LEU A . n 
A 1 16  CYS 16  1194 1194 CYS CYS A . n 
A 1 17  GLY 17  1195 1195 GLY GLY A . n 
A 1 18  GLN 18  1196 1196 GLN GLN A . n 
A 1 19  GLY 19  1197 1197 GLY GLY A . n 
A 1 20  LYS 20  1198 1198 LYS LYS A . n 
A 1 21  ASP 21  1199 1199 ASP ASP A . n 
A 1 22  ALA 22  1200 1200 ALA ALA A . n 
A 1 23  HIS 23  1201 1201 HIS HIS A . n 
A 1 24  PHE 24  1202 1202 PHE PHE A . n 
A 1 25  GLU 25  1203 1203 GLU GLU A . n 
A 1 26  PHE 26  1204 1204 PHE PHE A . n 
A 1 27  GLU 27  1205 1205 GLU GLU A . n 
A 1 28  VAL 28  1206 1206 VAL VAL A . n 
A 1 29  LYS 29  1207 1207 LYS LYS A . n 
A 1 30  ILE 30  1208 1208 ILE ILE A . n 
A 1 31  THR 31  1209 1209 THR THR A . n 
A 1 32  VAL 32  1210 1210 VAL VAL A . n 
A 1 33  LEU 33  1211 1211 LEU LEU A . n 
A 1 34  ASP 34  1212 1212 ASP ASP A . n 
A 1 35  GLU 35  1213 1213 GLU GLU A . n 
A 1 36  THR 36  1214 1214 THR THR A . n 
A 1 37  TRP 37  1215 1215 TRP TRP A . n 
A 1 38  THR 38  1216 1216 THR THR A . n 
A 1 39  VAL 39  1217 1217 VAL VAL A . n 
A 1 40  PHE 40  1218 1218 PHE PHE A . n 
A 1 41  ARG 41  1219 1219 ARG ARG A . n 
A 1 42  ARG 42  1220 1220 ARG ARG A . n 
A 1 43  TYR 43  1221 1221 TYR TYR A . n 
A 1 44  SER 44  1222 1222 SER SER A . n 
A 1 45  ARG 45  1223 1223 ARG ARG A . n 
A 1 46  PHE 46  1224 1224 PHE PHE A . n 
A 1 47  ARG 47  1225 1225 ARG ARG A . n 
A 1 48  GLU 48  1226 1226 GLU GLU A . n 
A 1 49  MSE 49  1227 1227 MSE MSE A . n 
A 1 50  HIS 50  1228 1228 HIS HIS A . n 
A 1 51  LYS 51  1229 1229 LYS LYS A . n 
A 1 52  THR 52  1230 1230 THR THR A . n 
A 1 53  LEU 53  1231 1231 LEU LEU A . n 
A 1 54  LYS 54  1232 1232 LYS LYS A . n 
A 1 55  LEU 55  1233 1233 LEU LEU A . n 
A 1 56  LYS 56  1234 1234 LYS LYS A . n 
A 1 57  TYR 57  1235 1235 TYR TYR A . n 
A 1 58  ALA 58  1236 1236 ALA ALA A . n 
A 1 59  GLU 59  1237 1237 GLU GLU A . n 
A 1 60  LEU 60  1238 1238 LEU LEU A . n 
A 1 61  ALA 61  1239 1239 ALA ALA A . n 
A 1 62  ALA 62  1240 1240 ALA ALA A . n 
A 1 63  LEU 63  1241 1241 LEU LEU A . n 
A 1 64  GLU 64  1242 1242 GLU GLU A . n 
A 1 65  PHE 65  1243 1243 PHE PHE A . n 
A 1 66  PRO 66  1244 1244 PRO PRO A . n 
A 1 67  PRO 67  1245 1245 PRO PRO A . n 
A 1 68  LYS 68  1246 1246 LYS LYS A . n 
A 1 69  LYS 69  1247 1247 LYS LYS A . n 
A 1 70  LEU 70  1248 1248 LEU LEU A . n 
A 1 71  PHE 71  1249 1249 PHE PHE A . n 
A 1 72  GLY 72  1250 1250 GLY GLY A . n 
A 1 73  ASN 73  1251 1251 ASN ASN A . n 
A 1 74  LYS 74  1252 1252 LYS LYS A . n 
A 1 75  ASP 75  1253 1253 ASP ASP A . n 
A 1 76  GLU 76  1254 1254 GLU GLU A . n 
A 1 77  ARG 77  1255 1255 ARG ARG A . n 
A 1 78  VAL 78  1256 1256 VAL VAL A . n 
A 1 79  ILE 79  1257 1257 ILE ILE A . n 
A 1 80  ALA 80  1258 1258 ALA ALA A . n 
A 1 81  GLU 81  1259 1259 GLU GLU A . n 
A 1 82  ARG 82  1260 1260 ARG ARG A . n 
A 1 83  ARG 83  1261 1261 ARG ARG A . n 
A 1 84  SER 84  1262 1262 SER SER A . n 
A 1 85  HIS 85  1263 1263 HIS HIS A . n 
A 1 86  LEU 86  1264 1264 LEU LEU A . n 
A 1 87  GLU 87  1265 1265 GLU GLU A . n 
A 1 88  LYS 88  1266 1266 LYS LYS A . n 
A 1 89  TYR 89  1267 1267 TYR TYR A . n 
A 1 90  LEU 90  1268 1268 LEU LEU A . n 
A 1 91  ARG 91  1269 1269 ARG ARG A . n 
A 1 92  ASP 92  1270 1270 ASP ASP A . n 
A 1 93  PHE 93  1271 1271 PHE PHE A . n 
A 1 94  PHE 94  1272 1272 PHE PHE A . n 
A 1 95  SER 95  1273 1273 SER SER A . n 
A 1 96  VAL 96  1274 1274 VAL VAL A . n 
A 1 97  MSE 97  1275 1275 MSE MSE A . n 
A 1 98  LEU 98  1276 1276 LEU LEU A . n 
A 1 99  GLN 99  1277 1277 GLN GLN A . n 
A 1 100 SER 100 1278 1278 SER SER A . n 
A 1 101 ALA 101 1279 1279 ALA ALA A . n 
A 1 102 THR 102 1280 1280 THR THR A . n 
A 1 103 SER 103 1281 1281 SER SER A . n 
A 1 104 PRO 104 1282 1282 PRO PRO A . n 
A 1 105 LEU 105 1283 1283 LEU LEU A . n 
A 1 106 HIS 106 1284 1284 HIS HIS A . n 
A 1 107 ILE 107 1285 1285 ILE ILE A . n 
A 1 108 ASN 108 1286 1286 ASN ASN A . n 
A 1 109 LYS 109 1287 1287 LYS LYS A . n 
A 1 110 VAL 110 1288 1288 VAL VAL A . n 
A 1 111 GLY 111 1289 1289 GLY GLY A . n 
A 1 112 LEU 112 1290 1290 LEU LEU A . n 
A 1 113 THR 113 1291 1291 THR THR A . n 
A 1 114 LEU 114 1292 1292 LEU LEU A . n 
A 1 115 SER 115 1293 1293 SER SER A . n 
A 1 116 LYS 116 1294 1294 LYS LYS A . n 
A 1 117 HIS 117 1295 1295 HIS HIS A . n 
A 1 118 THR 118 1296 1296 THR THR A . n 
A 1 119 ILE 119 1297 1297 ILE ILE A . n 
A 1 120 CYS 120 1298 1298 CYS CYS A . n 
A 1 121 GLU 121 1299 1299 GLU GLU A . n 
A 1 122 PHE 122 1300 1300 PHE PHE A . n 
A 1 123 SER 123 1301 1301 SER SER A . n 
A 1 124 PRO 124 1302 1302 PRO PRO A . n 
A 1 125 PHE 125 1303 1303 PHE PHE A . n 
A 1 126 PHE 126 1304 1304 PHE PHE A . n 
A 1 127 LYS 127 1305 1305 LYS LYS A . n 
A 1 128 LYS 128 1306 1306 LYS LYS A . n 
A 1 129 GLY 129 1307 1307 GLY GLY A . n 
A 1 130 VAL 130 1308 1308 VAL VAL A . n 
A 1 131 PHE 131 1309 1309 PHE PHE A . n 
A 1 132 ASP 132 1310 1310 ASP ASP A . n 
A 1 133 TYR 133 1311 1311 TYR TYR A . n 
A 1 134 SER 134 1312 1312 SER SER A . n 
# 
loop_
_pdbx_nonpoly_scheme.asym_id 
_pdbx_nonpoly_scheme.entity_id 
_pdbx_nonpoly_scheme.mon_id 
_pdbx_nonpoly_scheme.ndb_seq_num 
_pdbx_nonpoly_scheme.pdb_seq_num 
_pdbx_nonpoly_scheme.auth_seq_num 
_pdbx_nonpoly_scheme.pdb_mon_id 
_pdbx_nonpoly_scheme.auth_mon_id 
_pdbx_nonpoly_scheme.pdb_strand_id 
_pdbx_nonpoly_scheme.pdb_ins_code 
B 2 HOH 1  2001 2001 HOH HOH A . 
B 2 HOH 2  2002 2002 HOH HOH A . 
B 2 HOH 3  2003 2003 HOH HOH A . 
B 2 HOH 4  2004 2004 HOH HOH A . 
B 2 HOH 5  2005 2005 HOH HOH A . 
B 2 HOH 6  2006 2006 HOH HOH A . 
B 2 HOH 7  2007 2007 HOH HOH A . 
B 2 HOH 8  2008 2008 HOH HOH A . 
B 2 HOH 9  2009 2009 HOH HOH A . 
B 2 HOH 10 2010 2010 HOH HOH A . 
B 2 HOH 11 2011 2011 HOH HOH A . 
B 2 HOH 12 2012 2012 HOH HOH A . 
B 2 HOH 13 2013 2013 HOH HOH A . 
B 2 HOH 14 2014 2014 HOH HOH A . 
B 2 HOH 15 2015 2015 HOH HOH A . 
B 2 HOH 16 2016 2016 HOH HOH A . 
B 2 HOH 17 2017 2017 HOH HOH A . 
B 2 HOH 18 2018 2018 HOH HOH A . 
B 2 HOH 19 2019 2019 HOH HOH A . 
B 2 HOH 20 2020 2020 HOH HOH A . 
B 2 HOH 21 2021 2021 HOH HOH A . 
B 2 HOH 22 2022 2022 HOH HOH A . 
B 2 HOH 23 2023 2023 HOH HOH A . 
B 2 HOH 24 2024 2024 HOH HOH A . 
B 2 HOH 25 2025 2025 HOH HOH A . 
B 2 HOH 26 2026 2026 HOH HOH A . 
B 2 HOH 27 2027 2027 HOH HOH A . 
B 2 HOH 28 2028 2028 HOH HOH A . 
B 2 HOH 29 2029 2029 HOH HOH A . 
B 2 HOH 30 2030 2030 HOH HOH A . 
B 2 HOH 31 2031 2031 HOH HOH A . 
B 2 HOH 32 2032 2032 HOH HOH A . 
B 2 HOH 33 2033 2033 HOH HOH A . 
B 2 HOH 34 2034 2034 HOH HOH A . 
B 2 HOH 35 2035 2035 HOH HOH A . 
B 2 HOH 36 2036 2036 HOH HOH A . 
B 2 HOH 37 2037 2037 HOH HOH A . 
B 2 HOH 38 2038 2038 HOH HOH A . 
B 2 HOH 39 2039 2039 HOH HOH A . 
B 2 HOH 40 2040 2040 HOH HOH A . 
B 2 HOH 41 2041 2041 HOH HOH A . 
B 2 HOH 42 2042 2042 HOH HOH A . 
B 2 HOH 43 2043 2043 HOH HOH A . 
B 2 HOH 44 2044 2044 HOH HOH A . 
B 2 HOH 45 2045 2045 HOH HOH A . 
B 2 HOH 46 2046 2046 HOH HOH A . 
B 2 HOH 47 2047 2047 HOH HOH A . 
B 2 HOH 48 2048 2048 HOH HOH A . 
B 2 HOH 49 2049 2049 HOH HOH A . 
B 2 HOH 50 2050 2050 HOH HOH A . 
B 2 HOH 51 2051 2051 HOH HOH A . 
B 2 HOH 52 2052 2052 HOH HOH A . 
B 2 HOH 53 2053 2053 HOH HOH A . 
B 2 HOH 54 2054 2054 HOH HOH A . 
B 2 HOH 55 2055 2055 HOH HOH A . 
B 2 HOH 56 2056 2056 HOH HOH A . 
B 2 HOH 57 2057 2057 HOH HOH A . 
B 2 HOH 58 2058 2058 HOH HOH A . 
B 2 HOH 59 2059 2059 HOH HOH A . 
B 2 HOH 60 2060 2060 HOH HOH A . 
B 2 HOH 61 2061 2061 HOH HOH A . 
B 2 HOH 62 2062 2062 HOH HOH A . 
# 
loop_
_software.name 
_software.classification 
_software.version 
_software.citation_id 
_software.pdbx_ordinal 
REFMAC   refinement       5.2.0019 ? 1 
MOSFLM   'data reduction' .        ? 2 
TRUNCATE 'data scaling'   .        ? 3 
SHARP    phasing          .        ? 4 
# 
_cell.entry_id           2V14 
_cell.length_a           100.894 
_cell.length_b           100.894 
_cell.length_c           100.894 
_cell.angle_alpha        90.00 
_cell.angle_beta         90.00 
_cell.angle_gamma        90.00 
_cell.Z_PDB              24 
_cell.pdbx_unique_axis   ? 
# 
_symmetry.entry_id                         2V14 
_symmetry.space_group_name_H-M             'I 2 3' 
_symmetry.pdbx_full_space_group_name_H-M   ? 
_symmetry.cell_setting                     ? 
_symmetry.Int_Tables_number                197 
# 
_exptl.entry_id          2V14 
_exptl.method            'X-RAY DIFFRACTION' 
_exptl.crystals_number   1 
# 
_exptl_crystal.id                    1 
_exptl_crystal.density_meas          ? 
_exptl_crystal.density_Matthews      2.32 
_exptl_crystal.density_percent_sol   46.2 
_exptl_crystal.description           NONE 
# 
_exptl_crystal_grow.crystal_id      1 
_exptl_crystal_grow.method          ? 
_exptl_crystal_grow.temp            ? 
_exptl_crystal_grow.temp_details    ? 
_exptl_crystal_grow.pH              8.8 
_exptl_crystal_grow.pdbx_pH_range   ? 
_exptl_crystal_grow.pdbx_details    '25% PEG 3350, 0.1 M TRIS PH 8.8, 0.2 M NH4OAC' 
# 
_diffrn.id                     1 
_diffrn.ambient_temp           100 
_diffrn.ambient_temp_details   ? 
_diffrn.crystal_id             1 
# 
_diffrn_detector.diffrn_id              1 
_diffrn_detector.detector               CCD 
_diffrn_detector.type                   'ADSC CCD' 
_diffrn_detector.pdbx_collection_date   2006-09-03 
_diffrn_detector.details                'BENT MIRROR' 
# 
_diffrn_radiation.diffrn_id                        1 
_diffrn_radiation.wavelength_id                    1 
_diffrn_radiation.pdbx_monochromatic_or_laue_m_l   M 
_diffrn_radiation.monochromator                    'SI(111)' 
_diffrn_radiation.pdbx_diffrn_protocol             MAD 
_diffrn_radiation.pdbx_scattering_type             x-ray 
# 
loop_
_diffrn_radiation_wavelength.id 
_diffrn_radiation_wavelength.wavelength 
_diffrn_radiation_wavelength.wt 
1 0.979  1.0 
2 0.9393 1.0 
# 
_diffrn_source.diffrn_id                   1 
_diffrn_source.source                      SYNCHROTRON 
_diffrn_source.type                        'ESRF BEAMLINE ID14-4' 
_diffrn_source.pdbx_synchrotron_site       ESRF 
_diffrn_source.pdbx_synchrotron_beamline   ID14-4 
_diffrn_source.pdbx_wavelength             ? 
_diffrn_source.pdbx_wavelength_list        '0.979 , 0.9393' 
# 
_reflns.pdbx_diffrn_id               1 
_reflns.pdbx_ordinal                 1 
_reflns.entry_id                     2V14 
_reflns.observed_criterion_sigma_I   -4.0 
_reflns.observed_criterion_sigma_F   ? 
_reflns.d_resolution_low             71.43 
_reflns.d_resolution_high            2.20 
_reflns.number_obs                   8819 
_reflns.number_all                   ? 
_reflns.percent_possible_obs         100.0 
_reflns.pdbx_Rmerge_I_obs            0.10 
_reflns.pdbx_Rsym_value              ? 
_reflns.pdbx_netI_over_sigmaI        29.84 
_reflns.B_iso_Wilson_estimate        ? 
_reflns.pdbx_redundancy              27.54 
# 
_reflns_shell.pdbx_diffrn_id         1 
_reflns_shell.pdbx_ordinal           1 
_reflns_shell.d_res_high             2.20 
_reflns_shell.d_res_low              2.23 
_reflns_shell.percent_possible_all   99.9 
_reflns_shell.Rmerge_I_obs           0.46 
_reflns_shell.pdbx_Rsym_value        ? 
_reflns_shell.meanI_over_sigI_obs    2.17 
_reflns_shell.pdbx_redundancy        5.15 
# 
_refine.pdbx_refine_id                           'X-RAY DIFFRACTION' 
_refine.entry_id                                 2V14 
_refine.pdbx_diffrn_id                           1 
_refine.pdbx_TLS_residual_ADP_flag               ? 
_refine.ls_number_reflns_obs                     8819 
_refine.ls_number_reflns_all                     ? 
_refine.pdbx_ls_sigma_I                          ? 
_refine.pdbx_ls_sigma_F                          ? 
_refine.pdbx_data_cutoff_high_absF               ? 
_refine.pdbx_data_cutoff_low_absF                ? 
_refine.pdbx_data_cutoff_high_rms_absF           ? 
_refine.ls_d_res_low                             71.43 
_refine.ls_d_res_high                            2.20 
_refine.ls_percent_reflns_obs                    99.9 
_refine.ls_R_factor_obs                          0.212 
_refine.ls_R_factor_all                          ? 
_refine.ls_R_factor_R_work                       0.209 
_refine.ls_R_factor_R_free                       0.287 
_refine.ls_R_factor_R_free_error                 ? 
_refine.ls_R_factor_R_free_error_details         ? 
_refine.ls_percent_reflns_R_free                 4.820 
_refine.ls_number_reflns_R_free                  420 
_refine.ls_number_parameters                     ? 
_refine.ls_number_restraints                     ? 
_refine.occupancy_min                            ? 
_refine.occupancy_max                            ? 
_refine.correlation_coeff_Fo_to_Fc               0.941 
_refine.correlation_coeff_Fo_to_Fc_free          0.902 
_refine.B_iso_mean                               39.99 
_refine.aniso_B[1][1]                            ? 
_refine.aniso_B[2][2]                            ? 
_refine.aniso_B[3][3]                            ? 
_refine.aniso_B[1][2]                            ? 
_refine.aniso_B[1][3]                            ? 
_refine.aniso_B[2][3]                            ? 
_refine.solvent_model_details                    'BABINET MODEL PLUS MASK' 
_refine.solvent_model_param_ksol                 ? 
_refine.solvent_model_param_bsol                 ? 
_refine.pdbx_solvent_vdw_probe_radii             1.40 
_refine.pdbx_solvent_ion_probe_radii             0.80 
_refine.pdbx_solvent_shrinkage_radii             0.80 
_refine.pdbx_ls_cross_valid_method               THROUGHOUT 
_refine.details                                  
'HYDROGENS HAVE BEEN ADDED IN THE RIDING POSITIONS. THE BETA1-BETA2 (1195-1200) LOOP HAD POOR DENSITY.' 
_refine.pdbx_starting_model                      NONE 
_refine.pdbx_method_to_determine_struct          MAD 
_refine.pdbx_isotropic_thermal_model             ? 
_refine.pdbx_stereochemistry_target_values       RESTRAINED 
_refine.pdbx_stereochem_target_val_spec_case     ? 
_refine.pdbx_R_Free_selection_details            RANDOM 
_refine.pdbx_overall_ESU_R                       0.265 
_refine.pdbx_overall_ESU_R_Free                  0.240 
_refine.overall_SU_ML                            0.162 
_refine.pdbx_overall_phase_error                 ? 
_refine.overall_SU_B                             6.158 
_refine.overall_SU_R_Cruickshank_DPI             ? 
_refine.pdbx_overall_SU_R_free_Cruickshank_DPI   ? 
_refine.pdbx_overall_SU_R_Blow_DPI               ? 
_refine.pdbx_overall_SU_R_free_Blow_DPI          ? 
# 
_refine_hist.pdbx_refine_id                   'X-RAY DIFFRACTION' 
_refine_hist.cycle_id                         LAST 
_refine_hist.pdbx_number_atoms_protein        1118 
_refine_hist.pdbx_number_atoms_nucleic_acid   0 
_refine_hist.pdbx_number_atoms_ligand         0 
_refine_hist.number_atoms_solvent             62 
_refine_hist.number_atoms_total               1180 
_refine_hist.d_res_high                       2.20 
_refine_hist.d_res_low                        71.43 
# 
loop_
_refine_ls_restr.type 
_refine_ls_restr.dev_ideal 
_refine_ls_restr.dev_ideal_target 
_refine_ls_restr.weight 
_refine_ls_restr.number 
_refine_ls_restr.pdbx_refine_id 
_refine_ls_restr.pdbx_restraint_function 
r_bond_refined_d             0.012  0.022  ? 1147 'X-RAY DIFFRACTION' ? 
r_bond_other_d               ?      ?      ? ?    'X-RAY DIFFRACTION' ? 
r_angle_refined_deg          1.379  1.967  ? 1541 'X-RAY DIFFRACTION' ? 
r_angle_other_deg            ?      ?      ? ?    'X-RAY DIFFRACTION' ? 
r_dihedral_angle_1_deg       5.794  5.000  ? 133  'X-RAY DIFFRACTION' ? 
r_dihedral_angle_2_deg       34.900 22.264 ? 53   'X-RAY DIFFRACTION' ? 
r_dihedral_angle_3_deg       18.533 15.000 ? 217  'X-RAY DIFFRACTION' ? 
r_dihedral_angle_4_deg       21.992 15.000 ? 9    'X-RAY DIFFRACTION' ? 
r_chiral_restr               0.102  0.200  ? 165  'X-RAY DIFFRACTION' ? 
r_gen_planes_refined         0.006  0.020  ? 853  'X-RAY DIFFRACTION' ? 
r_gen_planes_other           ?      ?      ? ?    'X-RAY DIFFRACTION' ? 
r_nbd_refined                0.203  0.200  ? 433  'X-RAY DIFFRACTION' ? 
r_nbd_other                  ?      ?      ? ?    'X-RAY DIFFRACTION' ? 
r_nbtor_refined              0.310  0.200  ? 786  'X-RAY DIFFRACTION' ? 
r_nbtor_other                ?      ?      ? ?    'X-RAY DIFFRACTION' ? 
r_xyhbond_nbd_refined        0.133  0.200  ? 70   'X-RAY DIFFRACTION' ? 
r_xyhbond_nbd_other          ?      ?      ? ?    'X-RAY DIFFRACTION' ? 
r_metal_ion_refined          ?      ?      ? ?    'X-RAY DIFFRACTION' ? 
r_metal_ion_other            ?      ?      ? ?    'X-RAY DIFFRACTION' ? 
r_symmetry_vdw_refined       0.133  0.200  ? 26   'X-RAY DIFFRACTION' ? 
r_symmetry_vdw_other         ?      ?      ? ?    'X-RAY DIFFRACTION' ? 
r_symmetry_hbond_refined     0.137  0.200  ? 4    'X-RAY DIFFRACTION' ? 
r_symmetry_hbond_other       ?      ?      ? ?    'X-RAY DIFFRACTION' ? 
r_symmetry_metal_ion_refined ?      ?      ? ?    'X-RAY DIFFRACTION' ? 
r_symmetry_metal_ion_other   ?      ?      ? ?    'X-RAY DIFFRACTION' ? 
r_mcbond_it                  1.076  1.500  ? 693  'X-RAY DIFFRACTION' ? 
r_mcbond_other               ?      ?      ? ?    'X-RAY DIFFRACTION' ? 
r_mcangle_it                 1.800  2.000  ? 1090 'X-RAY DIFFRACTION' ? 
r_mcangle_other              ?      ?      ? ?    'X-RAY DIFFRACTION' ? 
r_scbond_it                  2.145  3.000  ? 514  'X-RAY DIFFRACTION' ? 
r_scbond_other               ?      ?      ? ?    'X-RAY DIFFRACTION' ? 
r_scangle_it                 3.304  4.500  ? 451  'X-RAY DIFFRACTION' ? 
r_scangle_other              ?      ?      ? ?    'X-RAY DIFFRACTION' ? 
r_long_range_B_refined       ?      ?      ? ?    'X-RAY DIFFRACTION' ? 
r_long_range_B_other         ?      ?      ? ?    'X-RAY DIFFRACTION' ? 
r_rigid_bond_restr           ?      ?      ? ?    'X-RAY DIFFRACTION' ? 
r_sphericity_free            ?      ?      ? ?    'X-RAY DIFFRACTION' ? 
r_sphericity_bonded          ?      ?      ? ?    'X-RAY DIFFRACTION' ? 
# 
_refine_ls_shell.pdbx_refine_id                   'X-RAY DIFFRACTION' 
_refine_ls_shell.pdbx_total_number_of_bins_used   20 
_refine_ls_shell.d_res_high                       9.76 
_refine_ls_shell.d_res_low                        71.43 
_refine_ls_shell.number_reflns_R_work             116 
_refine_ls_shell.R_factor_R_work                  0.3050 
_refine_ls_shell.percent_reflns_obs               ? 
_refine_ls_shell.R_factor_R_free                  0.2730 
_refine_ls_shell.R_factor_R_free_error            ? 
_refine_ls_shell.percent_reflns_R_free            ? 
_refine_ls_shell.number_reflns_R_free             5 
_refine_ls_shell.number_reflns_all                ? 
_refine_ls_shell.R_factor_all                     ? 
# 
_struct.entry_id                  2V14 
_struct.title                     'Kinesin 16B Phox-homology domain (KIF16B)' 
_struct.pdbx_model_details        ? 
_struct.pdbx_CASP_flag            ? 
_struct.pdbx_model_type_details   ? 
# 
_struct_keywords.entry_id        2V14 
_struct_keywords.pdbx_keywords   'TRANSPORT PROTEIN' 
_struct_keywords.text            
;PLUS-END KINESIN COMPLEX, TRANSPORT PROTEIN, PHOSPHATIDYLINOSITOL 3-PHOSPHATE BINDING, NUCLEOTIDE-BINDING, ALTERNATIVE SPLICING, MOTOR PROTEIN, UBL CONJUGATION, ENDOSOME TRANSPORT, PLUS-END-DIRECTED MICROTUBULE MOTOR ACTIVITY, MICROTUBULE, COILED COIL, ATP-BINDING, POLYMORPHISM
;
# 
loop_
_struct_asym.id 
_struct_asym.pdbx_blank_PDB_chainid_flag 
_struct_asym.pdbx_modified 
_struct_asym.entity_id 
_struct_asym.details 
A N N 1 ? 
B N N 2 ? 
# 
_struct_ref.id                         1 
_struct_ref.db_name                    UNP 
_struct_ref.db_code                    SNX23_HUMAN 
_struct_ref.entity_id                  1 
_struct_ref.pdbx_seq_one_letter_code   ? 
_struct_ref.pdbx_align_begin           ? 
_struct_ref.pdbx_db_accession          Q96L93 
_struct_ref.pdbx_db_isoform            ? 
# 
_struct_ref_seq.align_id                      1 
_struct_ref_seq.ref_id                        1 
_struct_ref_seq.pdbx_PDB_id_code              2V14 
_struct_ref_seq.pdbx_strand_id                A 
_struct_ref_seq.seq_align_beg                 1 
_struct_ref_seq.pdbx_seq_align_beg_ins_code   ? 
_struct_ref_seq.seq_align_end                 134 
_struct_ref_seq.pdbx_seq_align_end_ins_code   ? 
_struct_ref_seq.pdbx_db_accession             Q96L93 
_struct_ref_seq.db_align_beg                  1179 
_struct_ref_seq.pdbx_db_align_beg_ins_code    ? 
_struct_ref_seq.db_align_end                  1312 
_struct_ref_seq.pdbx_db_align_end_ins_code    ? 
_struct_ref_seq.pdbx_auth_seq_align_beg       1179 
_struct_ref_seq.pdbx_auth_seq_align_end       1312 
# 
_pdbx_struct_assembly.id                   1 
_pdbx_struct_assembly.details              author_and_software_defined_assembly 
_pdbx_struct_assembly.method_details       PQS 
_pdbx_struct_assembly.oligomeric_details   monomeric 
_pdbx_struct_assembly.oligomeric_count     1 
# 
_pdbx_struct_assembly_gen.assembly_id       1 
_pdbx_struct_assembly_gen.oper_expression   1 
_pdbx_struct_assembly_gen.asym_id_list      A,B 
# 
_pdbx_struct_oper_list.id                   1 
_pdbx_struct_oper_list.type                 'identity operation' 
_pdbx_struct_oper_list.name                 1_555 
_pdbx_struct_oper_list.symmetry_operation   x,y,z 
_pdbx_struct_oper_list.matrix[1][1]         1.0000000000 
_pdbx_struct_oper_list.matrix[1][2]         0.0000000000 
_pdbx_struct_oper_list.matrix[1][3]         0.0000000000 
_pdbx_struct_oper_list.vector[1]            0.0000000000 
_pdbx_struct_oper_list.matrix[2][1]         0.0000000000 
_pdbx_struct_oper_list.matrix[2][2]         1.0000000000 
_pdbx_struct_oper_list.matrix[2][3]         0.0000000000 
_pdbx_struct_oper_list.vector[2]            0.0000000000 
_pdbx_struct_oper_list.matrix[3][1]         0.0000000000 
_pdbx_struct_oper_list.matrix[3][2]         0.0000000000 
_pdbx_struct_oper_list.matrix[3][3]         1.0000000000 
_pdbx_struct_oper_list.vector[3]            0.0000000000 
# 
_struct_biol.id   1 
# 
loop_
_struct_conf.conf_type_id 
_struct_conf.id 
_struct_conf.pdbx_PDB_helix_id 
_struct_conf.beg_label_comp_id 
_struct_conf.beg_label_asym_id 
_struct_conf.beg_label_seq_id 
_struct_conf.pdbx_beg_PDB_ins_code 
_struct_conf.end_label_comp_id 
_struct_conf.end_label_asym_id 
_struct_conf.end_label_seq_id 
_struct_conf.pdbx_end_PDB_ins_code 
_struct_conf.beg_auth_comp_id 
_struct_conf.beg_auth_asym_id 
_struct_conf.beg_auth_seq_id 
_struct_conf.end_auth_comp_id 
_struct_conf.end_auth_asym_id 
_struct_conf.end_auth_seq_id 
_struct_conf.pdbx_PDB_helix_class 
_struct_conf.details 
_struct_conf.pdbx_PDB_helix_length 
HELX_P HELX_P1 1 ARG A 42  ? TYR A 57  ? ARG A 1220 TYR A 1235 1 ? 16 
HELX_P HELX_P2 2 ALA A 58  ? LEU A 63  ? ALA A 1236 LEU A 1241 5 ? 6  
HELX_P HELX_P3 3 ASP A 75  ? SER A 100 ? ASP A 1253 SER A 1278 1 ? 26 
HELX_P HELX_P4 4 SER A 115 ? SER A 123 ? SER A 1293 SER A 1301 1 ? 9  
HELX_P HELX_P5 5 PRO A 124 ? LYS A 127 ? PRO A 1302 LYS A 1305 5 ? 4  
# 
_struct_conf_type.id          HELX_P 
_struct_conf_type.criteria    ? 
_struct_conf_type.reference   ? 
# 
loop_
_struct_conn.id 
_struct_conn.conn_type_id 
_struct_conn.pdbx_leaving_atom_flag 
_struct_conn.pdbx_PDB_id 
_struct_conn.ptnr1_label_asym_id 
_struct_conn.ptnr1_label_comp_id 
_struct_conn.ptnr1_label_seq_id 
_struct_conn.ptnr1_label_atom_id 
_struct_conn.pdbx_ptnr1_label_alt_id 
_struct_conn.pdbx_ptnr1_PDB_ins_code 
_struct_conn.pdbx_ptnr1_standard_comp_id 
_struct_conn.ptnr1_symmetry 
_struct_conn.ptnr2_label_asym_id 
_struct_conn.ptnr2_label_comp_id 
_struct_conn.ptnr2_label_seq_id 
_struct_conn.ptnr2_label_atom_id 
_struct_conn.pdbx_ptnr2_label_alt_id 
_struct_conn.pdbx_ptnr2_PDB_ins_code 
_struct_conn.ptnr1_auth_asym_id 
_struct_conn.ptnr1_auth_comp_id 
_struct_conn.ptnr1_auth_seq_id 
_struct_conn.ptnr2_auth_asym_id 
_struct_conn.ptnr2_auth_comp_id 
_struct_conn.ptnr2_auth_seq_id 
_struct_conn.ptnr2_symmetry 
_struct_conn.pdbx_ptnr3_label_atom_id 
_struct_conn.pdbx_ptnr3_label_seq_id 
_struct_conn.pdbx_ptnr3_label_comp_id 
_struct_conn.pdbx_ptnr3_label_asym_id 
_struct_conn.pdbx_ptnr3_label_alt_id 
_struct_conn.pdbx_ptnr3_PDB_ins_code 
_struct_conn.details 
_struct_conn.pdbx_dist_value 
_struct_conn.pdbx_value_order 
_struct_conn.pdbx_role 
covale1 covale both ? A GLU 48 C ? ? ? 1_555 A MSE 49 N ? ? A GLU 1226 A MSE 1227 1_555 ? ? ? ? ? ? ? 1.333 ? ? 
covale2 covale both ? A MSE 49 C ? ? ? 1_555 A HIS 50 N ? ? A MSE 1227 A HIS 1228 1_555 ? ? ? ? ? ? ? 1.335 ? ? 
covale3 covale both ? A VAL 96 C ? ? ? 1_555 A MSE 97 N ? ? A VAL 1274 A MSE 1275 1_555 ? ? ? ? ? ? ? 1.325 ? ? 
covale4 covale both ? A MSE 97 C ? ? ? 1_555 A LEU 98 N ? ? A MSE 1275 A LEU 1276 1_555 ? ? ? ? ? ? ? 1.324 ? ? 
# 
_struct_conn_type.id          covale 
_struct_conn_type.criteria    ? 
_struct_conn_type.reference   ? 
# 
loop_
_pdbx_modification_feature.ordinal 
_pdbx_modification_feature.label_comp_id 
_pdbx_modification_feature.label_asym_id 
_pdbx_modification_feature.label_seq_id 
_pdbx_modification_feature.label_alt_id 
_pdbx_modification_feature.modified_residue_label_comp_id 
_pdbx_modification_feature.modified_residue_label_asym_id 
_pdbx_modification_feature.modified_residue_label_seq_id 
_pdbx_modification_feature.modified_residue_label_alt_id 
_pdbx_modification_feature.auth_comp_id 
_pdbx_modification_feature.auth_asym_id 
_pdbx_modification_feature.auth_seq_id 
_pdbx_modification_feature.PDB_ins_code 
_pdbx_modification_feature.symmetry 
_pdbx_modification_feature.modified_residue_auth_comp_id 
_pdbx_modification_feature.modified_residue_auth_asym_id 
_pdbx_modification_feature.modified_residue_auth_seq_id 
_pdbx_modification_feature.modified_residue_PDB_ins_code 
_pdbx_modification_feature.modified_residue_symmetry 
_pdbx_modification_feature.comp_id_linking_atom 
_pdbx_modification_feature.modified_residue_id_linking_atom 
_pdbx_modification_feature.modified_residue_id 
_pdbx_modification_feature.ref_pcm_id 
_pdbx_modification_feature.ref_comp_id 
_pdbx_modification_feature.type 
_pdbx_modification_feature.category 
1 MSE A 49 ? . . . . MSE A 1227 ? 1_555 . . . . . . . MET 1 MSE Selenomethionine 'Named protein modification' 
2 MSE A 97 ? . . . . MSE A 1275 ? 1_555 . . . . . . . MET 1 MSE Selenomethionine 'Named protein modification' 
# 
_struct_sheet.id               AA 
_struct_sheet.type             ? 
_struct_sheet.number_strands   3 
_struct_sheet.details          ? 
# 
loop_
_struct_sheet_order.sheet_id 
_struct_sheet_order.range_id_1 
_struct_sheet_order.range_id_2 
_struct_sheet_order.offset 
_struct_sheet_order.sense 
AA 1 2 ? anti-parallel 
AA 2 3 ? anti-parallel 
# 
loop_
_struct_sheet_range.sheet_id 
_struct_sheet_range.id 
_struct_sheet_range.beg_label_comp_id 
_struct_sheet_range.beg_label_asym_id 
_struct_sheet_range.beg_label_seq_id 
_struct_sheet_range.pdbx_beg_PDB_ins_code 
_struct_sheet_range.end_label_comp_id 
_struct_sheet_range.end_label_asym_id 
_struct_sheet_range.end_label_seq_id 
_struct_sheet_range.pdbx_end_PDB_ins_code 
_struct_sheet_range.beg_auth_comp_id 
_struct_sheet_range.beg_auth_asym_id 
_struct_sheet_range.beg_auth_seq_id 
_struct_sheet_range.end_auth_comp_id 
_struct_sheet_range.end_auth_asym_id 
_struct_sheet_range.end_auth_seq_id 
AA 1 ILE A 6  ? CYS A 16 ? ILE A 1184 CYS A 1194 
AA 2 HIS A 23 ? VAL A 32 ? HIS A 1201 VAL A 1210 
AA 3 GLU A 35 ? ARG A 41 ? GLU A 1213 ARG A 1219 
# 
loop_
_pdbx_struct_sheet_hbond.sheet_id 
_pdbx_struct_sheet_hbond.range_id_1 
_pdbx_struct_sheet_hbond.range_id_2 
_pdbx_struct_sheet_hbond.range_1_label_atom_id 
_pdbx_struct_sheet_hbond.range_1_label_comp_id 
_pdbx_struct_sheet_hbond.range_1_label_asym_id 
_pdbx_struct_sheet_hbond.range_1_label_seq_id 
_pdbx_struct_sheet_hbond.range_1_PDB_ins_code 
_pdbx_struct_sheet_hbond.range_1_auth_atom_id 
_pdbx_struct_sheet_hbond.range_1_auth_comp_id 
_pdbx_struct_sheet_hbond.range_1_auth_asym_id 
_pdbx_struct_sheet_hbond.range_1_auth_seq_id 
_pdbx_struct_sheet_hbond.range_2_label_atom_id 
_pdbx_struct_sheet_hbond.range_2_label_comp_id 
_pdbx_struct_sheet_hbond.range_2_label_asym_id 
_pdbx_struct_sheet_hbond.range_2_label_seq_id 
_pdbx_struct_sheet_hbond.range_2_PDB_ins_code 
_pdbx_struct_sheet_hbond.range_2_auth_atom_id 
_pdbx_struct_sheet_hbond.range_2_auth_comp_id 
_pdbx_struct_sheet_hbond.range_2_auth_asym_id 
_pdbx_struct_sheet_hbond.range_2_auth_seq_id 
AA 1 2 N CYS A 16 ? N CYS A 1194 O HIS A 23 ? O HIS A 1201 
AA 2 3 N VAL A 32 ? N VAL A 1210 O GLU A 35 ? O GLU A 1213 
# 
loop_
_struct_site.id 
_struct_site.pdbx_evidence_code 
_struct_site.pdbx_auth_asym_id 
_struct_site.pdbx_auth_comp_id 
_struct_site.pdbx_auth_seq_id 
_struct_site.pdbx_auth_ins_code 
_struct_site.pdbx_num_residues 
_struct_site.details 
PIP Software ? ? ? ? 4 ? 
STK Software ? ? ? ? 2 ? 
# 
loop_
_struct_site_gen.id 
_struct_site_gen.site_id 
_struct_site_gen.pdbx_num_res 
_struct_site_gen.label_comp_id 
_struct_site_gen.label_asym_id 
_struct_site_gen.label_seq_id 
_struct_site_gen.pdbx_auth_ins_code 
_struct_site_gen.auth_comp_id 
_struct_site_gen.auth_asym_id 
_struct_site_gen.auth_seq_id 
_struct_site_gen.label_atom_id 
_struct_site_gen.label_alt_id 
_struct_site_gen.symmetry 
_struct_site_gen.details 
1 PIP 4 ARG A 42 ? ARG A 1220 . ? 1_555 ? 
2 PIP 4 TYR A 43 ? TYR A 1221 . ? 1_555 ? 
3 PIP 4 ARG A 47 ? ARG A 1225 . ? 1_555 ? 
4 PIP 4 ARG A 82 ? ARG A 1260 . ? 1_555 ? 
5 STK 2 LEU A 70 ? LEU A 1248 . ? 1_555 ? 
6 STK 2 PHE A 71 ? PHE A 1249 . ? 1_555 ? 
# 
_pdbx_entry_details.entry_id                   2V14 
_pdbx_entry_details.compound_details           
;PROBABLY INVOLVED IN SEVERAL STAGES OF INTRACELLULAR
 TRAFFICKING
;
_pdbx_entry_details.source_details             ? 
_pdbx_entry_details.nonpolymer_details         ? 
_pdbx_entry_details.sequence_details           ? 
_pdbx_entry_details.has_ligand_of_interest     ? 
_pdbx_entry_details.has_protein_modification   Y 
# 
loop_
_pdbx_validate_rmsd_angle.id 
_pdbx_validate_rmsd_angle.PDB_model_num 
_pdbx_validate_rmsd_angle.auth_atom_id_1 
_pdbx_validate_rmsd_angle.auth_asym_id_1 
_pdbx_validate_rmsd_angle.auth_comp_id_1 
_pdbx_validate_rmsd_angle.auth_seq_id_1 
_pdbx_validate_rmsd_angle.PDB_ins_code_1 
_pdbx_validate_rmsd_angle.label_alt_id_1 
_pdbx_validate_rmsd_angle.auth_atom_id_2 
_pdbx_validate_rmsd_angle.auth_asym_id_2 
_pdbx_validate_rmsd_angle.auth_comp_id_2 
_pdbx_validate_rmsd_angle.auth_seq_id_2 
_pdbx_validate_rmsd_angle.PDB_ins_code_2 
_pdbx_validate_rmsd_angle.label_alt_id_2 
_pdbx_validate_rmsd_angle.auth_atom_id_3 
_pdbx_validate_rmsd_angle.auth_asym_id_3 
_pdbx_validate_rmsd_angle.auth_comp_id_3 
_pdbx_validate_rmsd_angle.auth_seq_id_3 
_pdbx_validate_rmsd_angle.PDB_ins_code_3 
_pdbx_validate_rmsd_angle.label_alt_id_3 
_pdbx_validate_rmsd_angle.angle_value 
_pdbx_validate_rmsd_angle.angle_target_value 
_pdbx_validate_rmsd_angle.angle_deviation 
_pdbx_validate_rmsd_angle.angle_standard_deviation 
_pdbx_validate_rmsd_angle.linker_flag 
1 1 NE A ARG 1190 ? ? CZ A ARG 1190 ? ? NH1 A ARG 1190 ? ? 123.48 120.30 3.18  0.50 N 
2 1 NE A ARG 1190 ? ? CZ A ARG 1190 ? ? NH2 A ARG 1190 ? ? 116.36 120.30 -3.94 0.50 N 
# 
_pdbx_validate_torsion.id              1 
_pdbx_validate_torsion.PDB_model_num   1 
_pdbx_validate_torsion.auth_comp_id    LEU 
_pdbx_validate_torsion.auth_asym_id    A 
_pdbx_validate_torsion.auth_seq_id     1211 
_pdbx_validate_torsion.PDB_ins_code    ? 
_pdbx_validate_torsion.label_alt_id    ? 
_pdbx_validate_torsion.phi             52.82 
_pdbx_validate_torsion.psi             -114.45 
# 
_pdbx_validate_peptide_omega.id               1 
_pdbx_validate_peptide_omega.PDB_model_num    1 
_pdbx_validate_peptide_omega.auth_comp_id_1   LYS 
_pdbx_validate_peptide_omega.auth_asym_id_1   A 
_pdbx_validate_peptide_omega.auth_seq_id_1    1198 
_pdbx_validate_peptide_omega.PDB_ins_code_1   ? 
_pdbx_validate_peptide_omega.label_alt_id_1   ? 
_pdbx_validate_peptide_omega.auth_comp_id_2   ASP 
_pdbx_validate_peptide_omega.auth_asym_id_2   A 
_pdbx_validate_peptide_omega.auth_seq_id_2    1199 
_pdbx_validate_peptide_omega.PDB_ins_code_2   ? 
_pdbx_validate_peptide_omega.label_alt_id_2   ? 
_pdbx_validate_peptide_omega.omega            149.39 
# 
loop_
_pdbx_struct_mod_residue.id 
_pdbx_struct_mod_residue.label_asym_id 
_pdbx_struct_mod_residue.label_comp_id 
_pdbx_struct_mod_residue.label_seq_id 
_pdbx_struct_mod_residue.auth_asym_id 
_pdbx_struct_mod_residue.auth_comp_id 
_pdbx_struct_mod_residue.auth_seq_id 
_pdbx_struct_mod_residue.PDB_ins_code 
_pdbx_struct_mod_residue.parent_comp_id 
_pdbx_struct_mod_residue.details 
1 A MSE 49 A MSE 1227 ? MET SELENOMETHIONINE 
2 A MSE 97 A MSE 1275 ? MET SELENOMETHIONINE 
# 
loop_
_chem_comp_atom.comp_id 
_chem_comp_atom.atom_id 
_chem_comp_atom.type_symbol 
_chem_comp_atom.pdbx_aromatic_flag 
_chem_comp_atom.pdbx_stereo_config 
_chem_comp_atom.pdbx_ordinal 
ALA N    N  N N 1   
ALA CA   C  N S 2   
ALA C    C  N N 3   
ALA O    O  N N 4   
ALA CB   C  N N 5   
ALA OXT  O  N N 6   
ALA H    H  N N 7   
ALA H2   H  N N 8   
ALA HA   H  N N 9   
ALA HB1  H  N N 10  
ALA HB2  H  N N 11  
ALA HB3  H  N N 12  
ALA HXT  H  N N 13  
ARG N    N  N N 14  
ARG CA   C  N S 15  
ARG C    C  N N 16  
ARG O    O  N N 17  
ARG CB   C  N N 18  
ARG CG   C  N N 19  
ARG CD   C  N N 20  
ARG NE   N  N N 21  
ARG CZ   C  N N 22  
ARG NH1  N  N N 23  
ARG NH2  N  N N 24  
ARG OXT  O  N N 25  
ARG H    H  N N 26  
ARG H2   H  N N 27  
ARG HA   H  N N 28  
ARG HB2  H  N N 29  
ARG HB3  H  N N 30  
ARG HG2  H  N N 31  
ARG HG3  H  N N 32  
ARG HD2  H  N N 33  
ARG HD3  H  N N 34  
ARG HE   H  N N 35  
ARG HH11 H  N N 36  
ARG HH12 H  N N 37  
ARG HH21 H  N N 38  
ARG HH22 H  N N 39  
ARG HXT  H  N N 40  
ASN N    N  N N 41  
ASN CA   C  N S 42  
ASN C    C  N N 43  
ASN O    O  N N 44  
ASN CB   C  N N 45  
ASN CG   C  N N 46  
ASN OD1  O  N N 47  
ASN ND2  N  N N 48  
ASN OXT  O  N N 49  
ASN H    H  N N 50  
ASN H2   H  N N 51  
ASN HA   H  N N 52  
ASN HB2  H  N N 53  
ASN HB3  H  N N 54  
ASN HD21 H  N N 55  
ASN HD22 H  N N 56  
ASN HXT  H  N N 57  
ASP N    N  N N 58  
ASP CA   C  N S 59  
ASP C    C  N N 60  
ASP O    O  N N 61  
ASP CB   C  N N 62  
ASP CG   C  N N 63  
ASP OD1  O  N N 64  
ASP OD2  O  N N 65  
ASP OXT  O  N N 66  
ASP H    H  N N 67  
ASP H2   H  N N 68  
ASP HA   H  N N 69  
ASP HB2  H  N N 70  
ASP HB3  H  N N 71  
ASP HD2  H  N N 72  
ASP HXT  H  N N 73  
CYS N    N  N N 74  
CYS CA   C  N R 75  
CYS C    C  N N 76  
CYS O    O  N N 77  
CYS CB   C  N N 78  
CYS SG   S  N N 79  
CYS OXT  O  N N 80  
CYS H    H  N N 81  
CYS H2   H  N N 82  
CYS HA   H  N N 83  
CYS HB2  H  N N 84  
CYS HB3  H  N N 85  
CYS HG   H  N N 86  
CYS HXT  H  N N 87  
GLN N    N  N N 88  
GLN CA   C  N S 89  
GLN C    C  N N 90  
GLN O    O  N N 91  
GLN CB   C  N N 92  
GLN CG   C  N N 93  
GLN CD   C  N N 94  
GLN OE1  O  N N 95  
GLN NE2  N  N N 96  
GLN OXT  O  N N 97  
GLN H    H  N N 98  
GLN H2   H  N N 99  
GLN HA   H  N N 100 
GLN HB2  H  N N 101 
GLN HB3  H  N N 102 
GLN HG2  H  N N 103 
GLN HG3  H  N N 104 
GLN HE21 H  N N 105 
GLN HE22 H  N N 106 
GLN HXT  H  N N 107 
GLU N    N  N N 108 
GLU CA   C  N S 109 
GLU C    C  N N 110 
GLU O    O  N N 111 
GLU CB   C  N N 112 
GLU CG   C  N N 113 
GLU CD   C  N N 114 
GLU OE1  O  N N 115 
GLU OE2  O  N N 116 
GLU OXT  O  N N 117 
GLU H    H  N N 118 
GLU H2   H  N N 119 
GLU HA   H  N N 120 
GLU HB2  H  N N 121 
GLU HB3  H  N N 122 
GLU HG2  H  N N 123 
GLU HG3  H  N N 124 
GLU HE2  H  N N 125 
GLU HXT  H  N N 126 
GLY N    N  N N 127 
GLY CA   C  N N 128 
GLY C    C  N N 129 
GLY O    O  N N 130 
GLY OXT  O  N N 131 
GLY H    H  N N 132 
GLY H2   H  N N 133 
GLY HA2  H  N N 134 
GLY HA3  H  N N 135 
GLY HXT  H  N N 136 
HIS N    N  N N 137 
HIS CA   C  N S 138 
HIS C    C  N N 139 
HIS O    O  N N 140 
HIS CB   C  N N 141 
HIS CG   C  Y N 142 
HIS ND1  N  Y N 143 
HIS CD2  C  Y N 144 
HIS CE1  C  Y N 145 
HIS NE2  N  Y N 146 
HIS OXT  O  N N 147 
HIS H    H  N N 148 
HIS H2   H  N N 149 
HIS HA   H  N N 150 
HIS HB2  H  N N 151 
HIS HB3  H  N N 152 
HIS HD1  H  N N 153 
HIS HD2  H  N N 154 
HIS HE1  H  N N 155 
HIS HE2  H  N N 156 
HIS HXT  H  N N 157 
HOH O    O  N N 158 
HOH H1   H  N N 159 
HOH H2   H  N N 160 
ILE N    N  N N 161 
ILE CA   C  N S 162 
ILE C    C  N N 163 
ILE O    O  N N 164 
ILE CB   C  N S 165 
ILE CG1  C  N N 166 
ILE CG2  C  N N 167 
ILE CD1  C  N N 168 
ILE OXT  O  N N 169 
ILE H    H  N N 170 
ILE H2   H  N N 171 
ILE HA   H  N N 172 
ILE HB   H  N N 173 
ILE HG12 H  N N 174 
ILE HG13 H  N N 175 
ILE HG21 H  N N 176 
ILE HG22 H  N N 177 
ILE HG23 H  N N 178 
ILE HD11 H  N N 179 
ILE HD12 H  N N 180 
ILE HD13 H  N N 181 
ILE HXT  H  N N 182 
LEU N    N  N N 183 
LEU CA   C  N S 184 
LEU C    C  N N 185 
LEU O    O  N N 186 
LEU CB   C  N N 187 
LEU CG   C  N N 188 
LEU CD1  C  N N 189 
LEU CD2  C  N N 190 
LEU OXT  O  N N 191 
LEU H    H  N N 192 
LEU H2   H  N N 193 
LEU HA   H  N N 194 
LEU HB2  H  N N 195 
LEU HB3  H  N N 196 
LEU HG   H  N N 197 
LEU HD11 H  N N 198 
LEU HD12 H  N N 199 
LEU HD13 H  N N 200 
LEU HD21 H  N N 201 
LEU HD22 H  N N 202 
LEU HD23 H  N N 203 
LEU HXT  H  N N 204 
LYS N    N  N N 205 
LYS CA   C  N S 206 
LYS C    C  N N 207 
LYS O    O  N N 208 
LYS CB   C  N N 209 
LYS CG   C  N N 210 
LYS CD   C  N N 211 
LYS CE   C  N N 212 
LYS NZ   N  N N 213 
LYS OXT  O  N N 214 
LYS H    H  N N 215 
LYS H2   H  N N 216 
LYS HA   H  N N 217 
LYS HB2  H  N N 218 
LYS HB3  H  N N 219 
LYS HG2  H  N N 220 
LYS HG3  H  N N 221 
LYS HD2  H  N N 222 
LYS HD3  H  N N 223 
LYS HE2  H  N N 224 
LYS HE3  H  N N 225 
LYS HZ1  H  N N 226 
LYS HZ2  H  N N 227 
LYS HZ3  H  N N 228 
LYS HXT  H  N N 229 
MSE N    N  N N 230 
MSE CA   C  N S 231 
MSE C    C  N N 232 
MSE O    O  N N 233 
MSE OXT  O  N N 234 
MSE CB   C  N N 235 
MSE CG   C  N N 236 
MSE SE   SE N N 237 
MSE CE   C  N N 238 
MSE H    H  N N 239 
MSE H2   H  N N 240 
MSE HA   H  N N 241 
MSE HXT  H  N N 242 
MSE HB2  H  N N 243 
MSE HB3  H  N N 244 
MSE HG2  H  N N 245 
MSE HG3  H  N N 246 
MSE HE1  H  N N 247 
MSE HE2  H  N N 248 
MSE HE3  H  N N 249 
PHE N    N  N N 250 
PHE CA   C  N S 251 
PHE C    C  N N 252 
PHE O    O  N N 253 
PHE CB   C  N N 254 
PHE CG   C  Y N 255 
PHE CD1  C  Y N 256 
PHE CD2  C  Y N 257 
PHE CE1  C  Y N 258 
PHE CE2  C  Y N 259 
PHE CZ   C  Y N 260 
PHE OXT  O  N N 261 
PHE H    H  N N 262 
PHE H2   H  N N 263 
PHE HA   H  N N 264 
PHE HB2  H  N N 265 
PHE HB3  H  N N 266 
PHE HD1  H  N N 267 
PHE HD2  H  N N 268 
PHE HE1  H  N N 269 
PHE HE2  H  N N 270 
PHE HZ   H  N N 271 
PHE HXT  H  N N 272 
PRO N    N  N N 273 
PRO CA   C  N S 274 
PRO C    C  N N 275 
PRO O    O  N N 276 
PRO CB   C  N N 277 
PRO CG   C  N N 278 
PRO CD   C  N N 279 
PRO OXT  O  N N 280 
PRO H    H  N N 281 
PRO HA   H  N N 282 
PRO HB2  H  N N 283 
PRO HB3  H  N N 284 
PRO HG2  H  N N 285 
PRO HG3  H  N N 286 
PRO HD2  H  N N 287 
PRO HD3  H  N N 288 
PRO HXT  H  N N 289 
SER N    N  N N 290 
SER CA   C  N S 291 
SER C    C  N N 292 
SER O    O  N N 293 
SER CB   C  N N 294 
SER OG   O  N N 295 
SER OXT  O  N N 296 
SER H    H  N N 297 
SER H2   H  N N 298 
SER HA   H  N N 299 
SER HB2  H  N N 300 
SER HB3  H  N N 301 
SER HG   H  N N 302 
SER HXT  H  N N 303 
THR N    N  N N 304 
THR CA   C  N S 305 
THR C    C  N N 306 
THR O    O  N N 307 
THR CB   C  N R 308 
THR OG1  O  N N 309 
THR CG2  C  N N 310 
THR OXT  O  N N 311 
THR H    H  N N 312 
THR H2   H  N N 313 
THR HA   H  N N 314 
THR HB   H  N N 315 
THR HG1  H  N N 316 
THR HG21 H  N N 317 
THR HG22 H  N N 318 
THR HG23 H  N N 319 
THR HXT  H  N N 320 
TRP N    N  N N 321 
TRP CA   C  N S 322 
TRP C    C  N N 323 
TRP O    O  N N 324 
TRP CB   C  N N 325 
TRP CG   C  Y N 326 
TRP CD1  C  Y N 327 
TRP CD2  C  Y N 328 
TRP NE1  N  Y N 329 
TRP CE2  C  Y N 330 
TRP CE3  C  Y N 331 
TRP CZ2  C  Y N 332 
TRP CZ3  C  Y N 333 
TRP CH2  C  Y N 334 
TRP OXT  O  N N 335 
TRP H    H  N N 336 
TRP H2   H  N N 337 
TRP HA   H  N N 338 
TRP HB2  H  N N 339 
TRP HB3  H  N N 340 
TRP HD1  H  N N 341 
TRP HE1  H  N N 342 
TRP HE3  H  N N 343 
TRP HZ2  H  N N 344 
TRP HZ3  H  N N 345 
TRP HH2  H  N N 346 
TRP HXT  H  N N 347 
TYR N    N  N N 348 
TYR CA   C  N S 349 
TYR C    C  N N 350 
TYR O    O  N N 351 
TYR CB   C  N N 352 
TYR CG   C  Y N 353 
TYR CD1  C  Y N 354 
TYR CD2  C  Y N 355 
TYR CE1  C  Y N 356 
TYR CE2  C  Y N 357 
TYR CZ   C  Y N 358 
TYR OH   O  N N 359 
TYR OXT  O  N N 360 
TYR H    H  N N 361 
TYR H2   H  N N 362 
TYR HA   H  N N 363 
TYR HB2  H  N N 364 
TYR HB3  H  N N 365 
TYR HD1  H  N N 366 
TYR HD2  H  N N 367 
TYR HE1  H  N N 368 
TYR HE2  H  N N 369 
TYR HH   H  N N 370 
TYR HXT  H  N N 371 
VAL N    N  N N 372 
VAL CA   C  N S 373 
VAL C    C  N N 374 
VAL O    O  N N 375 
VAL CB   C  N N 376 
VAL CG1  C  N N 377 
VAL CG2  C  N N 378 
VAL OXT  O  N N 379 
VAL H    H  N N 380 
VAL H2   H  N N 381 
VAL HA   H  N N 382 
VAL HB   H  N N 383 
VAL HG11 H  N N 384 
VAL HG12 H  N N 385 
VAL HG13 H  N N 386 
VAL HG21 H  N N 387 
VAL HG22 H  N N 388 
VAL HG23 H  N N 389 
VAL HXT  H  N N 390 
# 
loop_
_chem_comp_bond.comp_id 
_chem_comp_bond.atom_id_1 
_chem_comp_bond.atom_id_2 
_chem_comp_bond.value_order 
_chem_comp_bond.pdbx_aromatic_flag 
_chem_comp_bond.pdbx_stereo_config 
_chem_comp_bond.pdbx_ordinal 
ALA N   CA   sing N N 1   
ALA N   H    sing N N 2   
ALA N   H2   sing N N 3   
ALA CA  C    sing N N 4   
ALA CA  CB   sing N N 5   
ALA CA  HA   sing N N 6   
ALA C   O    doub N N 7   
ALA C   OXT  sing N N 8   
ALA CB  HB1  sing N N 9   
ALA CB  HB2  sing N N 10  
ALA CB  HB3  sing N N 11  
ALA OXT HXT  sing N N 12  
ARG N   CA   sing N N 13  
ARG N   H    sing N N 14  
ARG N   H2   sing N N 15  
ARG CA  C    sing N N 16  
ARG CA  CB   sing N N 17  
ARG CA  HA   sing N N 18  
ARG C   O    doub N N 19  
ARG C   OXT  sing N N 20  
ARG CB  CG   sing N N 21  
ARG CB  HB2  sing N N 22  
ARG CB  HB3  sing N N 23  
ARG CG  CD   sing N N 24  
ARG CG  HG2  sing N N 25  
ARG CG  HG3  sing N N 26  
ARG CD  NE   sing N N 27  
ARG CD  HD2  sing N N 28  
ARG CD  HD3  sing N N 29  
ARG NE  CZ   sing N N 30  
ARG NE  HE   sing N N 31  
ARG CZ  NH1  sing N N 32  
ARG CZ  NH2  doub N N 33  
ARG NH1 HH11 sing N N 34  
ARG NH1 HH12 sing N N 35  
ARG NH2 HH21 sing N N 36  
ARG NH2 HH22 sing N N 37  
ARG OXT HXT  sing N N 38  
ASN N   CA   sing N N 39  
ASN N   H    sing N N 40  
ASN N   H2   sing N N 41  
ASN CA  C    sing N N 42  
ASN CA  CB   sing N N 43  
ASN CA  HA   sing N N 44  
ASN C   O    doub N N 45  
ASN C   OXT  sing N N 46  
ASN CB  CG   sing N N 47  
ASN CB  HB2  sing N N 48  
ASN CB  HB3  sing N N 49  
ASN CG  OD1  doub N N 50  
ASN CG  ND2  sing N N 51  
ASN ND2 HD21 sing N N 52  
ASN ND2 HD22 sing N N 53  
ASN OXT HXT  sing N N 54  
ASP N   CA   sing N N 55  
ASP N   H    sing N N 56  
ASP N   H2   sing N N 57  
ASP CA  C    sing N N 58  
ASP CA  CB   sing N N 59  
ASP CA  HA   sing N N 60  
ASP C   O    doub N N 61  
ASP C   OXT  sing N N 62  
ASP CB  CG   sing N N 63  
ASP CB  HB2  sing N N 64  
ASP CB  HB3  sing N N 65  
ASP CG  OD1  doub N N 66  
ASP CG  OD2  sing N N 67  
ASP OD2 HD2  sing N N 68  
ASP OXT HXT  sing N N 69  
CYS N   CA   sing N N 70  
CYS N   H    sing N N 71  
CYS N   H2   sing N N 72  
CYS CA  C    sing N N 73  
CYS CA  CB   sing N N 74  
CYS CA  HA   sing N N 75  
CYS C   O    doub N N 76  
CYS C   OXT  sing N N 77  
CYS CB  SG   sing N N 78  
CYS CB  HB2  sing N N 79  
CYS CB  HB3  sing N N 80  
CYS SG  HG   sing N N 81  
CYS OXT HXT  sing N N 82  
GLN N   CA   sing N N 83  
GLN N   H    sing N N 84  
GLN N   H2   sing N N 85  
GLN CA  C    sing N N 86  
GLN CA  CB   sing N N 87  
GLN CA  HA   sing N N 88  
GLN C   O    doub N N 89  
GLN C   OXT  sing N N 90  
GLN CB  CG   sing N N 91  
GLN CB  HB2  sing N N 92  
GLN CB  HB3  sing N N 93  
GLN CG  CD   sing N N 94  
GLN CG  HG2  sing N N 95  
GLN CG  HG3  sing N N 96  
GLN CD  OE1  doub N N 97  
GLN CD  NE2  sing N N 98  
GLN NE2 HE21 sing N N 99  
GLN NE2 HE22 sing N N 100 
GLN OXT HXT  sing N N 101 
GLU N   CA   sing N N 102 
GLU N   H    sing N N 103 
GLU N   H2   sing N N 104 
GLU CA  C    sing N N 105 
GLU CA  CB   sing N N 106 
GLU CA  HA   sing N N 107 
GLU C   O    doub N N 108 
GLU C   OXT  sing N N 109 
GLU CB  CG   sing N N 110 
GLU CB  HB2  sing N N 111 
GLU CB  HB3  sing N N 112 
GLU CG  CD   sing N N 113 
GLU CG  HG2  sing N N 114 
GLU CG  HG3  sing N N 115 
GLU CD  OE1  doub N N 116 
GLU CD  OE2  sing N N 117 
GLU OE2 HE2  sing N N 118 
GLU OXT HXT  sing N N 119 
GLY N   CA   sing N N 120 
GLY N   H    sing N N 121 
GLY N   H2   sing N N 122 
GLY CA  C    sing N N 123 
GLY CA  HA2  sing N N 124 
GLY CA  HA3  sing N N 125 
GLY C   O    doub N N 126 
GLY C   OXT  sing N N 127 
GLY OXT HXT  sing N N 128 
HIS N   CA   sing N N 129 
HIS N   H    sing N N 130 
HIS N   H2   sing N N 131 
HIS CA  C    sing N N 132 
HIS CA  CB   sing N N 133 
HIS CA  HA   sing N N 134 
HIS C   O    doub N N 135 
HIS C   OXT  sing N N 136 
HIS CB  CG   sing N N 137 
HIS CB  HB2  sing N N 138 
HIS CB  HB3  sing N N 139 
HIS CG  ND1  sing Y N 140 
HIS CG  CD2  doub Y N 141 
HIS ND1 CE1  doub Y N 142 
HIS ND1 HD1  sing N N 143 
HIS CD2 NE2  sing Y N 144 
HIS CD2 HD2  sing N N 145 
HIS CE1 NE2  sing Y N 146 
HIS CE1 HE1  sing N N 147 
HIS NE2 HE2  sing N N 148 
HIS OXT HXT  sing N N 149 
HOH O   H1   sing N N 150 
HOH O   H2   sing N N 151 
ILE N   CA   sing N N 152 
ILE N   H    sing N N 153 
ILE N   H2   sing N N 154 
ILE CA  C    sing N N 155 
ILE CA  CB   sing N N 156 
ILE CA  HA   sing N N 157 
ILE C   O    doub N N 158 
ILE C   OXT  sing N N 159 
ILE CB  CG1  sing N N 160 
ILE CB  CG2  sing N N 161 
ILE CB  HB   sing N N 162 
ILE CG1 CD1  sing N N 163 
ILE CG1 HG12 sing N N 164 
ILE CG1 HG13 sing N N 165 
ILE CG2 HG21 sing N N 166 
ILE CG2 HG22 sing N N 167 
ILE CG2 HG23 sing N N 168 
ILE CD1 HD11 sing N N 169 
ILE CD1 HD12 sing N N 170 
ILE CD1 HD13 sing N N 171 
ILE OXT HXT  sing N N 172 
LEU N   CA   sing N N 173 
LEU N   H    sing N N 174 
LEU N   H2   sing N N 175 
LEU CA  C    sing N N 176 
LEU CA  CB   sing N N 177 
LEU CA  HA   sing N N 178 
LEU C   O    doub N N 179 
LEU C   OXT  sing N N 180 
LEU CB  CG   sing N N 181 
LEU CB  HB2  sing N N 182 
LEU CB  HB3  sing N N 183 
LEU CG  CD1  sing N N 184 
LEU CG  CD2  sing N N 185 
LEU CG  HG   sing N N 186 
LEU CD1 HD11 sing N N 187 
LEU CD1 HD12 sing N N 188 
LEU CD1 HD13 sing N N 189 
LEU CD2 HD21 sing N N 190 
LEU CD2 HD22 sing N N 191 
LEU CD2 HD23 sing N N 192 
LEU OXT HXT  sing N N 193 
LYS N   CA   sing N N 194 
LYS N   H    sing N N 195 
LYS N   H2   sing N N 196 
LYS CA  C    sing N N 197 
LYS CA  CB   sing N N 198 
LYS CA  HA   sing N N 199 
LYS C   O    doub N N 200 
LYS C   OXT  sing N N 201 
LYS CB  CG   sing N N 202 
LYS CB  HB2  sing N N 203 
LYS CB  HB3  sing N N 204 
LYS CG  CD   sing N N 205 
LYS CG  HG2  sing N N 206 
LYS CG  HG3  sing N N 207 
LYS CD  CE   sing N N 208 
LYS CD  HD2  sing N N 209 
LYS CD  HD3  sing N N 210 
LYS CE  NZ   sing N N 211 
LYS CE  HE2  sing N N 212 
LYS CE  HE3  sing N N 213 
LYS NZ  HZ1  sing N N 214 
LYS NZ  HZ2  sing N N 215 
LYS NZ  HZ3  sing N N 216 
LYS OXT HXT  sing N N 217 
MSE N   CA   sing N N 218 
MSE N   H    sing N N 219 
MSE N   H2   sing N N 220 
MSE CA  C    sing N N 221 
MSE CA  CB   sing N N 222 
MSE CA  HA   sing N N 223 
MSE C   O    doub N N 224 
MSE C   OXT  sing N N 225 
MSE OXT HXT  sing N N 226 
MSE CB  CG   sing N N 227 
MSE CB  HB2  sing N N 228 
MSE CB  HB3  sing N N 229 
MSE CG  SE   sing N N 230 
MSE CG  HG2  sing N N 231 
MSE CG  HG3  sing N N 232 
MSE SE  CE   sing N N 233 
MSE CE  HE1  sing N N 234 
MSE CE  HE2  sing N N 235 
MSE CE  HE3  sing N N 236 
PHE N   CA   sing N N 237 
PHE N   H    sing N N 238 
PHE N   H2   sing N N 239 
PHE CA  C    sing N N 240 
PHE CA  CB   sing N N 241 
PHE CA  HA   sing N N 242 
PHE C   O    doub N N 243 
PHE C   OXT  sing N N 244 
PHE CB  CG   sing N N 245 
PHE CB  HB2  sing N N 246 
PHE CB  HB3  sing N N 247 
PHE CG  CD1  doub Y N 248 
PHE CG  CD2  sing Y N 249 
PHE CD1 CE1  sing Y N 250 
PHE CD1 HD1  sing N N 251 
PHE CD2 CE2  doub Y N 252 
PHE CD2 HD2  sing N N 253 
PHE CE1 CZ   doub Y N 254 
PHE CE1 HE1  sing N N 255 
PHE CE2 CZ   sing Y N 256 
PHE CE2 HE2  sing N N 257 
PHE CZ  HZ   sing N N 258 
PHE OXT HXT  sing N N 259 
PRO N   CA   sing N N 260 
PRO N   CD   sing N N 261 
PRO N   H    sing N N 262 
PRO CA  C    sing N N 263 
PRO CA  CB   sing N N 264 
PRO CA  HA   sing N N 265 
PRO C   O    doub N N 266 
PRO C   OXT  sing N N 267 
PRO CB  CG   sing N N 268 
PRO CB  HB2  sing N N 269 
PRO CB  HB3  sing N N 270 
PRO CG  CD   sing N N 271 
PRO CG  HG2  sing N N 272 
PRO CG  HG3  sing N N 273 
PRO CD  HD2  sing N N 274 
PRO CD  HD3  sing N N 275 
PRO OXT HXT  sing N N 276 
SER N   CA   sing N N 277 
SER N   H    sing N N 278 
SER N   H2   sing N N 279 
SER CA  C    sing N N 280 
SER CA  CB   sing N N 281 
SER CA  HA   sing N N 282 
SER C   O    doub N N 283 
SER C   OXT  sing N N 284 
SER CB  OG   sing N N 285 
SER CB  HB2  sing N N 286 
SER CB  HB3  sing N N 287 
SER OG  HG   sing N N 288 
SER OXT HXT  sing N N 289 
THR N   CA   sing N N 290 
THR N   H    sing N N 291 
THR N   H2   sing N N 292 
THR CA  C    sing N N 293 
THR CA  CB   sing N N 294 
THR CA  HA   sing N N 295 
THR C   O    doub N N 296 
THR C   OXT  sing N N 297 
THR CB  OG1  sing N N 298 
THR CB  CG2  sing N N 299 
THR CB  HB   sing N N 300 
THR OG1 HG1  sing N N 301 
THR CG2 HG21 sing N N 302 
THR CG2 HG22 sing N N 303 
THR CG2 HG23 sing N N 304 
THR OXT HXT  sing N N 305 
TRP N   CA   sing N N 306 
TRP N   H    sing N N 307 
TRP N   H2   sing N N 308 
TRP CA  C    sing N N 309 
TRP CA  CB   sing N N 310 
TRP CA  HA   sing N N 311 
TRP C   O    doub N N 312 
TRP C   OXT  sing N N 313 
TRP CB  CG   sing N N 314 
TRP CB  HB2  sing N N 315 
TRP CB  HB3  sing N N 316 
TRP CG  CD1  doub Y N 317 
TRP CG  CD2  sing Y N 318 
TRP CD1 NE1  sing Y N 319 
TRP CD1 HD1  sing N N 320 
TRP CD2 CE2  doub Y N 321 
TRP CD2 CE3  sing Y N 322 
TRP NE1 CE2  sing Y N 323 
TRP NE1 HE1  sing N N 324 
TRP CE2 CZ2  sing Y N 325 
TRP CE3 CZ3  doub Y N 326 
TRP CE3 HE3  sing N N 327 
TRP CZ2 CH2  doub Y N 328 
TRP CZ2 HZ2  sing N N 329 
TRP CZ3 CH2  sing Y N 330 
TRP CZ3 HZ3  sing N N 331 
TRP CH2 HH2  sing N N 332 
TRP OXT HXT  sing N N 333 
TYR N   CA   sing N N 334 
TYR N   H    sing N N 335 
TYR N   H2   sing N N 336 
TYR CA  C    sing N N 337 
TYR CA  CB   sing N N 338 
TYR CA  HA   sing N N 339 
TYR C   O    doub N N 340 
TYR C   OXT  sing N N 341 
TYR CB  CG   sing N N 342 
TYR CB  HB2  sing N N 343 
TYR CB  HB3  sing N N 344 
TYR CG  CD1  doub Y N 345 
TYR CG  CD2  sing Y N 346 
TYR CD1 CE1  sing Y N 347 
TYR CD1 HD1  sing N N 348 
TYR CD2 CE2  doub Y N 349 
TYR CD2 HD2  sing N N 350 
TYR CE1 CZ   doub Y N 351 
TYR CE1 HE1  sing N N 352 
TYR CE2 CZ   sing Y N 353 
TYR CE2 HE2  sing N N 354 
TYR CZ  OH   sing N N 355 
TYR OH  HH   sing N N 356 
TYR OXT HXT  sing N N 357 
VAL N   CA   sing N N 358 
VAL N   H    sing N N 359 
VAL N   H2   sing N N 360 
VAL CA  C    sing N N 361 
VAL CA  CB   sing N N 362 
VAL CA  HA   sing N N 363 
VAL C   O    doub N N 364 
VAL C   OXT  sing N N 365 
VAL CB  CG1  sing N N 366 
VAL CB  CG2  sing N N 367 
VAL CB  HB   sing N N 368 
VAL CG1 HG11 sing N N 369 
VAL CG1 HG12 sing N N 370 
VAL CG1 HG13 sing N N 371 
VAL CG2 HG21 sing N N 372 
VAL CG2 HG22 sing N N 373 
VAL CG2 HG23 sing N N 374 
VAL OXT HXT  sing N N 375 
# 
_atom_sites.entry_id                    2V14 
_atom_sites.fract_transf_matrix[1][1]   0.00863305 
_atom_sites.fract_transf_matrix[1][2]   0.00114875 
_atom_sites.fract_transf_matrix[1][3]   0.00473062 
_atom_sites.fract_transf_matrix[2][1]   0.00470060 
_atom_sites.fract_transf_matrix[2][2]   0.00053752 
_atom_sites.fract_transf_matrix[2][3]   -0.00870881 
_atom_sites.fract_transf_matrix[3][1]   -0.00126597 
_atom_sites.fract_transf_matrix[3][2]   0.00982951 
_atom_sites.fract_transf_matrix[3][3]   -0.00007663 
_atom_sites.fract_transf_vector[1]      0.180063 
_atom_sites.fract_transf_vector[2]      0.395545 
_atom_sites.fract_transf_vector[3]      0.178140 
# 
loop_
_atom_type.symbol 
C  
N  
O  
S  
SE 
# 
loop_
_atom_site.group_PDB 
_atom_site.id 
_atom_site.type_symbol 
_atom_site.label_atom_id 
_atom_site.label_alt_id 
_atom_site.label_comp_id 
_atom_site.label_asym_id 
_atom_site.label_entity_id 
_atom_site.label_seq_id 
_atom_site.pdbx_PDB_ins_code 
_atom_site.Cartn_x 
_atom_site.Cartn_y 
_atom_site.Cartn_z 
_atom_site.occupancy 
_atom_site.B_iso_or_equiv 
_atom_site.pdbx_formal_charge 
_atom_site.auth_seq_id 
_atom_site.auth_comp_id 
_atom_site.auth_asym_id 
_atom_site.auth_atom_id 
_atom_site.pdbx_PDB_model_num 
ATOM   1    N  N   . ASP A 1 1   ? -12.091 -12.613 11.261  1.00 67.82 ? 1179 ASP A N   1 
ATOM   2    C  CA  . ASP A 1 1   ? -10.724 -13.210 11.435  1.00 67.77 ? 1179 ASP A CA  1 
ATOM   3    C  C   . ASP A 1 1   ? -10.150 -13.733 10.106  1.00 67.00 ? 1179 ASP A C   1 
ATOM   4    O  O   . ASP A 1 1   ? -9.190  -13.174 9.574   1.00 66.87 ? 1179 ASP A O   1 
ATOM   5    C  CB  . ASP A 1 1   ? -10.713 -14.297 12.538  1.00 68.41 ? 1179 ASP A CB  1 
ATOM   6    C  CG  . ASP A 1 1   ? -11.855 -15.330 12.391  1.00 70.26 ? 1179 ASP A CG  1 
ATOM   7    O  OD1 . ASP A 1 1   ? -13.051 -14.935 12.409  1.00 71.55 ? 1179 ASP A OD1 1 
ATOM   8    O  OD2 . ASP A 1 1   ? -11.550 -16.544 12.269  1.00 71.44 ? 1179 ASP A OD2 1 
ATOM   9    N  N   . LEU A 1 2   ? -10.755 -14.789 9.566   1.00 66.09 ? 1180 LEU A N   1 
ATOM   10   C  CA  . LEU A 1 2   ? -10.338 -15.361 8.285   1.00 64.90 ? 1180 LEU A CA  1 
ATOM   11   C  C   . LEU A 1 2   ? -11.090 -14.702 7.138   1.00 64.08 ? 1180 LEU A C   1 
ATOM   12   O  O   . LEU A 1 2   ? -10.726 -14.859 5.974   1.00 64.01 ? 1180 LEU A O   1 
ATOM   13   C  CB  . LEU A 1 2   ? -10.550 -16.883 8.268   1.00 65.03 ? 1180 LEU A CB  1 
ATOM   14   C  CG  . LEU A 1 2   ? -9.813  -17.706 9.340   1.00 65.40 ? 1180 LEU A CG  1 
ATOM   15   C  CD1 . LEU A 1 2   ? -10.380 -19.126 9.445   1.00 65.77 ? 1180 LEU A CD1 1 
ATOM   16   C  CD2 . LEU A 1 2   ? -8.298  -17.733 9.113   1.00 65.02 ? 1180 LEU A CD2 1 
ATOM   17   N  N   . LYS A 1 3   ? -12.139 -13.962 7.486   1.00 63.00 ? 1181 LYS A N   1 
ATOM   18   C  CA  . LYS A 1 3   ? -12.938 -13.214 6.522   1.00 62.03 ? 1181 LYS A CA  1 
ATOM   19   C  C   . LYS A 1 3   ? -12.404 -11.785 6.339   1.00 60.44 ? 1181 LYS A C   1 
ATOM   20   O  O   . LYS A 1 3   ? -12.644 -11.150 5.304   1.00 60.40 ? 1181 LYS A O   1 
ATOM   21   C  CB  . LYS A 1 3   ? -14.409 -13.211 6.956   1.00 62.65 ? 1181 LYS A CB  1 
ATOM   22   C  CG  . LYS A 1 3   ? -15.088 -14.594 6.831   1.00 63.34 ? 1181 LYS A CG  1 
ATOM   23   C  CD  . LYS A 1 3   ? -16.366 -14.697 7.672   1.00 63.40 ? 1181 LYS A CD  1 
ATOM   24   C  CE  . LYS A 1 3   ? -17.012 -16.086 7.526   1.00 64.90 ? 1181 LYS A CE  1 
ATOM   25   N  NZ  . LYS A 1 3   ? -18.211 -16.271 8.413   1.00 65.86 ? 1181 LYS A NZ  1 
ATOM   26   N  N   . ASP A 1 4   ? -11.670 -11.299 7.341   1.00 58.18 ? 1182 ASP A N   1 
ATOM   27   C  CA  . ASP A 1 4   ? -10.932 -10.035 7.250   1.00 56.05 ? 1182 ASP A CA  1 
ATOM   28   C  C   . ASP A 1 4   ? -9.422  -10.267 7.461   1.00 53.18 ? 1182 ASP A C   1 
ATOM   29   O  O   . ASP A 1 4   ? -8.858  -9.814  8.464   1.00 52.94 ? 1182 ASP A O   1 
ATOM   30   C  CB  . ASP A 1 4   ? -11.471 -9.042  8.288   1.00 56.70 ? 1182 ASP A CB  1 
ATOM   31   C  CG  . ASP A 1 4   ? -11.448 -7.601  7.794   1.00 59.32 ? 1182 ASP A CG  1 
ATOM   32   O  OD1 . ASP A 1 4   ? -11.926 -6.718  8.547   1.00 63.00 ? 1182 ASP A OD1 1 
ATOM   33   O  OD2 . ASP A 1 4   ? -10.974 -7.344  6.661   1.00 60.22 ? 1182 ASP A OD2 1 
ATOM   34   N  N   . PRO A 1 5   ? -8.764  -10.977 6.522   1.00 50.45 ? 1183 PRO A N   1 
ATOM   35   C  CA  . PRO A 1 5   ? -7.407  -11.485 6.775   1.00 48.43 ? 1183 PRO A CA  1 
ATOM   36   C  C   . PRO A 1 5   ? -6.250  -10.472 6.642   1.00 46.48 ? 1183 PRO A C   1 
ATOM   37   O  O   . PRO A 1 5   ? -5.173  -10.696 7.205   1.00 45.80 ? 1183 PRO A O   1 
ATOM   38   C  CB  . PRO A 1 5   ? -7.259  -12.595 5.733   1.00 48.50 ? 1183 PRO A CB  1 
ATOM   39   C  CG  . PRO A 1 5   ? -8.098  -12.123 4.584   1.00 49.37 ? 1183 PRO A CG  1 
ATOM   40   C  CD  . PRO A 1 5   ? -9.249  -11.356 5.181   1.00 50.15 ? 1183 PRO A CD  1 
ATOM   41   N  N   . ILE A 1 6   ? -6.463  -9.396  5.890   1.00 43.85 ? 1184 ILE A N   1 
ATOM   42   C  CA  . ILE A 1 6   ? -5.432  -8.391  5.687   1.00 41.77 ? 1184 ILE A CA  1 
ATOM   43   C  C   . ILE A 1 6   ? -5.880  -7.052  6.284   1.00 41.18 ? 1184 ILE A C   1 
ATOM   44   O  O   . ILE A 1 6   ? -6.917  -6.504  5.909   1.00 40.57 ? 1184 ILE A O   1 
ATOM   45   C  CB  . ILE A 1 6   ? -5.062  -8.226  4.185   1.00 41.63 ? 1184 ILE A CB  1 
ATOM   46   C  CG1 . ILE A 1 6   ? -4.642  -9.570  3.577   1.00 40.98 ? 1184 ILE A CG1 1 
ATOM   47   C  CG2 . ILE A 1 6   ? -3.961  -7.170  4.006   1.00 39.91 ? 1184 ILE A CG2 1 
ATOM   48   C  CD1 . ILE A 1 6   ? -4.566  -9.593  2.066   1.00 40.85 ? 1184 ILE A CD1 1 
ATOM   49   N  N   . LYS A 1 7   ? -5.110  -6.549  7.240   1.00 40.42 ? 1185 LYS A N   1 
ATOM   50   C  CA  . LYS A 1 7   ? -5.373  -5.224  7.810   1.00 39.96 ? 1185 LYS A CA  1 
ATOM   51   C  C   . LYS A 1 7   ? -4.227  -4.307  7.417   1.00 38.30 ? 1185 LYS A C   1 
ATOM   52   O  O   . LYS A 1 7   ? -3.076  -4.743  7.262   1.00 37.40 ? 1185 LYS A O   1 
ATOM   53   C  CB  . LYS A 1 7   ? -5.521  -5.270  9.339   1.00 40.65 ? 1185 LYS A CB  1 
ATOM   54   C  CG  . LYS A 1 7   ? -6.534  -6.308  9.864   1.00 45.39 ? 1185 LYS A CG  1 
ATOM   55   C  CD  . LYS A 1 7   ? -7.861  -5.688  10.332  1.00 49.28 ? 1185 LYS A CD  1 
ATOM   56   C  CE  . LYS A 1 7   ? -8.845  -5.392  9.175   1.00 51.84 ? 1185 LYS A CE  1 
ATOM   57   N  NZ  . LYS A 1 7   ? -10.015 -4.509  9.600   1.00 50.67 ? 1185 LYS A NZ  1 
ATOM   58   N  N   . ILE A 1 8   ? -4.538  -3.032  7.253   1.00 36.58 ? 1186 ILE A N   1 
ATOM   59   C  CA  . ILE A 1 8   ? -3.516  -2.098  6.840   1.00 35.26 ? 1186 ILE A CA  1 
ATOM   60   C  C   . ILE A 1 8   ? -3.744  -0.702  7.426   1.00 33.69 ? 1186 ILE A C   1 
ATOM   61   O  O   . ILE A 1 8   ? -4.870  -0.248  7.531   1.00 33.34 ? 1186 ILE A O   1 
ATOM   62   C  CB  . ILE A 1 8   ? -3.248  -2.195  5.266   1.00 35.95 ? 1186 ILE A CB  1 
ATOM   63   C  CG1 . ILE A 1 8   ? -2.192  -1.218  4.784   1.00 36.70 ? 1186 ILE A CG1 1 
ATOM   64   C  CG2 . ILE A 1 8   ? -4.511  -2.069  4.431   1.00 36.31 ? 1186 ILE A CG2 1 
ATOM   65   C  CD1 . ILE A 1 8   ? -1.365  -1.866  3.635   1.00 39.25 ? 1186 ILE A CD1 1 
ATOM   66   N  N   . SER A 1 9   ? -2.678  -0.071  7.909   1.00 31.86 ? 1187 SER A N   1 
ATOM   67   C  CA  . SER A 1 9   ? -2.774  1.309   8.326   1.00 31.46 ? 1187 SER A CA  1 
ATOM   68   C  C   . SER A 1 9   ? -1.499  2.095   8.043   1.00 29.87 ? 1187 SER A C   1 
ATOM   69   O  O   . SER A 1 9   ? -0.462  1.526   7.745   1.00 28.80 ? 1187 SER A O   1 
ATOM   70   C  CB  . SER A 1 9   ? -3.218  1.426   9.803   1.00 31.64 ? 1187 SER A CB  1 
ATOM   71   O  OG  . SER A 1 9   ? -2.193  0.969   10.644  1.00 35.13 ? 1187 SER A OG  1 
ATOM   72   N  N   . ILE A 1 10  ? -1.617  3.418   8.065   1.00 28.75 ? 1188 ILE A N   1 
ATOM   73   C  CA  . ILE A 1 10  ? -0.475  4.284   7.886   1.00 28.20 ? 1188 ILE A CA  1 
ATOM   74   C  C   . ILE A 1 10  ? -0.500  5.208   9.075   1.00 27.72 ? 1188 ILE A C   1 
ATOM   75   O  O   . ILE A 1 10  ? -1.056  6.309   9.014   1.00 28.18 ? 1188 ILE A O   1 
ATOM   76   C  CB  . ILE A 1 10  ? -0.492  5.055   6.526   1.00 28.14 ? 1188 ILE A CB  1 
ATOM   77   C  CG1 . ILE A 1 10  ? -0.638  4.082   5.347   1.00 28.50 ? 1188 ILE A CG1 1 
ATOM   78   C  CG2 . ILE A 1 10  ? 0.763   5.887   6.369   1.00 27.05 ? 1188 ILE A CG2 1 
ATOM   79   C  CD1 . ILE A 1 10  ? -0.711  4.770   3.964   1.00 28.24 ? 1188 ILE A CD1 1 
ATOM   80   N  N   . PRO A 1 11  ? 0.075   4.753   10.192  1.00 28.04 ? 1189 PRO A N   1 
ATOM   81   C  CA  . PRO A 1 11  ? -0.033  5.572   11.412  1.00 28.29 ? 1189 PRO A CA  1 
ATOM   82   C  C   . PRO A 1 11  ? 0.748   6.874   11.389  1.00 27.98 ? 1189 PRO A C   1 
ATOM   83   O  O   . PRO A 1 11  ? 0.465   7.750   12.190  1.00 27.67 ? 1189 PRO A O   1 
ATOM   84   C  CB  . PRO A 1 11  ? 0.485   4.645   12.516  1.00 27.71 ? 1189 PRO A CB  1 
ATOM   85   C  CG  . PRO A 1 11  ? 1.299   3.656   11.813  1.00 30.04 ? 1189 PRO A CG  1 
ATOM   86   C  CD  . PRO A 1 11  ? 0.760   3.473   10.440  1.00 27.36 ? 1189 PRO A CD  1 
ATOM   87   N  N   . ARG A 1 12  ? 1.713   7.015   10.487  1.00 27.80 ? 1190 ARG A N   1 
ATOM   88   C  CA  . ARG A 1 12  ? 2.531   8.236   10.467  1.00 28.80 ? 1190 ARG A CA  1 
ATOM   89   C  C   . ARG A 1 12  ? 3.370   8.379   9.206   1.00 29.00 ? 1190 ARG A C   1 
ATOM   90   O  O   . ARG A 1 12  ? 3.475   7.459   8.406   1.00 28.20 ? 1190 ARG A O   1 
ATOM   91   C  CB  . ARG A 1 12  ? 3.400   8.358   11.754  1.00 28.42 ? 1190 ARG A CB  1 
ATOM   92   C  CG  . ARG A 1 12  ? 4.765   7.656   11.779  1.00 30.22 ? 1190 ARG A CG  1 
ATOM   93   C  CD  . ARG A 1 12  ? 5.275   7.465   13.285  1.00 30.01 ? 1190 ARG A CD  1 
ATOM   94   N  NE  . ARG A 1 12  ? 4.822   6.157   13.669  1.00 32.98 ? 1190 ARG A NE  1 
ATOM   95   C  CZ  . ARG A 1 12  ? 3.986   5.827   14.635  1.00 32.76 ? 1190 ARG A CZ  1 
ATOM   96   N  NH1 . ARG A 1 12  ? 3.509   6.692   15.512  1.00 31.39 ? 1190 ARG A NH1 1 
ATOM   97   N  NH2 . ARG A 1 12  ? 3.666   4.552   14.721  1.00 33.47 ? 1190 ARG A NH2 1 
ATOM   98   N  N   . TYR A 1 13  ? 3.932   9.558   9.033   1.00 29.68 ? 1191 TYR A N   1 
ATOM   99   C  CA  . TYR A 1 13  ? 4.845   9.831   7.950   1.00 30.82 ? 1191 TYR A CA  1 
ATOM   100  C  C   . TYR A 1 13  ? 6.114   10.442  8.554   1.00 31.34 ? 1191 TYR A C   1 
ATOM   101  O  O   . TYR A 1 13  ? 6.111   10.898  9.706   1.00 30.88 ? 1191 TYR A O   1 
ATOM   102  C  CB  . TYR A 1 13  ? 4.195   10.773  6.931   1.00 31.31 ? 1191 TYR A CB  1 
ATOM   103  C  CG  . TYR A 1 13  ? 3.531   11.970  7.564   1.00 31.76 ? 1191 TYR A CG  1 
ATOM   104  C  CD1 . TYR A 1 13  ? 4.283   13.100  7.942   1.00 32.12 ? 1191 TYR A CD1 1 
ATOM   105  C  CD2 . TYR A 1 13  ? 2.158   11.976  7.804   1.00 31.99 ? 1191 TYR A CD2 1 
ATOM   106  C  CE1 . TYR A 1 13  ? 3.678   14.195  8.536   1.00 32.41 ? 1191 TYR A CE1 1 
ATOM   107  C  CE2 . TYR A 1 13  ? 1.540   13.062  8.415   1.00 33.17 ? 1191 TYR A CE2 1 
ATOM   108  C  CZ  . TYR A 1 13  ? 2.310   14.166  8.769   1.00 33.30 ? 1191 TYR A CZ  1 
ATOM   109  O  OH  . TYR A 1 13  ? 1.707   15.248  9.330   1.00 34.25 ? 1191 TYR A OH  1 
ATOM   110  N  N   . VAL A 1 14  ? 7.200   10.417  7.790   1.00 32.61 ? 1192 VAL A N   1 
ATOM   111  C  CA  . VAL A 1 14  ? 8.510   10.870  8.262   1.00 33.72 ? 1192 VAL A CA  1 
ATOM   112  C  C   . VAL A 1 14  ? 9.221   11.592  7.138   1.00 36.18 ? 1192 VAL A C   1 
ATOM   113  O  O   . VAL A 1 14  ? 9.098   11.222  5.961   1.00 36.34 ? 1192 VAL A O   1 
ATOM   114  C  CB  . VAL A 1 14  ? 9.401   9.710   8.763   1.00 33.20 ? 1192 VAL A CB  1 
ATOM   115  C  CG1 . VAL A 1 14  ? 8.756   9.008   9.941   1.00 32.21 ? 1192 VAL A CG1 1 
ATOM   116  C  CG2 . VAL A 1 14  ? 9.751   8.729   7.626   1.00 32.25 ? 1192 VAL A CG2 1 
ATOM   117  N  N   . LEU A 1 15  ? 9.950   12.640  7.499   1.00 38.63 ? 1193 LEU A N   1 
ATOM   118  C  CA  . LEU A 1 15  ? 10.737  13.390  6.535   1.00 41.01 ? 1193 LEU A CA  1 
ATOM   119  C  C   . LEU A 1 15  ? 12.085  12.699  6.382   1.00 42.54 ? 1193 LEU A C   1 
ATOM   120  O  O   . LEU A 1 15  ? 12.763  12.453  7.373   1.00 43.14 ? 1193 LEU A O   1 
ATOM   121  C  CB  . LEU A 1 15  ? 10.912  14.839  7.010   1.00 40.52 ? 1193 LEU A CB  1 
ATOM   122  C  CG  . LEU A 1 15  ? 11.561  15.844  6.057   1.00 41.47 ? 1193 LEU A CG  1 
ATOM   123  C  CD1 . LEU A 1 15  ? 10.852  15.967  4.715   1.00 40.62 ? 1193 LEU A CD1 1 
ATOM   124  C  CD2 . LEU A 1 15  ? 11.608  17.183  6.744   1.00 44.21 ? 1193 LEU A CD2 1 
ATOM   125  N  N   . CYS A 1 16  ? 12.447  12.358  5.148   1.00 44.76 ? 1194 CYS A N   1 
ATOM   126  C  CA  . CYS A 1 16  ? 13.712  11.681  4.858   1.00 46.89 ? 1194 CYS A CA  1 
ATOM   127  C  C   . CYS A 1 16  ? 14.544  12.528  3.938   1.00 48.46 ? 1194 CYS A C   1 
ATOM   128  O  O   . CYS A 1 16  ? 14.012  13.314  3.158   1.00 47.85 ? 1194 CYS A O   1 
ATOM   129  C  CB  . CYS A 1 16  ? 13.492  10.363  4.115   1.00 46.60 ? 1194 CYS A CB  1 
ATOM   130  S  SG  . CYS A 1 16  ? 12.254  9.295   4.759   1.00 48.68 ? 1194 CYS A SG  1 
ATOM   131  N  N   . GLY A 1 17  ? 15.852  12.313  3.992   1.00 50.95 ? 1195 GLY A N   1 
ATOM   132  C  CA  . GLY A 1 17  ? 16.774  12.996  3.098   1.00 54.07 ? 1195 GLY A CA  1 
ATOM   133  C  C   . GLY A 1 17  ? 17.160  14.350  3.639   1.00 56.14 ? 1195 GLY A C   1 
ATOM   134  O  O   . GLY A 1 17  ? 16.501  14.895  4.530   1.00 56.39 ? 1195 GLY A O   1 
ATOM   135  N  N   . GLN A 1 18  ? 18.253  14.884  3.114   1.00 58.45 ? 1196 GLN A N   1 
ATOM   136  C  CA  . GLN A 1 18  ? 18.680  16.222  3.493   1.00 60.64 ? 1196 GLN A CA  1 
ATOM   137  C  C   . GLN A 1 18  ? 18.825  17.093  2.255   1.00 61.40 ? 1196 GLN A C   1 
ATOM   138  O  O   . GLN A 1 18  ? 19.062  16.594  1.140   1.00 61.61 ? 1196 GLN A O   1 
ATOM   139  C  CB  . GLN A 1 18  ? 19.968  16.195  4.330   1.00 60.88 ? 1196 GLN A CB  1 
ATOM   140  C  CG  . GLN A 1 18  ? 19.724  16.217  5.868   1.00 63.44 ? 1196 GLN A CG  1 
ATOM   141  C  CD  . GLN A 1 18  ? 20.134  14.918  6.585   1.00 66.10 ? 1196 GLN A CD  1 
ATOM   142  O  OE1 . GLN A 1 18  ? 19.394  14.393  7.432   1.00 67.20 ? 1196 GLN A OE1 1 
ATOM   143  N  NE2 . GLN A 1 18  ? 21.321  14.408  6.254   1.00 66.17 ? 1196 GLN A NE2 1 
ATOM   144  N  N   . GLY A 1 19  ? 18.663  18.396  2.462   1.00 62.22 ? 1197 GLY A N   1 
ATOM   145  C  CA  . GLY A 1 19  ? 18.706  19.347  1.373   1.00 62.89 ? 1197 GLY A CA  1 
ATOM   146  C  C   . GLY A 1 19  ? 17.344  19.322  0.727   1.00 63.41 ? 1197 GLY A C   1 
ATOM   147  O  O   . GLY A 1 19  ? 16.321  19.398  1.420   1.00 64.17 ? 1197 GLY A O   1 
ATOM   148  N  N   . LYS A 1 20  ? 17.324  19.214  -0.600  1.00 63.24 ? 1198 LYS A N   1 
ATOM   149  C  CA  . LYS A 1 20  ? 16.068  19.213  -1.347  1.00 62.64 ? 1198 LYS A CA  1 
ATOM   150  C  C   . LYS A 1 20  ? 15.949  17.935  -2.168  1.00 61.61 ? 1198 LYS A C   1 
ATOM   151  O  O   . LYS A 1 20  ? 15.245  17.873  -3.182  1.00 61.71 ? 1198 LYS A O   1 
ATOM   152  C  CB  . LYS A 1 20  ? 15.901  20.499  -2.177  1.00 63.59 ? 1198 LYS A CB  1 
ATOM   153  C  CG  . LYS A 1 20  ? 15.589  21.758  -1.324  1.00 64.02 ? 1198 LYS A CG  1 
ATOM   154  C  CD  . LYS A 1 20  ? 16.834  22.299  -0.593  1.00 65.32 ? 1198 LYS A CD  1 
ATOM   155  C  CE  . LYS A 1 20  ? 16.511  23.468  0.337   1.00 66.18 ? 1198 LYS A CE  1 
ATOM   156  N  NZ  . LYS A 1 20  ? 15.787  23.086  1.602   1.00 67.36 ? 1198 LYS A NZ  1 
ATOM   157  N  N   . ASP A 1 21  ? 16.683  16.925  -1.709  1.00 59.92 ? 1199 ASP A N   1 
ATOM   158  C  CA  . ASP A 1 21  ? 16.283  15.535  -1.870  1.00 58.20 ? 1199 ASP A CA  1 
ATOM   159  C  C   . ASP A 1 21  ? 15.247  15.182  -0.779  1.00 55.84 ? 1199 ASP A C   1 
ATOM   160  O  O   . ASP A 1 21  ? 14.780  14.047  -0.719  1.00 55.91 ? 1199 ASP A O   1 
ATOM   161  C  CB  . ASP A 1 21  ? 17.497  14.604  -1.733  1.00 59.00 ? 1199 ASP A CB  1 
ATOM   162  C  CG  . ASP A 1 21  ? 18.278  14.446  -3.035  1.00 61.22 ? 1199 ASP A CG  1 
ATOM   163  O  OD1 . ASP A 1 21  ? 17.672  14.556  -4.132  1.00 63.22 ? 1199 ASP A OD1 1 
ATOM   164  O  OD2 . ASP A 1 21  ? 19.506  14.191  -2.953  1.00 63.68 ? 1199 ASP A OD2 1 
ATOM   165  N  N   . ALA A 1 22  ? 14.900  16.149  0.078   1.00 52.73 ? 1200 ALA A N   1 
ATOM   166  C  CA  . ALA A 1 22  ? 14.118  15.849  1.273   1.00 49.21 ? 1200 ALA A CA  1 
ATOM   167  C  C   . ALA A 1 22  ? 12.657  15.621  0.941   1.00 46.72 ? 1200 ALA A C   1 
ATOM   168  O  O   . ALA A 1 22  ? 12.015  16.421  0.262   1.00 46.88 ? 1200 ALA A O   1 
ATOM   169  C  CB  . ALA A 1 22  ? 14.274  16.922  2.317   1.00 49.84 ? 1200 ALA A CB  1 
ATOM   170  N  N   . HIS A 1 23  ? 12.132  14.512  1.428   1.00 43.14 ? 1201 HIS A N   1 
ATOM   171  C  CA  . HIS A 1 23  ? 10.809  14.100  1.040   1.00 39.76 ? 1201 HIS A CA  1 
ATOM   172  C  C   . HIS A 1 23  ? 10.179  13.314  2.175   1.00 37.84 ? 1201 HIS A C   1 
ATOM   173  O  O   . HIS A 1 23  ? 10.873  12.843  3.087   1.00 37.48 ? 1201 HIS A O   1 
ATOM   174  C  CB  . HIS A 1 23  ? 10.889  13.256  -0.226  1.00 39.08 ? 1201 HIS A CB  1 
ATOM   175  C  CG  . HIS A 1 23  ? 11.662  11.990  -0.050  1.00 39.00 ? 1201 HIS A CG  1 
ATOM   176  N  ND1 . HIS A 1 23  ? 11.062  10.786  0.266   1.00 38.18 ? 1201 HIS A ND1 1 
ATOM   177  C  CD2 . HIS A 1 23  ? 12.992  11.743  -0.105  1.00 38.91 ? 1201 HIS A CD2 1 
ATOM   178  C  CE1 . HIS A 1 23  ? 11.988  9.850   0.375   1.00 36.11 ? 1201 HIS A CE1 1 
ATOM   179  N  NE2 . HIS A 1 23  ? 13.167  10.403  0.150   1.00 38.27 ? 1201 HIS A NE2 1 
ATOM   180  N  N   . PHE A 1 24  ? 8.864   13.187  2.109   1.00 35.01 ? 1202 PHE A N   1 
ATOM   181  C  CA  . PHE A 1 24  ? 8.116   12.426  3.072   1.00 33.43 ? 1202 PHE A CA  1 
ATOM   182  C  C   . PHE A 1 24  ? 7.959   10.986  2.624   1.00 32.52 ? 1202 PHE A C   1 
ATOM   183  O  O   . PHE A 1 24  ? 7.808   10.698  1.431   1.00 32.45 ? 1202 PHE A O   1 
ATOM   184  C  CB  . PHE A 1 24  ? 6.768   13.083  3.329   1.00 33.14 ? 1202 PHE A CB  1 
ATOM   185  C  CG  . PHE A 1 24  ? 6.872   14.359  4.133   1.00 32.59 ? 1202 PHE A CG  1 
ATOM   186  C  CD1 . PHE A 1 24  ? 6.894   15.597  3.501   1.00 33.44 ? 1202 PHE A CD1 1 
ATOM   187  C  CD2 . PHE A 1 24  ? 6.967   14.313  5.509   1.00 31.62 ? 1202 PHE A CD2 1 
ATOM   188  C  CE1 . PHE A 1 24  ? 6.981   16.801  4.250   1.00 33.01 ? 1202 PHE A CE1 1 
ATOM   189  C  CE2 . PHE A 1 24  ? 7.063   15.491  6.258   1.00 33.98 ? 1202 PHE A CE2 1 
ATOM   190  C  CZ  . PHE A 1 24  ? 7.072   16.742  5.613   1.00 34.00 ? 1202 PHE A CZ  1 
ATOM   191  N  N   . GLU A 1 25  ? 8.054   10.094  3.595   1.00 31.32 ? 1203 GLU A N   1 
ATOM   192  C  CA  . GLU A 1 25  ? 7.781   8.680   3.409   1.00 30.67 ? 1203 GLU A CA  1 
ATOM   193  C  C   . GLU A 1 25  ? 6.706   8.275   4.400   1.00 29.53 ? 1203 GLU A C   1 
ATOM   194  O  O   . GLU A 1 25  ? 6.667   8.787   5.508   1.00 29.32 ? 1203 GLU A O   1 
ATOM   195  C  CB  . GLU A 1 25  ? 9.053   7.858   3.614   1.00 30.61 ? 1203 GLU A CB  1 
ATOM   196  C  CG  . GLU A 1 25  ? 10.063  8.132   2.478   1.00 34.13 ? 1203 GLU A CG  1 
ATOM   197  C  CD  . GLU A 1 25  ? 11.040  7.021   2.239   1.00 38.46 ? 1203 GLU A CD  1 
ATOM   198  O  OE1 . GLU A 1 25  ? 10.823  5.920   2.766   1.00 40.51 ? 1203 GLU A OE1 1 
ATOM   199  O  OE2 . GLU A 1 25  ? 12.035  7.246   1.511   1.00 42.76 ? 1203 GLU A OE2 1 
ATOM   200  N  N   . PHE A 1 26  ? 5.844   7.359   3.982   1.00 27.73 ? 1204 PHE A N   1 
ATOM   201  C  CA  . PHE A 1 26  ? 4.707   6.946   4.770   1.00 26.28 ? 1204 PHE A CA  1 
ATOM   202  C  C   . PHE A 1 26  ? 4.981   5.590   5.368   1.00 25.64 ? 1204 PHE A C   1 
ATOM   203  O  O   . PHE A 1 26  ? 5.485   4.693   4.685   1.00 24.25 ? 1204 PHE A O   1 
ATOM   204  C  CB  . PHE A 1 26  ? 3.420   6.992   3.908   1.00 25.48 ? 1204 PHE A CB  1 
ATOM   205  C  CG  . PHE A 1 26  ? 3.139   8.377   3.362   1.00 24.74 ? 1204 PHE A CG  1 
ATOM   206  C  CD1 . PHE A 1 26  ? 2.348   9.283   4.087   1.00 21.48 ? 1204 PHE A CD1 1 
ATOM   207  C  CD2 . PHE A 1 26  ? 3.732   8.803   2.181   1.00 23.92 ? 1204 PHE A CD2 1 
ATOM   208  C  CE1 . PHE A 1 26  ? 2.116   10.578  3.621   1.00 23.61 ? 1204 PHE A CE1 1 
ATOM   209  C  CE2 . PHE A 1 26  ? 3.499   10.106  1.693   1.00 23.92 ? 1204 PHE A CE2 1 
ATOM   210  C  CZ  . PHE A 1 26  ? 2.697   11.005  2.422   1.00 21.62 ? 1204 PHE A CZ  1 
ATOM   211  N  N   . GLU A 1 27  ? 4.666   5.475   6.657   1.00 24.63 ? 1205 GLU A N   1 
ATOM   212  C  CA  . GLU A 1 27  ? 4.911   4.268   7.422   1.00 25.58 ? 1205 GLU A CA  1 
ATOM   213  C  C   . GLU A 1 27  ? 3.701   3.367   7.275   1.00 25.06 ? 1205 GLU A C   1 
ATOM   214  O  O   . GLU A 1 27  ? 2.681   3.585   7.933   1.00 24.32 ? 1205 GLU A O   1 
ATOM   215  C  CB  . GLU A 1 27  ? 5.149   4.564   8.926   1.00 25.11 ? 1205 GLU A CB  1 
ATOM   216  C  CG  . GLU A 1 27  ? 5.649   3.321   9.669   1.00 26.32 ? 1205 GLU A CG  1 
ATOM   217  C  CD  . GLU A 1 27  ? 5.721   3.453   11.191  1.00 27.84 ? 1205 GLU A CD  1 
ATOM   218  O  OE1 . GLU A 1 27  ? 4.702   3.701   11.832  1.00 31.19 ? 1205 GLU A OE1 1 
ATOM   219  O  OE2 . GLU A 1 27  ? 6.799   3.239   11.762  1.00 32.04 ? 1205 GLU A OE2 1 
ATOM   220  N  N   . VAL A 1 28  ? 3.837   2.365   6.409   1.00 24.65 ? 1206 VAL A N   1 
ATOM   221  C  CA  . VAL A 1 28  ? 2.772   1.435   6.101   1.00 24.16 ? 1206 VAL A CA  1 
ATOM   222  C  C   . VAL A 1 28  ? 2.884   0.208   6.992   1.00 25.05 ? 1206 VAL A C   1 
ATOM   223  O  O   . VAL A 1 28  ? 3.864   -0.557  6.919   1.00 23.62 ? 1206 VAL A O   1 
ATOM   224  C  CB  . VAL A 1 28  ? 2.797   0.974   4.610   1.00 24.45 ? 1206 VAL A CB  1 
ATOM   225  C  CG1 . VAL A 1 28  ? 1.528   0.193   4.290   1.00 24.02 ? 1206 VAL A CG1 1 
ATOM   226  C  CG2 . VAL A 1 28  ? 2.936   2.169   3.641   1.00 23.73 ? 1206 VAL A CG2 1 
ATOM   227  N  N   . LYS A 1 29  ? 1.876   0.022   7.841   1.00 25.58 ? 1207 LYS A N   1 
ATOM   228  C  CA  . LYS A 1 29  ? 1.823   -1.147  8.691   1.00 27.07 ? 1207 LYS A CA  1 
ATOM   229  C  C   . LYS A 1 29  ? 0.824   -2.143  8.125   1.00 26.90 ? 1207 LYS A C   1 
ATOM   230  O  O   . LYS A 1 29  ? -0.343  -1.813  7.943   1.00 26.36 ? 1207 LYS A O   1 
ATOM   231  C  CB  . LYS A 1 29  ? 1.443   -0.760  10.121  1.00 27.30 ? 1207 LYS A CB  1 
ATOM   232  C  CG  . LYS A 1 29  ? 1.417   -1.968  11.077  1.00 31.12 ? 1207 LYS A CG  1 
ATOM   233  C  CD  . LYS A 1 29  ? 0.747   -1.586  12.383  1.00 37.63 ? 1207 LYS A CD  1 
ATOM   234  C  CE  . LYS A 1 29  ? 1.414   -2.244  13.567  1.00 42.19 ? 1207 LYS A CE  1 
ATOM   235  N  NZ  . LYS A 1 29  ? 1.098   -1.396  14.761  1.00 45.75 ? 1207 LYS A NZ  1 
ATOM   236  N  N   . ILE A 1 30  ? 1.293   -3.356  7.840   1.00 27.56 ? 1208 ILE A N   1 
ATOM   237  C  CA  . ILE A 1 30  ? 0.438   -4.386  7.243   1.00 29.32 ? 1208 ILE A CA  1 
ATOM   238  C  C   . ILE A 1 30  ? 0.446   -5.683  8.055   1.00 30.07 ? 1208 ILE A C   1 
ATOM   239  O  O   . ILE A 1 30  ? 1.496   -6.173  8.487   1.00 30.97 ? 1208 ILE A O   1 
ATOM   240  C  CB  . ILE A 1 30  ? 0.752   -4.636  5.715   1.00 29.30 ? 1208 ILE A CB  1 
ATOM   241  C  CG1 . ILE A 1 30  ? -0.022  -5.831  5.174   1.00 28.76 ? 1208 ILE A CG1 1 
ATOM   242  C  CG2 . ILE A 1 30  ? 2.231   -4.819  5.483   1.00 30.33 ? 1208 ILE A CG2 1 
ATOM   243  C  CD1 . ILE A 1 30  ? 0.047   -5.982  3.630   1.00 30.48 ? 1208 ILE A CD1 1 
ATOM   244  N  N   . THR A 1 31  ? -0.750  -6.211  8.260   1.00 30.09 ? 1209 THR A N   1 
ATOM   245  C  CA  . THR A 1 31  ? -0.960  -7.423  8.991   1.00 31.02 ? 1209 THR A CA  1 
ATOM   246  C  C   . THR A 1 31  ? -1.707  -8.364  8.058   1.00 31.08 ? 1209 THR A C   1 
ATOM   247  O  O   . THR A 1 31  ? -2.775  -8.036  7.550   1.00 31.17 ? 1209 THR A O   1 
ATOM   248  C  CB  . THR A 1 31  ? -1.749  -7.137  10.282  1.00 31.21 ? 1209 THR A CB  1 
ATOM   249  O  OG1 . THR A 1 31  ? -1.006  -6.207  11.084  1.00 31.70 ? 1209 THR A OG1 1 
ATOM   250  C  CG2 . THR A 1 31  ? -1.970  -8.408  11.085  1.00 33.33 ? 1209 THR A CG2 1 
ATOM   251  N  N   . VAL A 1 32  ? -1.101  -9.504  7.764   1.00 31.20 ? 1210 VAL A N   1 
ATOM   252  C  CA  . VAL A 1 32  ? -1.825  -10.549 7.076   1.00 31.83 ? 1210 VAL A CA  1 
ATOM   253  C  C   . VAL A 1 32  ? -1.914  -11.674 8.066   1.00 32.33 ? 1210 VAL A C   1 
ATOM   254  O  O   . VAL A 1 32  ? -0.886  -12.294 8.419   1.00 32.09 ? 1210 VAL A O   1 
ATOM   255  C  CB  . VAL A 1 32  ? -1.190  -10.981 5.720   1.00 31.89 ? 1210 VAL A CB  1 
ATOM   256  C  CG1 . VAL A 1 32  ? -0.769  -9.762  4.883   1.00 29.71 ? 1210 VAL A CG1 1 
ATOM   257  C  CG2 . VAL A 1 32  ? -0.009  -11.846 5.946   1.00 33.73 ? 1210 VAL A CG2 1 
ATOM   258  N  N   . LEU A 1 33  ? -3.134  -11.892 8.552   1.00 33.32 ? 1211 LEU A N   1 
ATOM   259  C  CA  . LEU A 1 33  ? -3.419  -12.905 9.568   1.00 35.12 ? 1211 LEU A CA  1 
ATOM   260  C  C   . LEU A 1 33  ? -2.481  -12.701 10.764  1.00 36.05 ? 1211 LEU A C   1 
ATOM   261  O  O   . LEU A 1 33  ? -2.524  -11.674 11.444  1.00 36.76 ? 1211 LEU A O   1 
ATOM   262  C  CB  . LEU A 1 33  ? -3.257  -14.318 8.971   1.00 34.57 ? 1211 LEU A CB  1 
ATOM   263  C  CG  . LEU A 1 33  ? -4.417  -15.150 8.382   1.00 36.32 ? 1211 LEU A CG  1 
ATOM   264  C  CD1 . LEU A 1 33  ? -5.740  -14.439 8.299   1.00 32.97 ? 1211 LEU A CD1 1 
ATOM   265  C  CD2 . LEU A 1 33  ? -4.040  -15.683 7.018   1.00 37.75 ? 1211 LEU A CD2 1 
ATOM   266  N  N   . ASP A 1 34  ? -1.617  -13.682 10.970  1.00 36.94 ? 1212 ASP A N   1 
ATOM   267  C  CA  . ASP A 1 34  ? -0.616  -13.704 12.016  1.00 38.55 ? 1212 ASP A CA  1 
ATOM   268  C  C   . ASP A 1 34  ? 0.574   -12.769 11.877  1.00 37.59 ? 1212 ASP A C   1 
ATOM   269  O  O   . ASP A 1 34  ? 1.201   -12.463 12.879  1.00 39.08 ? 1212 ASP A O   1 
ATOM   270  C  CB  . ASP A 1 34  ? -0.053  -15.129 12.110  1.00 39.81 ? 1212 ASP A CB  1 
ATOM   271  C  CG  . ASP A 1 34  ? -0.666  -15.896 13.218  1.00 44.09 ? 1212 ASP A CG  1 
ATOM   272  O  OD1 . ASP A 1 34  ? -1.291  -15.211 14.059  1.00 47.52 ? 1212 ASP A OD1 1 
ATOM   273  O  OD2 . ASP A 1 34  ? -0.535  -17.156 13.261  1.00 48.76 ? 1212 ASP A OD2 1 
ATOM   274  N  N   . GLU A 1 35  ? 0.928   -12.366 10.657  1.00 36.24 ? 1213 GLU A N   1 
ATOM   275  C  CA  . GLU A 1 35  ? 2.193   -11.666 10.412  1.00 34.45 ? 1213 GLU A CA  1 
ATOM   276  C  C   . GLU A 1 35  ? 1.990   -10.162 10.259  1.00 33.23 ? 1213 GLU A C   1 
ATOM   277  O  O   . GLU A 1 35  ? 1.133   -9.730  9.500   1.00 33.42 ? 1213 GLU A O   1 
ATOM   278  C  CB  . GLU A 1 35  ? 2.849   -12.211 9.148   1.00 34.05 ? 1213 GLU A CB  1 
ATOM   279  C  CG  . GLU A 1 35  ? 3.406   -13.630 9.271   1.00 35.98 ? 1213 GLU A CG  1 
ATOM   280  C  CD  . GLU A 1 35  ? 3.765   -14.238 7.920   1.00 35.94 ? 1213 GLU A CD  1 
ATOM   281  O  OE1 . GLU A 1 35  ? 2.853   -14.533 7.110   1.00 36.92 ? 1213 GLU A OE1 1 
ATOM   282  O  OE2 . GLU A 1 35  ? 4.963   -14.413 7.669   1.00 37.35 ? 1213 GLU A OE2 1 
ATOM   283  N  N   . THR A 1 36  ? 2.804   -9.377  10.955  1.00 31.20 ? 1214 THR A N   1 
ATOM   284  C  CA  . THR A 1 36  ? 2.770   -7.931  10.857  1.00 29.89 ? 1214 THR A CA  1 
ATOM   285  C  C   . THR A 1 36  ? 4.164   -7.454  10.477  1.00 28.28 ? 1214 THR A C   1 
ATOM   286  O  O   . THR A 1 36  ? 5.168   -8.012  10.956  1.00 28.10 ? 1214 THR A O   1 
ATOM   287  C  CB  . THR A 1 36  ? 2.298   -7.285  12.187  1.00 30.30 ? 1214 THR A CB  1 
ATOM   288  O  OG1 . THR A 1 36  ? 0.977   -7.767  12.487  1.00 33.44 ? 1214 THR A OG1 1 
ATOM   289  C  CG2 . THR A 1 36  ? 2.249   -5.763  12.071  1.00 30.03 ? 1214 THR A CG2 1 
ATOM   290  N  N   . TRP A 1 37  ? 4.226   -6.472  9.577   1.00 25.38 ? 1215 TRP A N   1 
ATOM   291  C  CA  . TRP A 1 37  ? 5.480   -5.826  9.217   1.00 24.08 ? 1215 TRP A CA  1 
ATOM   292  C  C   . TRP A 1 37  ? 5.212   -4.390  8.756   1.00 24.04 ? 1215 TRP A C   1 
ATOM   293  O  O   . TRP A 1 37  ? 4.069   -4.015  8.479   1.00 22.85 ? 1215 TRP A O   1 
ATOM   294  C  CB  . TRP A 1 37  ? 6.296   -6.643  8.176   1.00 23.71 ? 1215 TRP A CB  1 
ATOM   295  C  CG  . TRP A 1 37  ? 5.831   -6.659  6.744   1.00 23.36 ? 1215 TRP A CG  1 
ATOM   296  C  CD1 . TRP A 1 37  ? 6.432   -6.015  5.679   1.00 24.16 ? 1215 TRP A CD1 1 
ATOM   297  C  CD2 . TRP A 1 37  ? 4.710   -7.377  6.192   1.00 23.45 ? 1215 TRP A CD2 1 
ATOM   298  N  NE1 . TRP A 1 37  ? 5.736   -6.273  4.518   1.00 23.23 ? 1215 TRP A NE1 1 
ATOM   299  C  CE2 . TRP A 1 37  ? 4.682   -7.105  4.799   1.00 25.08 ? 1215 TRP A CE2 1 
ATOM   300  C  CE3 . TRP A 1 37  ? 3.717   -8.210  6.741   1.00 23.46 ? 1215 TRP A CE3 1 
ATOM   301  C  CZ2 . TRP A 1 37  ? 3.694   -7.640  3.936   1.00 24.72 ? 1215 TRP A CZ2 1 
ATOM   302  C  CZ3 . TRP A 1 37  ? 2.720   -8.727  5.886   1.00 24.09 ? 1215 TRP A CZ3 1 
ATOM   303  C  CH2 . TRP A 1 37  ? 2.726   -8.434  4.496   1.00 24.45 ? 1215 TRP A CH2 1 
ATOM   304  N  N   . THR A 1 38  ? 6.277   -3.615  8.654   1.00 23.90 ? 1216 THR A N   1 
ATOM   305  C  CA  . THR A 1 38  ? 6.171   -2.196  8.381   1.00 24.90 ? 1216 THR A CA  1 
ATOM   306  C  C   . THR A 1 38  ? 7.182   -1.809  7.326   1.00 24.77 ? 1216 THR A C   1 
ATOM   307  O  O   . THR A 1 38  ? 8.358   -2.144  7.450   1.00 25.33 ? 1216 THR A O   1 
ATOM   308  C  CB  . THR A 1 38  ? 6.444   -1.386  9.654   1.00 24.70 ? 1216 THR A CB  1 
ATOM   309  O  OG1 . THR A 1 38  ? 5.468   -1.723  10.643  1.00 27.58 ? 1216 THR A OG1 1 
ATOM   310  C  CG2 . THR A 1 38  ? 6.365   0.126   9.390   1.00 26.20 ? 1216 THR A CG2 1 
ATOM   311  N  N   . VAL A 1 39  ? 6.720   -1.086  6.305   1.00 24.67 ? 1217 VAL A N   1 
ATOM   312  C  CA  . VAL A 1 39  ? 7.585   -0.489  5.287   1.00 25.05 ? 1217 VAL A CA  1 
ATOM   313  C  C   . VAL A 1 39  ? 7.430   1.047   5.248   1.00 25.35 ? 1217 VAL A C   1 
ATOM   314  O  O   . VAL A 1 39  ? 6.368   1.574   5.566   1.00 25.72 ? 1217 VAL A O   1 
ATOM   315  C  CB  . VAL A 1 39  ? 7.350   -1.134  3.887   1.00 24.64 ? 1217 VAL A CB  1 
ATOM   316  C  CG1 . VAL A 1 39  ? 7.594   -2.650  3.973   1.00 25.73 ? 1217 VAL A CG1 1 
ATOM   317  C  CG2 . VAL A 1 39  ? 5.925   -0.907  3.399   1.00 24.49 ? 1217 VAL A CG2 1 
ATOM   318  N  N   . PHE A 1 40  ? 8.512   1.745   4.917   1.00 25.63 ? 1218 PHE A N   1 
ATOM   319  C  CA  . PHE A 1 40  ? 8.490   3.184   4.663   1.00 25.88 ? 1218 PHE A CA  1 
ATOM   320  C  C   . PHE A 1 40  ? 8.487   3.402   3.164   1.00 26.22 ? 1218 PHE A C   1 
ATOM   321  O  O   . PHE A 1 40  ? 9.383   2.914   2.472   1.00 26.95 ? 1218 PHE A O   1 
ATOM   322  C  CB  . PHE A 1 40  ? 9.706   3.862   5.282   1.00 25.82 ? 1218 PHE A CB  1 
ATOM   323  C  CG  . PHE A 1 40  ? 9.730   3.769   6.798   1.00 26.39 ? 1218 PHE A CG  1 
ATOM   324  C  CD1 . PHE A 1 40  ? 10.455  2.757   7.431   1.00 27.87 ? 1218 PHE A CD1 1 
ATOM   325  C  CD2 . PHE A 1 40  ? 8.999   4.650   7.569   1.00 26.06 ? 1218 PHE A CD2 1 
ATOM   326  C  CE1 . PHE A 1 40  ? 10.465  2.639   8.810   1.00 28.13 ? 1218 PHE A CE1 1 
ATOM   327  C  CE2 . PHE A 1 40  ? 9.008   4.553   8.953   1.00 27.17 ? 1218 PHE A CE2 1 
ATOM   328  C  CZ  . PHE A 1 40  ? 9.740   3.550   9.575   1.00 27.88 ? 1218 PHE A CZ  1 
ATOM   329  N  N   . ARG A 1 41  ? 7.474   4.108   2.662   1.00 25.24 ? 1219 ARG A N   1 
ATOM   330  C  CA  . ARG A 1 41  ? 7.298   4.311   1.223   1.00 24.83 ? 1219 ARG A CA  1 
ATOM   331  C  C   . ARG A 1 41  ? 6.898   5.746   0.916   1.00 25.10 ? 1219 ARG A C   1 
ATOM   332  O  O   . ARG A 1 41  ? 5.945   6.271   1.507   1.00 25.37 ? 1219 ARG A O   1 
ATOM   333  C  CB  . ARG A 1 41  ? 6.226   3.360   0.682   1.00 24.22 ? 1219 ARG A CB  1 
ATOM   334  C  CG  . ARG A 1 41  ? 6.595   1.862   0.789   1.00 25.17 ? 1219 ARG A CG  1 
ATOM   335  C  CD  . ARG A 1 41  ? 7.677   1.451   -0.225  1.00 24.39 ? 1219 ARG A CD  1 
ATOM   336  N  NE  . ARG A 1 41  ? 8.008   0.028   -0.115  1.00 24.34 ? 1219 ARG A NE  1 
ATOM   337  C  CZ  . ARG A 1 41  ? 8.966   -0.469  0.665   1.00 24.44 ? 1219 ARG A CZ  1 
ATOM   338  N  NH1 . ARG A 1 41  ? 9.736   0.320   1.411   1.00 22.12 ? 1219 ARG A NH1 1 
ATOM   339  N  NH2 . ARG A 1 41  ? 9.167   -1.773  0.689   1.00 23.21 ? 1219 ARG A NH2 1 
ATOM   340  N  N   . ARG A 1 42  ? 7.622   6.359   -0.016  1.00 24.72 ? 1220 ARG A N   1 
ATOM   341  C  CA  . ARG A 1 42  ? 7.295   7.673   -0.555  1.00 26.19 ? 1220 ARG A CA  1 
ATOM   342  C  C   . ARG A 1 42  ? 6.117   7.553   -1.556  1.00 25.54 ? 1220 ARG A C   1 
ATOM   343  O  O   . ARG A 1 42  ? 5.840   6.459   -2.049  1.00 24.31 ? 1220 ARG A O   1 
ATOM   344  C  CB  . ARG A 1 42  ? 8.528   8.287   -1.232  1.00 25.86 ? 1220 ARG A CB  1 
ATOM   345  C  CG  . ARG A 1 42  ? 8.988   7.528   -2.454  1.00 27.97 ? 1220 ARG A CG  1 
ATOM   346  C  CD  . ARG A 1 42  ? 10.300  8.126   -3.023  1.00 28.18 ? 1220 ARG A CD  1 
ATOM   347  N  NE  . ARG A 1 42  ? 10.141  9.554   -3.286  1.00 30.87 ? 1220 ARG A NE  1 
ATOM   348  C  CZ  . ARG A 1 42  ? 11.146  10.424  -3.365  1.00 32.72 ? 1220 ARG A CZ  1 
ATOM   349  N  NH1 . ARG A 1 42  ? 12.410  10.036  -3.190  1.00 31.73 ? 1220 ARG A NH1 1 
ATOM   350  N  NH2 . ARG A 1 42  ? 10.875  11.697  -3.583  1.00 32.67 ? 1220 ARG A NH2 1 
ATOM   351  N  N   . TYR A 1 43  ? 5.418   8.664   -1.801  1.00 24.36 ? 1221 TYR A N   1 
ATOM   352  C  CA  . TYR A 1 43  ? 4.254   8.712   -2.693  1.00 25.54 ? 1221 TYR A CA  1 
ATOM   353  C  C   . TYR A 1 43  ? 4.510   8.037   -4.040  1.00 26.77 ? 1221 TYR A C   1 
ATOM   354  O  O   . TYR A 1 43  ? 3.661   7.298   -4.546  1.00 25.94 ? 1221 TYR A O   1 
ATOM   355  C  CB  . TYR A 1 43  ? 3.862   10.181  -2.955  1.00 25.27 ? 1221 TYR A CB  1 
ATOM   356  C  CG  . TYR A 1 43  ? 2.713   10.371  -3.935  1.00 25.03 ? 1221 TYR A CG  1 
ATOM   357  C  CD1 . TYR A 1 43  ? 1.394   10.198  -3.530  1.00 22.63 ? 1221 TYR A CD1 1 
ATOM   358  C  CD2 . TYR A 1 43  ? 2.957   10.717  -5.271  1.00 24.81 ? 1221 TYR A CD2 1 
ATOM   359  C  CE1 . TYR A 1 43  ? 0.344   10.360  -4.416  1.00 23.92 ? 1221 TYR A CE1 1 
ATOM   360  C  CE2 . TYR A 1 43  ? 1.911   10.888  -6.175  1.00 22.98 ? 1221 TYR A CE2 1 
ATOM   361  C  CZ  . TYR A 1 43  ? 0.622   10.717  -5.754  1.00 25.49 ? 1221 TYR A CZ  1 
ATOM   362  O  OH  . TYR A 1 43  ? -0.398  10.904  -6.642  1.00 26.14 ? 1221 TYR A OH  1 
ATOM   363  N  N   . SER A 1 44  ? 5.684   8.335   -4.608  1.00 28.17 ? 1222 SER A N   1 
ATOM   364  C  CA  . SER A 1 44  ? 6.205   7.699   -5.829  1.00 30.48 ? 1222 SER A CA  1 
ATOM   365  C  C   . SER A 1 44  ? 6.050   6.201   -5.851  1.00 30.47 ? 1222 SER A C   1 
ATOM   366  O  O   . SER A 1 44  ? 5.609   5.648   -6.856  1.00 31.48 ? 1222 SER A O   1 
ATOM   367  C  CB  . SER A 1 44  ? 7.694   7.990   -5.977  1.00 29.94 ? 1222 SER A CB  1 
ATOM   368  O  OG  . SER A 1 44  ? 7.828   9.083   -6.824  1.00 37.17 ? 1222 SER A OG  1 
ATOM   369  N  N   . ARG A 1 45  ? 6.441   5.545   -4.760  1.00 29.76 ? 1223 ARG A N   1 
ATOM   370  C  CA  . ARG A 1 45  ? 6.357   4.075   -4.700  1.00 29.44 ? 1223 ARG A CA  1 
ATOM   371  C  C   . ARG A 1 45  ? 4.921   3.565   -4.767  1.00 28.67 ? 1223 ARG A C   1 
ATOM   372  O  O   . ARG A 1 45  ? 4.651   2.583   -5.463  1.00 28.72 ? 1223 ARG A O   1 
ATOM   373  C  CB  . ARG A 1 45  ? 7.069   3.529   -3.470  1.00 29.21 ? 1223 ARG A CB  1 
ATOM   374  C  CG  . ARG A 1 45  ? 8.572   3.823   -3.427  1.00 30.48 ? 1223 ARG A CG  1 
ATOM   375  C  CD  . ARG A 1 45  ? 9.382   2.903   -4.333  1.00 32.97 ? 1223 ARG A CD  1 
ATOM   376  N  NE  . ARG A 1 45  ? 9.018   1.480   -4.208  1.00 36.79 ? 1223 ARG A NE  1 
ATOM   377  C  CZ  . ARG A 1 45  ? 9.605   0.631   -3.365  1.00 37.12 ? 1223 ARG A CZ  1 
ATOM   378  N  NH1 . ARG A 1 45  ? 10.570  1.057   -2.563  1.00 34.69 ? 1223 ARG A NH1 1 
ATOM   379  N  NH2 . ARG A 1 45  ? 9.220   -0.641  -3.318  1.00 39.04 ? 1223 ARG A NH2 1 
ATOM   380  N  N   . PHE A 1 46  ? 4.006   4.206   -4.037  1.00 27.65 ? 1224 PHE A N   1 
ATOM   381  C  CA  . PHE A 1 46  ? 2.590   3.828   -4.093  1.00 27.60 ? 1224 PHE A CA  1 
ATOM   382  C  C   . PHE A 1 46  ? 2.062   3.928   -5.522  1.00 28.59 ? 1224 PHE A C   1 
ATOM   383  O  O   . PHE A 1 46  ? 1.322   3.053   -5.983  1.00 28.20 ? 1224 PHE A O   1 
ATOM   384  C  CB  . PHE A 1 46  ? 1.702   4.765   -3.249  1.00 26.67 ? 1224 PHE A CB  1 
ATOM   385  C  CG  . PHE A 1 46  ? 1.824   4.594   -1.760  1.00 25.18 ? 1224 PHE A CG  1 
ATOM   386  C  CD1 . PHE A 1 46  ? 2.953   5.040   -1.078  1.00 20.86 ? 1224 PHE A CD1 1 
ATOM   387  C  CD2 . PHE A 1 46  ? 0.777   4.027   -1.034  1.00 23.12 ? 1224 PHE A CD2 1 
ATOM   388  C  CE1 . PHE A 1 46  ? 3.029   4.943   0.319   1.00 24.94 ? 1224 PHE A CE1 1 
ATOM   389  C  CE2 . PHE A 1 46  ? 0.853   3.919   0.378   1.00 25.87 ? 1224 PHE A CE2 1 
ATOM   390  C  CZ  . PHE A 1 46  ? 1.976   4.379   1.041   1.00 23.88 ? 1224 PHE A CZ  1 
ATOM   391  N  N   . ARG A 1 47  ? 2.386   5.041   -6.181  1.00 29.78 ? 1225 ARG A N   1 
ATOM   392  C  CA  . ARG A 1 47  ? 1.934   5.290   -7.543  1.00 32.16 ? 1225 ARG A CA  1 
ATOM   393  C  C   . ARG A 1 47  ? 2.488   4.258   -8.516  1.00 32.81 ? 1225 ARG A C   1 
ATOM   394  O  O   . ARG A 1 47  ? 1.752   3.765   -9.360  1.00 32.84 ? 1225 ARG A O   1 
ATOM   395  C  CB  . ARG A 1 47  ? 2.311   6.712   -8.005  1.00 31.95 ? 1225 ARG A CB  1 
ATOM   396  C  CG  . ARG A 1 47  ? 1.778   7.078   -9.404  1.00 32.18 ? 1225 ARG A CG  1 
ATOM   397  C  CD  . ARG A 1 47  ? 2.245   8.475   -9.819  1.00 33.43 ? 1225 ARG A CD  1 
ATOM   398  N  NE  . ARG A 1 47  ? 3.699   8.596   -9.697  1.00 37.33 ? 1225 ARG A NE  1 
ATOM   399  C  CZ  . ARG A 1 47  ? 4.337   9.749   -9.522  1.00 38.51 ? 1225 ARG A CZ  1 
ATOM   400  N  NH1 . ARG A 1 47  ? 3.653   10.890  -9.472  1.00 38.56 ? 1225 ARG A NH1 1 
ATOM   401  N  NH2 . ARG A 1 47  ? 5.660   9.758   -9.396  1.00 38.05 ? 1225 ARG A NH2 1 
ATOM   402  N  N   . GLU A 1 48  ? 3.781   3.951   -8.411  1.00 34.44 ? 1226 GLU A N   1 
ATOM   403  C  CA  . GLU A 1 48  ? 4.370   2.920   -9.263  1.00 37.27 ? 1226 GLU A CA  1 
ATOM   404  C  C   . GLU A 1 48  ? 3.708   1.561   -9.043  1.00 38.20 ? 1226 GLU A C   1 
ATOM   405  O  O   . GLU A 1 48  ? 3.525   0.807   -9.988  1.00 38.08 ? 1226 GLU A O   1 
ATOM   406  C  CB  . GLU A 1 48  ? 5.880   2.822   -9.056  1.00 37.80 ? 1226 GLU A CB  1 
ATOM   407  C  CG  . GLU A 1 48  ? 6.667   3.905   -9.793  1.00 42.94 ? 1226 GLU A CG  1 
ATOM   408  C  CD  . GLU A 1 48  ? 6.304   3.998   -11.285 1.00 49.74 ? 1226 GLU A CD  1 
ATOM   409  O  OE1 . GLU A 1 48  ? 6.287   2.934   -11.965 1.00 52.05 ? 1226 GLU A OE1 1 
ATOM   410  O  OE2 . GLU A 1 48  ? 6.041   5.135   -11.771 1.00 52.04 ? 1226 GLU A OE2 1 
HETATM 411  N  N   . MSE A 1 49  ? 3.334   1.254   -7.801  1.00 39.03 ? 1227 MSE A N   1 
HETATM 412  C  CA  . MSE A 1 49  ? 2.617   0.024   -7.531  1.00 41.92 ? 1227 MSE A CA  1 
HETATM 413  C  C   . MSE A 1 49  ? 1.291   0.038   -8.262  1.00 40.03 ? 1227 MSE A C   1 
HETATM 414  O  O   . MSE A 1 49  ? 0.950   -0.925  -8.947  1.00 39.41 ? 1227 MSE A O   1 
HETATM 415  C  CB  . MSE A 1 49  ? 2.345   -0.166  -6.037  1.00 41.15 ? 1227 MSE A CB  1 
HETATM 416  C  CG  . MSE A 1 49  ? 1.558   -1.427  -5.752  1.00 42.91 ? 1227 MSE A CG  1 
HETATM 417  SE SE  . MSE A 1 49  ? 0.959   -1.625  -3.906  1.00 52.41 ? 1227 MSE A SE  1 
HETATM 418  C  CE  . MSE A 1 49  ? -0.692  -0.623  -4.070  1.00 48.59 ? 1227 MSE A CE  1 
ATOM   419  N  N   . HIS A 1 50  ? 0.535   1.123   -8.075  1.00 39.09 ? 1228 HIS A N   1 
ATOM   420  C  CA  . HIS A 1 50  ? -0.779  1.244   -8.664  1.00 39.03 ? 1228 HIS A CA  1 
ATOM   421  C  C   . HIS A 1 50  ? -0.694  1.047   -10.176 1.00 38.86 ? 1228 HIS A C   1 
ATOM   422  O  O   . HIS A 1 50  ? -1.408  0.235   -10.722 1.00 38.56 ? 1228 HIS A O   1 
ATOM   423  C  CB  . HIS A 1 50  ? -1.398  2.608   -8.365  1.00 38.57 ? 1228 HIS A CB  1 
ATOM   424  C  CG  . HIS A 1 50  ? -2.748  2.804   -8.985  1.00 38.10 ? 1228 HIS A CG  1 
ATOM   425  N  ND1 . HIS A 1 50  ? -3.894  2.210   -8.492  1.00 37.94 ? 1228 HIS A ND1 1 
ATOM   426  C  CD2 . HIS A 1 50  ? -3.136  3.539   -10.055 1.00 37.23 ? 1228 HIS A CD2 1 
ATOM   427  C  CE1 . HIS A 1 50  ? -4.929  2.579   -9.223  1.00 36.41 ? 1228 HIS A CE1 1 
ATOM   428  N  NE2 . HIS A 1 50  ? -4.496  3.385   -10.179 1.00 36.50 ? 1228 HIS A NE2 1 
ATOM   429  N  N   . LYS A 1 51  ? 0.202   1.782   -10.820 1.00 39.32 ? 1229 LYS A N   1 
ATOM   430  C  CA  . LYS A 1 51  ? 0.344   1.733   -12.276 1.00 40.46 ? 1229 LYS A CA  1 
ATOM   431  C  C   . LYS A 1 51  ? 0.654   0.312   -12.735 1.00 41.57 ? 1229 LYS A C   1 
ATOM   432  O  O   . LYS A 1 51  ? -0.031  -0.216  -13.615 1.00 41.45 ? 1229 LYS A O   1 
ATOM   433  C  CB  . LYS A 1 51  ? 1.429   2.698   -12.752 1.00 39.51 ? 1229 LYS A CB  1 
ATOM   434  C  CG  . LYS A 1 51  ? 1.022   4.182   -12.724 1.00 38.53 ? 1229 LYS A CG  1 
ATOM   435  C  CD  . LYS A 1 51  ? 2.261   5.096   -12.663 1.00 37.02 ? 1229 LYS A CD  1 
ATOM   436  C  CE  . LYS A 1 51  ? 3.118   4.962   -13.897 1.00 37.08 ? 1229 LYS A CE  1 
ATOM   437  N  NZ  . LYS A 1 51  ? 4.373   5.721   -13.757 1.00 36.89 ? 1229 LYS A NZ  1 
ATOM   438  N  N   . THR A 1 52  ? 1.670   -0.298  -12.116 1.00 43.20 ? 1230 THR A N   1 
ATOM   439  C  CA  . THR A 1 52  ? 2.105   -1.660  -12.447 1.00 44.80 ? 1230 THR A CA  1 
ATOM   440  C  C   . THR A 1 52  ? 1.000   -2.692  -12.299 1.00 45.85 ? 1230 THR A C   1 
ATOM   441  O  O   . THR A 1 52  ? 0.823   -3.546  -13.163 1.00 46.51 ? 1230 THR A O   1 
ATOM   442  C  CB  . THR A 1 52  ? 3.286   -2.075  -11.597 1.00 44.52 ? 1230 THR A CB  1 
ATOM   443  O  OG1 . THR A 1 52  ? 4.418   -1.288  -11.973 1.00 45.53 ? 1230 THR A OG1 1 
ATOM   444  C  CG2 . THR A 1 52  ? 3.609   -3.553  -11.794 1.00 45.69 ? 1230 THR A CG2 1 
ATOM   445  N  N   . LEU A 1 53  ? 0.247   -2.605  -11.210 1.00 47.02 ? 1231 LEU A N   1 
ATOM   446  C  CA  . LEU A 1 53  ? -0.761  -3.606  -10.924 1.00 48.15 ? 1231 LEU A CA  1 
ATOM   447  C  C   . LEU A 1 53  ? -2.071  -3.346  -11.659 1.00 49.40 ? 1231 LEU A C   1 
ATOM   448  O  O   . LEU A 1 53  ? -2.817  -4.282  -11.944 1.00 49.54 ? 1231 LEU A O   1 
ATOM   449  C  CB  . LEU A 1 53  ? -0.973  -3.745  -9.410  1.00 48.01 ? 1231 LEU A CB  1 
ATOM   450  C  CG  . LEU A 1 53  ? 0.213   -4.307  -8.616  1.00 47.21 ? 1231 LEU A CG  1 
ATOM   451  C  CD1 . LEU A 1 53  ? -0.100  -4.294  -7.160  1.00 46.98 ? 1231 LEU A CD1 1 
ATOM   452  C  CD2 . LEU A 1 53  ? 0.562   -5.723  -9.076  1.00 48.03 ? 1231 LEU A CD2 1 
ATOM   453  N  N   . LYS A 1 54  ? -2.345  -2.084  -11.963 1.00 51.04 ? 1232 LYS A N   1 
ATOM   454  C  CA  . LYS A 1 54  ? -3.575  -1.690  -12.655 1.00 53.09 ? 1232 LYS A CA  1 
ATOM   455  C  C   . LYS A 1 54  ? -3.633  -2.223  -14.084 1.00 53.99 ? 1232 LYS A C   1 
ATOM   456  O  O   . LYS A 1 54  ? -4.722  -2.450  -14.612 1.00 54.17 ? 1232 LYS A O   1 
ATOM   457  C  CB  . LYS A 1 54  ? -3.726  -0.166  -12.680 1.00 53.15 ? 1232 LYS A CB  1 
ATOM   458  C  CG  . LYS A 1 54  ? -5.128  0.321   -13.033 1.00 54.03 ? 1232 LYS A CG  1 
ATOM   459  C  CD  . LYS A 1 54  ? -5.204  1.836   -13.172 1.00 54.15 ? 1232 LYS A CD  1 
ATOM   460  C  CE  . LYS A 1 54  ? -4.570  2.320   -14.473 1.00 56.24 ? 1232 LYS A CE  1 
ATOM   461  N  NZ  . LYS A 1 54  ? -5.247  3.578   -14.943 1.00 57.88 ? 1232 LYS A NZ  1 
ATOM   462  N  N   . LEU A 1 55  ? -2.472  -2.403  -14.709 1.00 55.37 ? 1233 LEU A N   1 
ATOM   463  C  CA  . LEU A 1 55  ? -2.435  -3.002  -16.035 1.00 57.28 ? 1233 LEU A CA  1 
ATOM   464  C  C   . LEU A 1 55  ? -2.433  -4.538  -16.007 1.00 58.10 ? 1233 LEU A C   1 
ATOM   465  O  O   . LEU A 1 55  ? -2.772  -5.179  -17.012 1.00 58.30 ? 1233 LEU A O   1 
ATOM   466  C  CB  . LEU A 1 55  ? -1.320  -2.417  -16.927 1.00 57.19 ? 1233 LEU A CB  1 
ATOM   467  C  CG  . LEU A 1 55  ? 0.156   -2.240  -16.560 1.00 57.99 ? 1233 LEU A CG  1 
ATOM   468  C  CD1 . LEU A 1 55  ? 0.926   -3.567  -16.483 1.00 59.41 ? 1233 LEU A CD1 1 
ATOM   469  C  CD2 . LEU A 1 55  ? 0.811   -1.301  -17.585 1.00 57.76 ? 1233 LEU A CD2 1 
ATOM   470  N  N   . LYS A 1 56  ? -2.085  -5.125  -14.862 1.00 58.97 ? 1234 LYS A N   1 
ATOM   471  C  CA  . LYS A 1 56  ? -2.086  -6.583  -14.744 1.00 60.09 ? 1234 LYS A CA  1 
ATOM   472  C  C   . LYS A 1 56  ? -3.441  -7.112  -14.323 1.00 60.29 ? 1234 LYS A C   1 
ATOM   473  O  O   . LYS A 1 56  ? -3.821  -8.218  -14.701 1.00 60.53 ? 1234 LYS A O   1 
ATOM   474  C  CB  . LYS A 1 56  ? -1.006  -7.080  -13.783 1.00 59.93 ? 1234 LYS A CB  1 
ATOM   475  C  CG  . LYS A 1 56  ? -0.513  -8.490  -14.124 1.00 60.96 ? 1234 LYS A CG  1 
ATOM   476  C  CD  . LYS A 1 56  ? 0.293   -9.134  -12.992 1.00 61.07 ? 1234 LYS A CD  1 
ATOM   477  C  CE  . LYS A 1 56  ? 1.444   -8.251  -12.529 1.00 62.44 ? 1234 LYS A CE  1 
ATOM   478  N  NZ  . LYS A 1 56  ? 2.340   -8.950  -11.562 1.00 64.08 ? 1234 LYS A NZ  1 
ATOM   479  N  N   . TYR A 1 57  ? -4.161  -6.314  -13.542 1.00 60.83 ? 1235 TYR A N   1 
ATOM   480  C  CA  . TYR A 1 57  ? -5.469  -6.700  -13.020 1.00 61.37 ? 1235 TYR A CA  1 
ATOM   481  C  C   . TYR A 1 57  ? -6.489  -5.631  -13.350 1.00 61.82 ? 1235 TYR A C   1 
ATOM   482  O  O   . TYR A 1 57  ? -6.302  -4.461  -13.024 1.00 62.11 ? 1235 TYR A O   1 
ATOM   483  C  CB  . TYR A 1 57  ? -5.402  -6.949  -11.507 1.00 61.02 ? 1235 TYR A CB  1 
ATOM   484  C  CG  . TYR A 1 57  ? -4.269  -7.865  -11.108 1.00 60.75 ? 1235 TYR A CG  1 
ATOM   485  C  CD1 . TYR A 1 57  ? -4.299  -9.218  -11.427 1.00 60.81 ? 1235 TYR A CD1 1 
ATOM   486  C  CD2 . TYR A 1 57  ? -3.162  -7.377  -10.424 1.00 60.42 ? 1235 TYR A CD2 1 
ATOM   487  C  CE1 . TYR A 1 57  ? -3.252  -10.062 -11.070 1.00 60.98 ? 1235 TYR A CE1 1 
ATOM   488  C  CE2 . TYR A 1 57  ? -2.115  -8.211  -10.066 1.00 60.33 ? 1235 TYR A CE2 1 
ATOM   489  C  CZ  . TYR A 1 57  ? -2.167  -9.552  -10.387 1.00 60.79 ? 1235 TYR A CZ  1 
ATOM   490  O  OH  . TYR A 1 57  ? -1.133  -10.391 -10.029 1.00 61.07 ? 1235 TYR A OH  1 
ATOM   491  N  N   . ALA A 1 58  ? -7.565  -6.045  -14.008 1.00 62.57 ? 1236 ALA A N   1 
ATOM   492  C  CA  . ALA A 1 58  ? -8.558  -5.110  -14.536 1.00 62.91 ? 1236 ALA A CA  1 
ATOM   493  C  C   . ALA A 1 58  ? -9.467  -4.568  -13.449 1.00 62.97 ? 1236 ALA A C   1 
ATOM   494  O  O   . ALA A 1 58  ? -9.936  -3.430  -13.552 1.00 63.53 ? 1236 ALA A O   1 
ATOM   495  C  CB  . ALA A 1 58  ? -9.380  -5.764  -15.640 1.00 63.29 ? 1236 ALA A CB  1 
ATOM   496  N  N   . GLU A 1 59  ? -9.708  -5.372  -12.412 1.00 62.53 ? 1237 GLU A N   1 
ATOM   497  C  CA  . GLU A 1 59  ? -10.558 -4.958  -11.290 1.00 62.06 ? 1237 GLU A CA  1 
ATOM   498  C  C   . GLU A 1 59  ? -10.070 -3.687  -10.595 1.00 61.59 ? 1237 GLU A C   1 
ATOM   499  O  O   . GLU A 1 59  ? -10.819 -3.063  -9.843  1.00 61.73 ? 1237 GLU A O   1 
ATOM   500  C  CB  . GLU A 1 59  ? -10.746 -6.090  -10.273 1.00 62.38 ? 1237 GLU A CB  1 
ATOM   501  C  CG  . GLU A 1 59  ? -9.478  -6.799  -9.835  1.00 62.72 ? 1237 GLU A CG  1 
ATOM   502  C  CD  . GLU A 1 59  ? -9.146  -7.991  -10.708 1.00 63.58 ? 1237 GLU A CD  1 
ATOM   503  O  OE1 . GLU A 1 59  ? -8.640  -7.790  -11.832 1.00 64.02 ? 1237 GLU A OE1 1 
ATOM   504  O  OE2 . GLU A 1 59  ? -9.382  -9.130  -10.262 1.00 64.10 ? 1237 GLU A OE2 1 
ATOM   505  N  N   . LEU A 1 60  ? -8.820  -3.318  -10.872 1.00 60.93 ? 1238 LEU A N   1 
ATOM   506  C  CA  . LEU A 1 60  ? -8.190  -2.128  -10.322 1.00 60.40 ? 1238 LEU A CA  1 
ATOM   507  C  C   . LEU A 1 60  ? -8.417  -0.864  -11.169 1.00 60.19 ? 1238 LEU A C   1 
ATOM   508  O  O   . LEU A 1 60  ? -7.937  0.212   -10.814 1.00 60.42 ? 1238 LEU A O   1 
ATOM   509  C  CB  . LEU A 1 60  ? -6.688  -2.370  -10.118 1.00 60.22 ? 1238 LEU A CB  1 
ATOM   510  C  CG  . LEU A 1 60  ? -6.254  -3.369  -9.042  1.00 59.93 ? 1238 LEU A CG  1 
ATOM   511  C  CD1 . LEU A 1 60  ? -4.763  -3.642  -9.131  1.00 59.32 ? 1238 LEU A CD1 1 
ATOM   512  C  CD2 . LEU A 1 60  ? -6.617  -2.859  -7.677  1.00 59.43 ? 1238 LEU A CD2 1 
ATOM   513  N  N   . ALA A 1 61  ? -9.141  -0.997  -12.280 1.00 59.88 ? 1239 ALA A N   1 
ATOM   514  C  CA  . ALA A 1 61  ? -9.583  0.164   -13.085 1.00 59.29 ? 1239 ALA A CA  1 
ATOM   515  C  C   . ALA A 1 61  ? -10.592 1.065   -12.353 1.00 58.43 ? 1239 ALA A C   1 
ATOM   516  O  O   . ALA A 1 61  ? -10.628 2.276   -12.575 1.00 58.61 ? 1239 ALA A O   1 
ATOM   517  C  CB  . ALA A 1 61  ? -10.159 -0.299  -14.421 1.00 59.53 ? 1239 ALA A CB  1 
ATOM   518  N  N   . ALA A 1 62  ? -11.406 0.474   -11.487 1.00 57.08 ? 1240 ALA A N   1 
ATOM   519  C  CA  . ALA A 1 62  ? -12.359 1.236   -10.689 1.00 56.00 ? 1240 ALA A CA  1 
ATOM   520  C  C   . ALA A 1 62  ? -11.699 2.037   -9.548  1.00 55.11 ? 1240 ALA A C   1 
ATOM   521  O  O   . ALA A 1 62  ? -12.332 2.917   -8.950  1.00 55.29 ? 1240 ALA A O   1 
ATOM   522  C  CB  . ALA A 1 62  ? -13.443 0.303   -10.133 1.00 56.26 ? 1240 ALA A CB  1 
ATOM   523  N  N   . LEU A 1 63  ? -10.446 1.720   -9.223  1.00 53.68 ? 1241 LEU A N   1 
ATOM   524  C  CA  . LEU A 1 63  ? -9.749  2.413   -8.134  1.00 51.65 ? 1241 LEU A CA  1 
ATOM   525  C  C   . LEU A 1 63  ? -9.185  3.732   -8.600  1.00 50.08 ? 1241 LEU A C   1 
ATOM   526  O  O   . LEU A 1 63  ? -8.485  3.787   -9.618  1.00 50.46 ? 1241 LEU A O   1 
ATOM   527  C  CB  . LEU A 1 63  ? -8.617  1.561   -7.554  1.00 51.79 ? 1241 LEU A CB  1 
ATOM   528  C  CG  . LEU A 1 63  ? -8.915  0.709   -6.320  1.00 51.74 ? 1241 LEU A CG  1 
ATOM   529  C  CD1 . LEU A 1 63  ? -7.629  0.091   -5.802  1.00 49.11 ? 1241 LEU A CD1 1 
ATOM   530  C  CD2 . LEU A 1 63  ? -9.578  1.547   -5.252  1.00 51.46 ? 1241 LEU A CD2 1 
ATOM   531  N  N   . GLU A 1 64  ? -9.476  4.793   -7.861  1.00 48.10 ? 1242 GLU A N   1 
ATOM   532  C  CA  . GLU A 1 64  ? -8.876  6.086   -8.164  1.00 46.76 ? 1242 GLU A CA  1 
ATOM   533  C  C   . GLU A 1 64  ? -7.688  6.370   -7.234  1.00 44.63 ? 1242 GLU A C   1 
ATOM   534  O  O   . GLU A 1 64  ? -7.845  6.474   -6.017  1.00 44.47 ? 1242 GLU A O   1 
ATOM   535  C  CB  . GLU A 1 64  ? -9.901  7.221   -8.092  1.00 47.41 ? 1242 GLU A CB  1 
ATOM   536  C  CG  . GLU A 1 64  ? -9.450  8.491   -8.849  1.00 51.11 ? 1242 GLU A CG  1 
ATOM   537  C  CD  . GLU A 1 64  ? -9.736  9.795   -8.097  1.00 55.78 ? 1242 GLU A CD  1 
ATOM   538  O  OE1 . GLU A 1 64  ? -10.657 9.809   -7.242  1.00 58.48 ? 1242 GLU A OE1 1 
ATOM   539  O  OE2 . GLU A 1 64  ? -9.041  10.810  -8.362  1.00 56.40 ? 1242 GLU A OE2 1 
ATOM   540  N  N   . PHE A 1 65  ? -6.504  6.502   -7.824  1.00 41.79 ? 1243 PHE A N   1 
ATOM   541  C  CA  . PHE A 1 65  ? -5.312  6.796   -7.054  1.00 38.76 ? 1243 PHE A CA  1 
ATOM   542  C  C   . PHE A 1 65  ? -5.221  8.300   -6.717  1.00 38.14 ? 1243 PHE A C   1 
ATOM   543  O  O   . PHE A 1 65  ? -5.428  9.134   -7.590  1.00 37.96 ? 1243 PHE A O   1 
ATOM   544  C  CB  . PHE A 1 65  ? -4.062  6.313   -7.802  1.00 37.69 ? 1243 PHE A CB  1 
ATOM   545  C  CG  . PHE A 1 65  ? -2.799  6.437   -6.993  1.00 34.25 ? 1243 PHE A CG  1 
ATOM   546  C  CD1 . PHE A 1 65  ? -2.506  5.514   -5.990  1.00 31.05 ? 1243 PHE A CD1 1 
ATOM   547  C  CD2 . PHE A 1 65  ? -1.933  7.486   -7.209  1.00 32.31 ? 1243 PHE A CD2 1 
ATOM   548  C  CE1 . PHE A 1 65  ? -1.363  5.634   -5.228  1.00 28.92 ? 1243 PHE A CE1 1 
ATOM   549  C  CE2 . PHE A 1 65  ? -0.773  7.622   -6.440  1.00 30.76 ? 1243 PHE A CE2 1 
ATOM   550  C  CZ  . PHE A 1 65  ? -0.493  6.694   -5.450  1.00 31.60 ? 1243 PHE A CZ  1 
ATOM   551  N  N   . PRO A 1 66  ? -4.908  8.648   -5.443  1.00 37.49 ? 1244 PRO A N   1 
ATOM   552  C  CA  . PRO A 1 66  ? -4.870  10.079  -5.092  1.00 36.42 ? 1244 PRO A CA  1 
ATOM   553  C  C   . PRO A 1 66  ? -3.781  10.854  -5.821  1.00 35.74 ? 1244 PRO A C   1 
ATOM   554  O  O   . PRO A 1 66  ? -2.611  10.449  -5.764  1.00 35.49 ? 1244 PRO A O   1 
ATOM   555  C  CB  . PRO A 1 66  ? -4.628  10.087  -3.574  1.00 36.43 ? 1244 PRO A CB  1 
ATOM   556  C  CG  . PRO A 1 66  ? -4.221  8.702   -3.210  1.00 36.83 ? 1244 PRO A CG  1 
ATOM   557  C  CD  . PRO A 1 66  ? -4.627  7.763   -4.288  1.00 36.63 ? 1244 PRO A CD  1 
ATOM   558  N  N   . PRO A 1 67  ? -4.165  11.960  -6.513  1.00 34.66 ? 1245 PRO A N   1 
ATOM   559  C  CA  . PRO A 1 67  ? -3.220  12.801  -7.242  1.00 34.38 ? 1245 PRO A CA  1 
ATOM   560  C  C   . PRO A 1 67  ? -2.406  13.666  -6.330  1.00 33.83 ? 1245 PRO A C   1 
ATOM   561  O  O   . PRO A 1 67  ? -2.754  13.858  -5.165  1.00 34.66 ? 1245 PRO A O   1 
ATOM   562  C  CB  . PRO A 1 67  ? -4.112  13.697  -8.117  1.00 34.37 ? 1245 PRO A CB  1 
ATOM   563  C  CG  . PRO A 1 67  ? -5.501  13.174  -7.979  1.00 35.38 ? 1245 PRO A CG  1 
ATOM   564  C  CD  . PRO A 1 67  ? -5.536  12.474  -6.643  1.00 35.00 ? 1245 PRO A CD  1 
ATOM   565  N  N   . LYS A 1 68  ? -1.325  14.180  -6.884  1.00 33.60 ? 1246 LYS A N   1 
ATOM   566  C  CA  . LYS A 1 68  ? -0.389  15.040  -6.208  1.00 33.68 ? 1246 LYS A CA  1 
ATOM   567  C  C   . LYS A 1 68  ? -0.301  16.327  -7.019  1.00 33.99 ? 1246 LYS A C   1 
ATOM   568  O  O   . LYS A 1 68  ? 0.030   16.292  -8.218  1.00 33.54 ? 1246 LYS A O   1 
ATOM   569  C  CB  . LYS A 1 68  ? 0.982   14.380  -6.158  1.00 33.03 ? 1246 LYS A CB  1 
ATOM   570  C  CG  . LYS A 1 68  ? 2.075   15.219  -5.504  1.00 34.79 ? 1246 LYS A CG  1 
ATOM   571  C  CD  . LYS A 1 68  ? 3.173   14.329  -4.931  1.00 35.79 ? 1246 LYS A CD  1 
ATOM   572  C  CE  . LYS A 1 68  ? 4.412   15.112  -4.602  1.00 38.12 ? 1246 LYS A CE  1 
ATOM   573  N  NZ  . LYS A 1 68  ? 5.233   14.378  -3.581  1.00 40.92 ? 1246 LYS A NZ  1 
ATOM   574  N  N   . LYS A 1 69  ? -0.605  17.447  -6.358  1.00 33.91 ? 1247 LYS A N   1 
ATOM   575  C  CA  . LYS A 1 69  ? -0.554  18.752  -7.006  1.00 34.12 ? 1247 LYS A CA  1 
ATOM   576  C  C   . LYS A 1 69  ? 0.891   19.119  -7.271  1.00 34.44 ? 1247 LYS A C   1 
ATOM   577  O  O   . LYS A 1 69  ? 1.804   18.628  -6.580  1.00 34.45 ? 1247 LYS A O   1 
ATOM   578  C  CB  . LYS A 1 69  ? -1.210  19.822  -6.143  1.00 33.67 ? 1247 LYS A CB  1 
ATOM   579  C  CG  . LYS A 1 69  ? -2.693  19.658  -5.875  1.00 35.11 ? 1247 LYS A CG  1 
ATOM   580  C  CD  . LYS A 1 69  ? -3.196  20.896  -5.152  1.00 39.42 ? 1247 LYS A CD  1 
ATOM   581  C  CE  . LYS A 1 69  ? -4.344  20.613  -4.193  1.00 43.20 ? 1247 LYS A CE  1 
ATOM   582  N  NZ  . LYS A 1 69  ? -5.602  20.221  -4.880  1.00 46.72 ? 1247 LYS A NZ  1 
ATOM   583  N  N   . LEU A 1 70  ? 1.105   19.978  -8.267  1.00 35.03 ? 1248 LEU A N   1 
ATOM   584  C  CA  . LEU A 1 70  ? 2.452   20.448  -8.592  1.00 36.10 ? 1248 LEU A CA  1 
ATOM   585  C  C   . LEU A 1 70  ? 3.074   21.242  -7.445  1.00 36.96 ? 1248 LEU A C   1 
ATOM   586  O  O   . LEU A 1 70  ? 4.217   20.993  -7.051  1.00 37.52 ? 1248 LEU A O   1 
ATOM   587  C  CB  . LEU A 1 70  ? 2.471   21.280  -9.882  1.00 35.67 ? 1248 LEU A CB  1 
ATOM   588  C  CG  . LEU A 1 70  ? 3.837   21.841  -10.309 1.00 35.71 ? 1248 LEU A CG  1 
ATOM   589  C  CD1 . LEU A 1 70  ? 4.872   20.744  -10.590 1.00 32.43 ? 1248 LEU A CD1 1 
ATOM   590  C  CD2 . LEU A 1 70  ? 3.683   22.736  -11.539 1.00 36.47 ? 1248 LEU A CD2 1 
ATOM   591  N  N   . PHE A 1 71  ? 2.332   22.199  -6.904  1.00 37.94 ? 1249 PHE A N   1 
ATOM   592  C  CA  . PHE A 1 71  ? 2.874   22.985  -5.796  1.00 38.85 ? 1249 PHE A CA  1 
ATOM   593  C  C   . PHE A 1 71  ? 2.194   22.662  -4.474  1.00 38.88 ? 1249 PHE A C   1 
ATOM   594  O  O   . PHE A 1 71  ? 1.066   22.160  -4.448  1.00 39.32 ? 1249 PHE A O   1 
ATOM   595  C  CB  . PHE A 1 71  ? 2.789   24.484  -6.099  1.00 39.53 ? 1249 PHE A CB  1 
ATOM   596  C  CG  . PHE A 1 71  ? 3.616   24.905  -7.288  1.00 40.58 ? 1249 PHE A CG  1 
ATOM   597  C  CD1 . PHE A 1 71  ? 5.004   24.874  -7.234  1.00 41.40 ? 1249 PHE A CD1 1 
ATOM   598  C  CD2 . PHE A 1 71  ? 3.002   25.327  -8.460  1.00 40.68 ? 1249 PHE A CD2 1 
ATOM   599  C  CE1 . PHE A 1 71  ? 5.768   25.262  -8.339  1.00 43.67 ? 1249 PHE A CE1 1 
ATOM   600  C  CE2 . PHE A 1 71  ? 3.750   25.718  -9.560  1.00 42.82 ? 1249 PHE A CE2 1 
ATOM   601  C  CZ  . PHE A 1 71  ? 5.131   25.687  -9.505  1.00 42.46 ? 1249 PHE A CZ  1 
ATOM   602  N  N   . GLY A 1 72  ? 2.907   22.928  -3.386  1.00 39.41 ? 1250 GLY A N   1 
ATOM   603  C  CA  . GLY A 1 72  ? 2.324   22.920  -2.040  1.00 39.49 ? 1250 GLY A CA  1 
ATOM   604  C  C   . GLY A 1 72  ? 2.600   21.705  -1.176  1.00 39.44 ? 1250 GLY A C   1 
ATOM   605  O  O   . GLY A 1 72  ? 2.021   21.574  -0.094  1.00 40.20 ? 1250 GLY A O   1 
ATOM   606  N  N   . ASN A 1 73  ? 3.478   20.818  -1.631  1.00 38.96 ? 1251 ASN A N   1 
ATOM   607  C  CA  . ASN A 1 73  ? 3.745   19.575  -0.904  1.00 38.41 ? 1251 ASN A CA  1 
ATOM   608  C  C   . ASN A 1 73  ? 4.796   19.690  0.201   1.00 38.34 ? 1251 ASN A C   1 
ATOM   609  O  O   . ASN A 1 73  ? 5.279   18.667  0.723   1.00 38.35 ? 1251 ASN A O   1 
ATOM   610  C  CB  . ASN A 1 73  ? 4.083   18.449  -1.880  1.00 38.21 ? 1251 ASN A CB  1 
ATOM   611  C  CG  . ASN A 1 73  ? 2.930   18.147  -2.817  1.00 37.80 ? 1251 ASN A CG  1 
ATOM   612  O  OD1 . ASN A 1 73  ? 1.905   17.611  -2.406  1.00 37.11 ? 1251 ASN A OD1 1 
ATOM   613  N  ND2 . ASN A 1 73  ? 3.079   18.525  -4.080  1.00 37.52 ? 1251 ASN A ND2 1 
ATOM   614  N  N   . LYS A 1 74  ? 5.164   20.922  0.547   1.00 37.73 ? 1252 LYS A N   1 
ATOM   615  C  CA  . LYS A 1 74  ? 6.004   21.136  1.734   1.00 38.37 ? 1252 LYS A CA  1 
ATOM   616  C  C   . LYS A 1 74  ? 5.149   21.501  2.961   1.00 37.28 ? 1252 LYS A C   1 
ATOM   617  O  O   . LYS A 1 74  ? 5.656   21.555  4.075   1.00 37.26 ? 1252 LYS A O   1 
ATOM   618  C  CB  . LYS A 1 74  ? 7.115   22.170  1.473   1.00 38.71 ? 1252 LYS A CB  1 
ATOM   619  C  CG  . LYS A 1 74  ? 8.124   21.707  0.419   1.00 42.02 ? 1252 LYS A CG  1 
ATOM   620  C  CD  . LYS A 1 74  ? 9.493   22.360  0.550   1.00 46.51 ? 1252 LYS A CD  1 
ATOM   621  C  CE  . LYS A 1 74  ? 9.696   23.429  -0.533  1.00 51.27 ? 1252 LYS A CE  1 
ATOM   622  N  NZ  . LYS A 1 74  ? 10.996  24.180  -0.374  1.00 54.12 ? 1252 LYS A NZ  1 
ATOM   623  N  N   . ASP A 1 75  ? 3.852   21.723  2.737   1.00 36.42 ? 1253 ASP A N   1 
ATOM   624  C  CA  . ASP A 1 75  ? 2.875   21.950  3.806   1.00 35.26 ? 1253 ASP A CA  1 
ATOM   625  C  C   . ASP A 1 75  ? 2.479   20.618  4.470   1.00 34.43 ? 1253 ASP A C   1 
ATOM   626  O  O   . ASP A 1 75  ? 1.903   19.739  3.817   1.00 33.63 ? 1253 ASP A O   1 
ATOM   627  C  CB  . ASP A 1 75  ? 1.634   22.627  3.229   1.00 35.60 ? 1253 ASP A CB  1 
ATOM   628  C  CG  . ASP A 1 75  ? 0.742   23.242  4.308   1.00 37.05 ? 1253 ASP A CG  1 
ATOM   629  O  OD1 . ASP A 1 75  ? 0.199   22.494  5.135   1.00 36.38 ? 1253 ASP A OD1 1 
ATOM   630  O  OD2 . ASP A 1 75  ? 0.578   24.485  4.324   1.00 39.60 ? 1253 ASP A OD2 1 
ATOM   631  N  N   . GLU A 1 76  ? 2.767   20.474  5.763   1.00 33.23 ? 1254 GLU A N   1 
ATOM   632  C  CA  . GLU A 1 76  ? 2.456   19.228  6.480   1.00 33.08 ? 1254 GLU A CA  1 
ATOM   633  C  C   . GLU A 1 76  ? 0.974   18.844  6.447   1.00 32.07 ? 1254 GLU A C   1 
ATOM   634  O  O   . GLU A 1 76  ? 0.638   17.656  6.534   1.00 31.91 ? 1254 GLU A O   1 
ATOM   635  C  CB  . GLU A 1 76  ? 2.963   19.267  7.917   1.00 33.74 ? 1254 GLU A CB  1 
ATOM   636  C  CG  . GLU A 1 76  ? 4.454   19.044  8.054   1.00 37.64 ? 1254 GLU A CG  1 
ATOM   637  C  CD  . GLU A 1 76  ? 4.869   18.980  9.509   1.00 45.01 ? 1254 GLU A CD  1 
ATOM   638  O  OE1 . GLU A 1 76  ? 4.399   18.050  10.221  1.00 47.16 ? 1254 GLU A OE1 1 
ATOM   639  O  OE2 . GLU A 1 76  ? 5.649   19.866  9.936   1.00 46.85 ? 1254 GLU A OE2 1 
ATOM   640  N  N   . ARG A 1 77  ? 0.099   19.835  6.306   1.00 29.83 ? 1255 ARG A N   1 
ATOM   641  C  CA  . ARG A 1 77  ? -1.332  19.557  6.242   1.00 29.58 ? 1255 ARG A CA  1 
ATOM   642  C  C   . ARG A 1 77  ? -1.704  18.821  4.969   1.00 28.60 ? 1255 ARG A C   1 
ATOM   643  O  O   . ARG A 1 77  ? -2.579  17.974  4.978   1.00 28.81 ? 1255 ARG A O   1 
ATOM   644  C  CB  . ARG A 1 77  ? -2.148  20.837  6.355   1.00 29.20 ? 1255 ARG A CB  1 
ATOM   645  C  CG  . ARG A 1 77  ? -2.151  21.459  7.755   1.00 30.37 ? 1255 ARG A CG  1 
ATOM   646  C  CD  . ARG A 1 77  ? -2.775  22.856  7.690   1.00 29.99 ? 1255 ARG A CD  1 
ATOM   647  N  NE  . ARG A 1 77  ? -1.881  23.739  6.955   1.00 33.80 ? 1255 ARG A NE  1 
ATOM   648  C  CZ  . ARG A 1 77  ? -2.022  25.061  6.852   1.00 37.33 ? 1255 ARG A CZ  1 
ATOM   649  N  NH1 . ARG A 1 77  ? -3.049  25.678  7.431   1.00 35.85 ? 1255 ARG A NH1 1 
ATOM   650  N  NH2 . ARG A 1 77  ? -1.118  25.770  6.173   1.00 39.44 ? 1255 ARG A NH2 1 
ATOM   651  N  N   . VAL A 1 78  ? -1.055  19.194  3.876   1.00 27.58 ? 1256 VAL A N   1 
ATOM   652  C  CA  . VAL A 1 78  ? -1.103  18.459  2.624   1.00 26.95 ? 1256 VAL A CA  1 
ATOM   653  C  C   . VAL A 1 78  ? -0.612  17.028  2.805   1.00 25.99 ? 1256 VAL A C   1 
ATOM   654  O  O   . VAL A 1 78  ? -1.257  16.088  2.365   1.00 25.80 ? 1256 VAL A O   1 
ATOM   655  C  CB  . VAL A 1 78  ? -0.285  19.215  1.520   1.00 27.15 ? 1256 VAL A CB  1 
ATOM   656  C  CG1 . VAL A 1 78  ? -0.018  18.322  0.308   1.00 26.13 ? 1256 VAL A CG1 1 
ATOM   657  C  CG2 . VAL A 1 78  ? -1.043  20.476  1.108   1.00 26.30 ? 1256 VAL A CG2 1 
ATOM   658  N  N   . ILE A 1 79  ? 0.529   16.875  3.473   1.00 25.84 ? 1257 ILE A N   1 
ATOM   659  C  CA  . ILE A 1 79  ? 1.103   15.571  3.703   1.00 25.41 ? 1257 ILE A CA  1 
ATOM   660  C  C   . ILE A 1 79  ? 0.196   14.723  4.586   1.00 25.42 ? 1257 ILE A C   1 
ATOM   661  O  O   . ILE A 1 79  ? 0.007   13.534  4.318   1.00 25.41 ? 1257 ILE A O   1 
ATOM   662  C  CB  . ILE A 1 79  ? 2.541   15.678  4.278   1.00 25.69 ? 1257 ILE A CB  1 
ATOM   663  C  CG1 . ILE A 1 79  ? 3.437   16.510  3.349   1.00 25.22 ? 1257 ILE A CG1 1 
ATOM   664  C  CG2 . ILE A 1 79  ? 3.137   14.279  4.492   1.00 27.29 ? 1257 ILE A CG2 1 
ATOM   665  C  CD1 . ILE A 1 79  ? 3.602   15.919  1.913   1.00 24.59 ? 1257 ILE A CD1 1 
ATOM   666  N  N   . ALA A 1 80  ? -0.386  15.335  5.622   1.00 24.37 ? 1258 ALA A N   1 
ATOM   667  C  CA  . ALA A 1 80  ? -1.312  14.630  6.501   1.00 24.25 ? 1258 ALA A CA  1 
ATOM   668  C  C   . ALA A 1 80  ? -2.552  14.154  5.746   1.00 24.36 ? 1258 ALA A C   1 
ATOM   669  O  O   . ALA A 1 80  ? -3.038  13.047  5.977   1.00 23.63 ? 1258 ALA A O   1 
ATOM   670  C  CB  . ALA A 1 80  ? -1.716  15.525  7.699   1.00 23.73 ? 1258 ALA A CB  1 
ATOM   671  N  N   . GLU A 1 81  ? -3.102  15.008  4.882   1.00 24.65 ? 1259 GLU A N   1 
ATOM   672  C  CA  . GLU A 1 81  ? -4.233  14.580  4.050   1.00 26.08 ? 1259 GLU A CA  1 
ATOM   673  C  C   . GLU A 1 81  ? -3.797  13.442  3.133   1.00 25.61 ? 1259 GLU A C   1 
ATOM   674  O  O   . GLU A 1 81  ? -4.513  12.446  2.990   1.00 25.62 ? 1259 GLU A O   1 
ATOM   675  C  CB  . GLU A 1 81  ? -4.820  15.733  3.235   1.00 25.71 ? 1259 GLU A CB  1 
ATOM   676  C  CG  . GLU A 1 81  ? -6.031  15.328  2.393   1.00 28.05 ? 1259 GLU A CG  1 
ATOM   677  C  CD  . GLU A 1 81  ? -6.452  16.389  1.349   1.00 29.41 ? 1259 GLU A CD  1 
ATOM   678  O  OE1 . GLU A 1 81  ? -5.619  17.233  0.949   1.00 35.61 ? 1259 GLU A OE1 1 
ATOM   679  O  OE2 . GLU A 1 81  ? -7.633  16.364  0.929   1.00 34.06 ? 1259 GLU A OE2 1 
ATOM   680  N  N   . ARG A 1 82  ? -2.606  13.565  2.540   1.00 25.97 ? 1260 ARG A N   1 
ATOM   681  C  CA  . ARG A 1 82  ? -2.060  12.448  1.730   1.00 25.82 ? 1260 ARG A CA  1 
ATOM   682  C  C   . ARG A 1 82  ? -1.995  11.105  2.497   1.00 25.00 ? 1260 ARG A C   1 
ATOM   683  O  O   . ARG A 1 82  ? -2.393  10.054  1.962   1.00 25.23 ? 1260 ARG A O   1 
ATOM   684  C  CB  . ARG A 1 82  ? -0.711  12.801  1.097   1.00 25.45 ? 1260 ARG A CB  1 
ATOM   685  C  CG  . ARG A 1 82  ? -0.172  11.688  0.185   1.00 27.46 ? 1260 ARG A CG  1 
ATOM   686  C  CD  . ARG A 1 82  ? 0.242   12.224  -1.176  1.00 32.08 ? 1260 ARG A CD  1 
ATOM   687  N  NE  . ARG A 1 82  ? 1.238   13.248  -1.017  1.00 32.96 ? 1260 ARG A NE  1 
ATOM   688  C  CZ  . ARG A 1 82  ? 1.144   14.504  -1.447  1.00 30.21 ? 1260 ARG A CZ  1 
ATOM   689  N  NH1 . ARG A 1 82  ? 2.144   15.308  -1.183  1.00 27.61 ? 1260 ARG A NH1 1 
ATOM   690  N  NH2 . ARG A 1 82  ? 0.107   14.948  -2.141  1.00 31.50 ? 1260 ARG A NH2 1 
ATOM   691  N  N   . ARG A 1 83  ? -1.507  11.142  3.734   1.00 24.00 ? 1261 ARG A N   1 
ATOM   692  C  CA  . ARG A 1 83  ? -1.446  9.954   4.575   1.00 22.99 ? 1261 ARG A CA  1 
ATOM   693  C  C   . ARG A 1 83  ? -2.818  9.267   4.632   1.00 23.40 ? 1261 ARG A C   1 
ATOM   694  O  O   . ARG A 1 83  ? -2.933  8.045   4.516   1.00 22.44 ? 1261 ARG A O   1 
ATOM   695  C  CB  . ARG A 1 83  ? -0.997  10.322  6.005   1.00 23.25 ? 1261 ARG A CB  1 
ATOM   696  C  CG  . ARG A 1 83  ? -0.794  9.106   6.932   1.00 21.98 ? 1261 ARG A CG  1 
ATOM   697  C  CD  . ARG A 1 83  ? -1.099  9.404   8.423   1.00 23.29 ? 1261 ARG A CD  1 
ATOM   698  N  NE  . ARG A 1 83  ? -2.485  9.840   8.585   1.00 22.81 ? 1261 ARG A NE  1 
ATOM   699  C  CZ  . ARG A 1 83  ? -3.547  9.039   8.606   1.00 24.15 ? 1261 ARG A CZ  1 
ATOM   700  N  NH1 . ARG A 1 83  ? -3.436  7.704   8.507   1.00 24.90 ? 1261 ARG A NH1 1 
ATOM   701  N  NH2 . ARG A 1 83  ? -4.737  9.585   8.734   1.00 22.02 ? 1261 ARG A NH2 1 
ATOM   702  N  N   . SER A 1 84  ? -3.848  10.076  4.821   1.00 23.43 ? 1262 SER A N   1 
ATOM   703  C  CA  . SER A 1 84  ? -5.209  9.588   4.927   1.00 25.51 ? 1262 SER A CA  1 
ATOM   704  C  C   . SER A 1 84  ? -5.705  8.980   3.621   1.00 25.32 ? 1262 SER A C   1 
ATOM   705  O  O   . SER A 1 84  ? -6.283  7.899   3.607   1.00 26.26 ? 1262 SER A O   1 
ATOM   706  C  CB  . SER A 1 84  ? -6.116  10.753  5.307   1.00 25.67 ? 1262 SER A CB  1 
ATOM   707  O  OG  . SER A 1 84  ? -7.409  10.265  5.578   1.00 29.53 ? 1262 SER A OG  1 
ATOM   708  N  N   . HIS A 1 85  ? -5.483  9.681   2.521   1.00 25.32 ? 1263 HIS A N   1 
ATOM   709  C  CA  . HIS A 1 85  ? -5.935  9.196   1.233   1.00 26.24 ? 1263 HIS A CA  1 
ATOM   710  C  C   . HIS A 1 85  ? -5.187  7.934   0.801   1.00 25.09 ? 1263 HIS A C   1 
ATOM   711  O  O   . HIS A 1 85  ? -5.780  7.048   0.213   1.00 24.79 ? 1263 HIS A O   1 
ATOM   712  C  CB  . HIS A 1 85  ? -5.774  10.289  0.180   1.00 27.04 ? 1263 HIS A CB  1 
ATOM   713  C  CG  . HIS A 1 85  ? -6.735  11.422  0.343   1.00 30.98 ? 1263 HIS A CG  1 
ATOM   714  N  ND1 . HIS A 1 85  ? -6.538  12.653  -0.242  1.00 34.73 ? 1263 HIS A ND1 1 
ATOM   715  C  CD2 . HIS A 1 85  ? -7.905  11.510  1.022   1.00 34.41 ? 1263 HIS A CD2 1 
ATOM   716  C  CE1 . HIS A 1 85  ? -7.554  13.445  0.052   1.00 35.02 ? 1263 HIS A CE1 1 
ATOM   717  N  NE2 . HIS A 1 85  ? -8.394  12.778  0.824   1.00 36.49 ? 1263 HIS A NE2 1 
ATOM   718  N  N   . LEU A 1 86  ? -3.884  7.876   1.078   1.00 24.53 ? 1264 LEU A N   1 
ATOM   719  C  CA  . LEU A 1 86  ? -3.081  6.684   0.750   1.00 24.02 ? 1264 LEU A CA  1 
ATOM   720  C  C   . LEU A 1 86  ? -3.515  5.498   1.607   1.00 24.00 ? 1264 LEU A C   1 
ATOM   721  O  O   . LEU A 1 86  ? -3.565  4.369   1.123   1.00 24.44 ? 1264 LEU A O   1 
ATOM   722  C  CB  . LEU A 1 86  ? -1.586  6.957   0.926   1.00 23.31 ? 1264 LEU A CB  1 
ATOM   723  C  CG  . LEU A 1 86  ? -0.918  7.889   -0.087  1.00 23.91 ? 1264 LEU A CG  1 
ATOM   724  C  CD1 . LEU A 1 86  ? 0.602   8.128   0.232   1.00 22.39 ? 1264 LEU A CD1 1 
ATOM   725  C  CD2 . LEU A 1 86  ? -1.104  7.315   -1.504  1.00 25.38 ? 1264 LEU A CD2 1 
ATOM   726  N  N   . GLU A 1 87  ? -3.862  5.745   2.865   1.00 23.75 ? 1265 GLU A N   1 
ATOM   727  C  CA  . GLU A 1 87  ? -4.331  4.664   3.719   1.00 24.83 ? 1265 GLU A CA  1 
ATOM   728  C  C   . GLU A 1 87  ? -5.683  4.142   3.182   1.00 25.92 ? 1265 GLU A C   1 
ATOM   729  O  O   . GLU A 1 87  ? -5.898  2.927   3.072   1.00 25.45 ? 1265 GLU A O   1 
ATOM   730  C  CB  . GLU A 1 87  ? -4.447  5.149   5.166   1.00 24.22 ? 1265 GLU A CB  1 
ATOM   731  C  CG  . GLU A 1 87  ? -4.908  4.137   6.189   1.00 25.03 ? 1265 GLU A CG  1 
ATOM   732  C  CD  . GLU A 1 87  ? -5.051  4.785   7.576   1.00 26.22 ? 1265 GLU A CD  1 
ATOM   733  O  OE1 . GLU A 1 87  ? -6.002  5.583   7.787   1.00 28.31 ? 1265 GLU A OE1 1 
ATOM   734  O  OE2 . GLU A 1 87  ? -4.189  4.538   8.439   1.00 27.77 ? 1265 GLU A OE2 1 
ATOM   735  N  N   . LYS A 1 88  ? -6.586  5.054   2.839   1.00 26.77 ? 1266 LYS A N   1 
ATOM   736  C  CA  . LYS A 1 88  ? -7.835  4.636   2.213   1.00 28.62 ? 1266 LYS A CA  1 
ATOM   737  C  C   . LYS A 1 88  ? -7.565  3.865   0.900   1.00 28.48 ? 1266 LYS A C   1 
ATOM   738  O  O   . LYS A 1 88  ? -8.117  2.798   0.700   1.00 27.76 ? 1266 LYS A O   1 
ATOM   739  C  CB  . LYS A 1 88  ? -8.783  5.825   2.013   1.00 29.63 ? 1266 LYS A CB  1 
ATOM   740  C  CG  . LYS A 1 88  ? -10.153 5.432   1.459   1.00 32.26 ? 1266 LYS A CG  1 
ATOM   741  C  CD  . LYS A 1 88  ? -11.007 4.706   2.524   1.00 38.00 ? 1266 LYS A CD  1 
ATOM   742  C  CE  . LYS A 1 88  ? -12.282 4.073   1.950   1.00 39.06 ? 1266 LYS A CE  1 
ATOM   743  N  NZ  . LYS A 1 88  ? -12.763 4.751   0.684   1.00 40.59 ? 1266 LYS A NZ  1 
ATOM   744  N  N   . TYR A 1 89  ? -6.683  4.376   0.039   1.00 29.27 ? 1267 TYR A N   1 
ATOM   745  C  CA  . TYR A 1 89  ? -6.327  3.640   -1.183  1.00 30.42 ? 1267 TYR A CA  1 
ATOM   746  C  C   . TYR A 1 89  ? -5.877  2.179   -0.930  1.00 30.78 ? 1267 TYR A C   1 
ATOM   747  O  O   . TYR A 1 89  ? -6.385  1.236   -1.570  1.00 30.45 ? 1267 TYR A O   1 
ATOM   748  C  CB  . TYR A 1 89  ? -5.258  4.366   -1.995  1.00 31.27 ? 1267 TYR A CB  1 
ATOM   749  C  CG  . TYR A 1 89  ? -4.735  3.511   -3.142  1.00 32.51 ? 1267 TYR A CG  1 
ATOM   750  C  CD1 . TYR A 1 89  ? -5.489  3.338   -4.311  1.00 32.91 ? 1267 TYR A CD1 1 
ATOM   751  C  CD2 . TYR A 1 89  ? -3.510  2.857   -3.040  1.00 32.47 ? 1267 TYR A CD2 1 
ATOM   752  C  CE1 . TYR A 1 89  ? -5.023  2.558   -5.350  1.00 32.03 ? 1267 TYR A CE1 1 
ATOM   753  C  CE2 . TYR A 1 89  ? -3.037  2.073   -4.058  1.00 34.87 ? 1267 TYR A CE2 1 
ATOM   754  C  CZ  . TYR A 1 89  ? -3.794  1.925   -5.221  1.00 34.47 ? 1267 TYR A CZ  1 
ATOM   755  O  OH  . TYR A 1 89  ? -3.317  1.131   -6.240  1.00 34.45 ? 1267 TYR A OH  1 
ATOM   756  N  N   . LEU A 1 90  ? -4.928  1.991   -0.011  1.00 30.39 ? 1268 LEU A N   1 
ATOM   757  C  CA  . LEU A 1 90  ? -4.426  0.641   0.309   1.00 30.62 ? 1268 LEU A CA  1 
ATOM   758  C  C   . LEU A 1 90  ? -5.524  -0.298  0.803   1.00 30.88 ? 1268 LEU A C   1 
ATOM   759  O  O   . LEU A 1 90  ? -5.568  -1.477  0.438   1.00 29.97 ? 1268 LEU A O   1 
ATOM   760  C  CB  . LEU A 1 90  ? -3.305  0.730   1.341   1.00 30.60 ? 1268 LEU A CB  1 
ATOM   761  C  CG  . LEU A 1 90  ? -1.861  0.520   0.870   1.00 31.98 ? 1268 LEU A CG  1 
ATOM   762  C  CD1 . LEU A 1 90  ? -1.603  0.542   -0.643  1.00 29.33 ? 1268 LEU A CD1 1 
ATOM   763  C  CD2 . LEU A 1 90  ? -0.921  1.415   1.644   1.00 32.32 ? 1268 LEU A CD2 1 
ATOM   764  N  N   . ARG A 1 91  ? -6.413  0.249   1.624   1.00 31.39 ? 1269 ARG A N   1 
ATOM   765  C  CA  . ARG A 1 91  ? -7.547  -0.491  2.149   1.00 33.30 ? 1269 ARG A CA  1 
ATOM   766  C  C   . ARG A 1 91  ? -8.549  -0.837  1.064   1.00 34.19 ? 1269 ARG A C   1 
ATOM   767  O  O   . ARG A 1 91  ? -9.033  -1.958  1.023   1.00 34.24 ? 1269 ARG A O   1 
ATOM   768  C  CB  . ARG A 1 91  ? -8.192  0.246   3.321   1.00 32.89 ? 1269 ARG A CB  1 
ATOM   769  C  CG  . ARG A 1 91  ? -7.142  0.658   4.294   1.00 34.01 ? 1269 ARG A CG  1 
ATOM   770  C  CD  . ARG A 1 91  ? -7.446  0.321   5.696   1.00 37.71 ? 1269 ARG A CD  1 
ATOM   771  N  NE  . ARG A 1 91  ? -8.209  1.359   6.339   1.00 36.35 ? 1269 ARG A NE  1 
ATOM   772  C  CZ  . ARG A 1 91  ? -7.873  1.981   7.471   1.00 37.55 ? 1269 ARG A CZ  1 
ATOM   773  N  NH1 . ARG A 1 91  ? -6.762  1.682   8.125   1.00 34.98 ? 1269 ARG A NH1 1 
ATOM   774  N  NH2 . ARG A 1 91  ? -8.693  2.913   7.962   1.00 34.70 ? 1269 ARG A NH2 1 
ATOM   775  N  N   . ASP A 1 92  ? -8.823  0.094   0.149   1.00 35.56 ? 1270 ASP A N   1 
ATOM   776  C  CA  . ASP A 1 92  ? -9.625  -0.278  -1.041  1.00 36.90 ? 1270 ASP A CA  1 
ATOM   777  C  C   . ASP A 1 92  ? -8.909  -1.274  -1.949  1.00 36.72 ? 1270 ASP A C   1 
ATOM   778  O  O   . ASP A 1 92  ? -9.538  -2.188  -2.491  1.00 37.27 ? 1270 ASP A O   1 
ATOM   779  C  CB  . ASP A 1 92  ? -10.079 0.952   -1.829  1.00 36.78 ? 1270 ASP A CB  1 
ATOM   780  C  CG  . ASP A 1 92  ? -10.925 1.889   -0.994  1.00 39.86 ? 1270 ASP A CG  1 
ATOM   781  O  OD1 . ASP A 1 92  ? -11.604 1.427   -0.038  1.00 43.83 ? 1270 ASP A OD1 1 
ATOM   782  O  OD2 . ASP A 1 92  ? -10.910 3.101   -1.281  1.00 43.60 ? 1270 ASP A OD2 1 
ATOM   783  N  N   . PHE A 1 93  ? -7.597  -1.120  -2.100  1.00 36.66 ? 1271 PHE A N   1 
ATOM   784  C  CA  . PHE A 1 93  ? -6.831  -2.021  -2.958  1.00 37.18 ? 1271 PHE A CA  1 
ATOM   785  C  C   . PHE A 1 93  ? -7.043  -3.483  -2.510  1.00 37.23 ? 1271 PHE A C   1 
ATOM   786  O  O   . PHE A 1 93  ? -7.388  -4.337  -3.311  1.00 35.51 ? 1271 PHE A O   1 
ATOM   787  C  CB  . PHE A 1 93  ? -5.348  -1.621  -2.989  1.00 37.70 ? 1271 PHE A CB  1 
ATOM   788  C  CG  . PHE A 1 93  ? -4.454  -2.649  -3.607  1.00 38.91 ? 1271 PHE A CG  1 
ATOM   789  C  CD1 . PHE A 1 93  ? -4.255  -2.680  -4.981  1.00 40.78 ? 1271 PHE A CD1 1 
ATOM   790  C  CD2 . PHE A 1 93  ? -3.813  -3.594  -2.818  1.00 41.04 ? 1271 PHE A CD2 1 
ATOM   791  C  CE1 . PHE A 1 93  ? -3.442  -3.638  -5.566  1.00 41.72 ? 1271 PHE A CE1 1 
ATOM   792  C  CE2 . PHE A 1 93  ? -2.999  -4.557  -3.387  1.00 41.59 ? 1271 PHE A CE2 1 
ATOM   793  C  CZ  . PHE A 1 93  ? -2.811  -4.575  -4.777  1.00 41.21 ? 1271 PHE A CZ  1 
ATOM   794  N  N   . PHE A 1 94  ? -6.884  -3.736  -1.214  1.00 37.87 ? 1272 PHE A N   1 
ATOM   795  C  CA  . PHE A 1 94  ? -7.070  -5.068  -0.673  1.00 38.54 ? 1272 PHE A CA  1 
ATOM   796  C  C   . PHE A 1 94  ? -8.507  -5.586  -0.691  1.00 39.84 ? 1272 PHE A C   1 
ATOM   797  O  O   . PHE A 1 94  ? -8.711  -6.778  -0.911  1.00 39.30 ? 1272 PHE A O   1 
ATOM   798  C  CB  . PHE A 1 94  ? -6.361  -5.228  0.673   1.00 37.46 ? 1272 PHE A CB  1 
ATOM   799  C  CG  . PHE A 1 94  ? -4.871  -5.431  0.523   1.00 37.80 ? 1272 PHE A CG  1 
ATOM   800  C  CD1 . PHE A 1 94  ? -3.964  -4.479  0.992   1.00 36.83 ? 1272 PHE A CD1 1 
ATOM   801  C  CD2 . PHE A 1 94  ? -4.379  -6.552  -0.133  1.00 34.47 ? 1272 PHE A CD2 1 
ATOM   802  C  CE1 . PHE A 1 94  ? -2.578  -4.676  0.829   1.00 34.93 ? 1272 PHE A CE1 1 
ATOM   803  C  CE2 . PHE A 1 94  ? -3.023  -6.750  -0.295  1.00 33.48 ? 1272 PHE A CE2 1 
ATOM   804  C  CZ  . PHE A 1 94  ? -2.112  -5.808  0.186   1.00 34.47 ? 1272 PHE A CZ  1 
ATOM   805  N  N   . SER A 1 95  ? -9.482  -4.698  -0.474  1.00 41.44 ? 1273 SER A N   1 
ATOM   806  C  CA  . SER A 1 95  ? -10.912 -5.036  -0.607  1.00 43.65 ? 1273 SER A CA  1 
ATOM   807  C  C   . SER A 1 95  ? -11.224 -5.612  -1.978  1.00 44.68 ? 1273 SER A C   1 
ATOM   808  O  O   . SER A 1 95  ? -11.883 -6.648  -2.090  1.00 45.44 ? 1273 SER A O   1 
ATOM   809  C  CB  . SER A 1 95  ? -11.792 -3.806  -0.400  1.00 43.47 ? 1273 SER A CB  1 
ATOM   810  O  OG  . SER A 1 95  ? -11.881 -3.475  0.969   1.00 46.47 ? 1273 SER A OG  1 
ATOM   811  N  N   . VAL A 1 96  ? -10.747 -4.925  -3.012  1.00 45.46 ? 1274 VAL A N   1 
ATOM   812  C  CA  . VAL A 1 96  ? -10.946 -5.339  -4.395  1.00 46.30 ? 1274 VAL A CA  1 
ATOM   813  C  C   . VAL A 1 96  ? -10.234 -6.667  -4.677  1.00 46.86 ? 1274 VAL A C   1 
ATOM   814  O  O   . VAL A 1 96  ? -10.846 -7.606  -5.175  1.00 46.79 ? 1274 VAL A O   1 
ATOM   815  C  CB  . VAL A 1 96  ? -10.504 -4.222  -5.376  1.00 46.03 ? 1274 VAL A CB  1 
ATOM   816  C  CG1 . VAL A 1 96  ? -10.346 -4.745  -6.783  1.00 46.81 ? 1274 VAL A CG1 1 
ATOM   817  C  CG2 . VAL A 1 96  ? -11.519 -3.075  -5.349  1.00 45.94 ? 1274 VAL A CG2 1 
HETATM 818  N  N   . MSE A 1 97  ? -8.958  -6.752  -4.327  1.00 47.60 ? 1275 MSE A N   1 
HETATM 819  C  CA  . MSE A 1 97  ? -8.171  -7.952  -4.608  1.00 48.38 ? 1275 MSE A CA  1 
HETATM 820  C  C   . MSE A 1 97  ? -8.639  -9.211  -3.853  1.00 48.36 ? 1275 MSE A C   1 
HETATM 821  O  O   . MSE A 1 97  ? -8.468  -10.330 -4.329  1.00 48.03 ? 1275 MSE A O   1 
HETATM 822  C  CB  . MSE A 1 97  ? -6.681  -7.675  -4.392  1.00 48.71 ? 1275 MSE A CB  1 
HETATM 823  C  CG  . MSE A 1 97  ? -6.124  -6.595  -5.309  1.00 50.22 ? 1275 MSE A CG  1 
HETATM 824  SE SE  . MSE A 1 97  ? -6.575  -6.895  -7.208  1.00 57.37 ? 1275 MSE A SE  1 
HETATM 825  C  CE  . MSE A 1 97  ? -5.324  -8.316  -7.672  1.00 54.16 ? 1275 MSE A CE  1 
ATOM   826  N  N   . LEU A 1 98  ? -9.259  -9.019  -2.698  1.00 48.69 ? 1276 LEU A N   1 
ATOM   827  C  CA  . LEU A 1 98  ? -9.755  -10.128 -1.917  1.00 49.81 ? 1276 LEU A CA  1 
ATOM   828  C  C   . LEU A 1 98  ? -11.150 -10.562 -2.364  1.00 51.32 ? 1276 LEU A C   1 
ATOM   829  O  O   . LEU A 1 98  ? -11.518 -11.724 -2.199  1.00 51.16 ? 1276 LEU A O   1 
ATOM   830  C  CB  . LEU A 1 98  ? -9.775  -9.771  -0.419  1.00 49.49 ? 1276 LEU A CB  1 
ATOM   831  C  CG  . LEU A 1 98  ? -8.460  -9.881  0.360   1.00 49.26 ? 1276 LEU A CG  1 
ATOM   832  C  CD1 . LEU A 1 98  ? -8.472  -9.050  1.632   1.00 48.47 ? 1276 LEU A CD1 1 
ATOM   833  C  CD2 . LEU A 1 98  ? -8.164  -11.337 0.681   1.00 48.93 ? 1276 LEU A CD2 1 
ATOM   834  N  N   . GLN A 1 99  ? -11.926 -9.633  -2.921  1.00 52.86 ? 1277 GLN A N   1 
ATOM   835  C  CA  . GLN A 1 99  ? -13.322 -9.916  -3.248  1.00 54.54 ? 1277 GLN A CA  1 
ATOM   836  C  C   . GLN A 1 99  ? -13.663 -10.116 -4.723  1.00 54.88 ? 1277 GLN A C   1 
ATOM   837  O  O   . GLN A 1 99  ? -14.702 -10.700 -5.042  1.00 55.57 ? 1277 GLN A O   1 
ATOM   838  C  CB  . GLN A 1 99  ? -14.252 -8.923  -2.564  1.00 54.95 ? 1277 GLN A CB  1 
ATOM   839  C  CG  . GLN A 1 99  ? -14.823 -9.518  -1.293  1.00 58.13 ? 1277 GLN A CG  1 
ATOM   840  C  CD  . GLN A 1 99  ? -14.703 -8.606  -0.096  1.00 61.88 ? 1277 GLN A CD  1 
ATOM   841  O  OE1 . GLN A 1 99  ? -15.016 -7.412  -0.167  1.00 63.62 ? 1277 GLN A OE1 1 
ATOM   842  N  NE2 . GLN A 1 99  ? -14.250 -9.172  1.028   1.00 62.95 ? 1277 GLN A NE2 1 
ATOM   843  N  N   . SER A 1 100 ? -12.782 -9.663  -5.610  1.00 55.02 ? 1278 SER A N   1 
ATOM   844  C  CA  . SER A 1 100 ? -12.923 -9.927  -7.032  1.00 54.94 ? 1278 SER A CA  1 
ATOM   845  C  C   . SER A 1 100 ? -12.603 -11.391 -7.315  1.00 55.12 ? 1278 SER A C   1 
ATOM   846  O  O   . SER A 1 100 ? -11.533 -11.875 -6.936  1.00 55.12 ? 1278 SER A O   1 
ATOM   847  C  CB  . SER A 1 100 ? -12.005 -9.000  -7.827  1.00 55.10 ? 1278 SER A CB  1 
ATOM   848  O  OG  . SER A 1 100 ? -11.344 -9.672  -8.885  1.00 55.18 ? 1278 SER A OG  1 
ATOM   849  N  N   . ALA A 1 101 ? -13.525 -12.092 -7.981  1.00 55.00 ? 1279 ALA A N   1 
ATOM   850  C  CA  . ALA A 1 101 ? -13.352 -13.522 -8.260  1.00 54.79 ? 1279 ALA A CA  1 
ATOM   851  C  C   . ALA A 1 101 ? -12.233 -13.802 -9.260  1.00 54.62 ? 1279 ALA A C   1 
ATOM   852  O  O   . ALA A 1 101 ? -11.648 -14.884 -9.264  1.00 54.64 ? 1279 ALA A O   1 
ATOM   853  C  CB  . ALA A 1 101 ? -14.650 -14.143 -8.719  1.00 55.18 ? 1279 ALA A CB  1 
ATOM   854  N  N   . THR A 1 102 ? -11.923 -12.814 -10.091 1.00 54.44 ? 1280 THR A N   1 
ATOM   855  C  CA  . THR A 1 102 ? -10.850 -12.943 -11.073 1.00 54.46 ? 1280 THR A CA  1 
ATOM   856  C  C   . THR A 1 102 ? -9.445  -12.739 -10.461 1.00 54.31 ? 1280 THR A C   1 
ATOM   857  O  O   . THR A 1 102 ? -8.425  -12.866 -11.153 1.00 54.40 ? 1280 THR A O   1 
ATOM   858  C  CB  . THR A 1 102 ? -11.103 -12.015 -12.310 1.00 54.83 ? 1280 THR A CB  1 
ATOM   859  O  OG1 . THR A 1 102 ? -9.863  -11.698 -12.960 1.00 55.71 ? 1280 THR A OG1 1 
ATOM   860  C  CG2 . THR A 1 102 ? -11.806 -10.715 -11.911 1.00 54.06 ? 1280 THR A CG2 1 
ATOM   861  N  N   . SER A 1 103 ? -9.408  -12.456 -9.159  1.00 54.02 ? 1281 SER A N   1 
ATOM   862  C  CA  . SER A 1 103 ? -8.185  -12.047 -8.462  1.00 53.48 ? 1281 SER A CA  1 
ATOM   863  C  C   . SER A 1 103 ? -7.405  -13.216 -7.870  1.00 52.99 ? 1281 SER A C   1 
ATOM   864  O  O   . SER A 1 103 ? -7.995  -14.123 -7.282  1.00 52.78 ? 1281 SER A O   1 
ATOM   865  C  CB  . SER A 1 103 ? -8.526  -11.063 -7.346  1.00 53.53 ? 1281 SER A CB  1 
ATOM   866  O  OG  . SER A 1 103 ? -7.409  -10.878 -6.485  1.00 53.98 ? 1281 SER A OG  1 
ATOM   867  N  N   . PRO A 1 104 ? -6.066  -13.179 -7.994  1.00 52.52 ? 1282 PRO A N   1 
ATOM   868  C  CA  . PRO A 1 104 ? -5.227  -14.225 -7.413  1.00 52.19 ? 1282 PRO A CA  1 
ATOM   869  C  C   . PRO A 1 104 ? -5.249  -14.238 -5.879  1.00 51.95 ? 1282 PRO A C   1 
ATOM   870  O  O   . PRO A 1 104 ? -4.679  -15.143 -5.264  1.00 51.80 ? 1282 PRO A O   1 
ATOM   871  C  CB  . PRO A 1 104 ? -3.827  -13.891 -7.945  1.00 52.27 ? 1282 PRO A CB  1 
ATOM   872  C  CG  . PRO A 1 104 ? -3.865  -12.450 -8.263  1.00 52.05 ? 1282 PRO A CG  1 
ATOM   873  C  CD  . PRO A 1 104 ? -5.269  -12.162 -8.703  1.00 52.52 ? 1282 PRO A CD  1 
ATOM   874  N  N   . LEU A 1 105 ? -5.910  -13.250 -5.277  1.00 51.48 ? 1283 LEU A N   1 
ATOM   875  C  CA  . LEU A 1 105 ? -6.060  -13.187 -3.825  1.00 50.83 ? 1283 LEU A CA  1 
ATOM   876  C  C   . LEU A 1 105 ? -7.509  -13.345 -3.362  1.00 50.64 ? 1283 LEU A C   1 
ATOM   877  O  O   . LEU A 1 105 ? -7.813  -13.104 -2.187  1.00 50.08 ? 1283 LEU A O   1 
ATOM   878  C  CB  . LEU A 1 105 ? -5.492  -11.873 -3.271  1.00 50.54 ? 1283 LEU A CB  1 
ATOM   879  C  CG  . LEU A 1 105 ? -4.045  -11.456 -3.524  1.00 50.12 ? 1283 LEU A CG  1 
ATOM   880  C  CD1 . LEU A 1 105 ? -3.866  -10.055 -2.976  1.00 48.57 ? 1283 LEU A CD1 1 
ATOM   881  C  CD2 . LEU A 1 105 ? -3.029  -12.418 -2.905  1.00 48.96 ? 1283 LEU A CD2 1 
ATOM   882  N  N   . HIS A 1 106 ? -8.405  -13.729 -4.273  1.00 50.87 ? 1284 HIS A N   1 
ATOM   883  C  CA  . HIS A 1 106 ? -9.818  -13.887 -3.918  1.00 51.12 ? 1284 HIS A CA  1 
ATOM   884  C  C   . HIS A 1 106 ? -9.958  -14.808 -2.686  1.00 51.39 ? 1284 HIS A C   1 
ATOM   885  O  O   . HIS A 1 106 ? -9.492  -15.950 -2.714  1.00 51.12 ? 1284 HIS A O   1 
ATOM   886  C  CB  . HIS A 1 106 ? -10.647 -14.390 -5.122  1.00 51.24 ? 1284 HIS A CB  1 
ATOM   887  C  CG  . HIS A 1 106 ? -12.059 -14.766 -4.777  1.00 51.59 ? 1284 HIS A CG  1 
ATOM   888  N  ND1 . HIS A 1 106 ? -12.819 -14.060 -3.868  1.00 52.62 ? 1284 HIS A ND1 1 
ATOM   889  C  CD2 . HIS A 1 106 ? -12.844 -15.780 -5.211  1.00 53.20 ? 1284 HIS A CD2 1 
ATOM   890  C  CE1 . HIS A 1 106 ? -14.008 -14.625 -3.752  1.00 53.05 ? 1284 HIS A CE1 1 
ATOM   891  N  NE2 . HIS A 1 106 ? -14.052 -15.670 -4.559  1.00 52.51 ? 1284 HIS A NE2 1 
ATOM   892  N  N   . ILE A 1 107 ? -10.577 -14.298 -1.614  1.00 51.47 ? 1285 ILE A N   1 
ATOM   893  C  CA  . ILE A 1 107 ? -10.677 -15.034 -0.343  1.00 52.34 ? 1285 ILE A CA  1 
ATOM   894  C  C   . ILE A 1 107 ? -11.115 -16.488 -0.494  1.00 52.89 ? 1285 ILE A C   1 
ATOM   895  O  O   . ILE A 1 107 ? -10.769 -17.334 0.336   1.00 53.02 ? 1285 ILE A O   1 
ATOM   896  C  CB  . ILE A 1 107 ? -11.653 -14.395 0.679   1.00 52.31 ? 1285 ILE A CB  1 
ATOM   897  C  CG1 . ILE A 1 107 ? -12.775 -13.622 -0.023  1.00 51.83 ? 1285 ILE A CG1 1 
ATOM   898  C  CG2 . ILE A 1 107 ? -10.898 -13.569 1.720   1.00 51.81 ? 1285 ILE A CG2 1 
ATOM   899  C  CD1 . ILE A 1 107 ? -13.966 -13.312 0.889   1.00 52.70 ? 1285 ILE A CD1 1 
ATOM   900  N  N   . ASN A 1 108 ? -11.890 -16.767 -1.535  1.00 53.29 ? 1286 ASN A N   1 
ATOM   901  C  CA  . ASN A 1 108 ? -12.423 -18.106 -1.731  1.00 53.99 ? 1286 ASN A CA  1 
ATOM   902  C  C   . ASN A 1 108 ? -11.751 -18.915 -2.825  1.00 53.75 ? 1286 ASN A C   1 
ATOM   903  O  O   . ASN A 1 108 ? -12.184 -20.016 -3.111  1.00 54.61 ? 1286 ASN A O   1 
ATOM   904  C  CB  . ASN A 1 108 ? -13.937 -18.061 -1.930  1.00 54.20 ? 1286 ASN A CB  1 
ATOM   905  C  CG  . ASN A 1 108 ? -14.659 -17.611 -0.691  1.00 54.89 ? 1286 ASN A CG  1 
ATOM   906  O  OD1 . ASN A 1 108 ? -15.362 -16.604 -0.706  1.00 57.35 ? 1286 ASN A OD1 1 
ATOM   907  N  ND2 . ASN A 1 108 ? -14.476 -18.342 0.403   1.00 55.24 ? 1286 ASN A ND2 1 
ATOM   908  N  N   . LYS A 1 109 ? -10.699 -18.381 -3.433  1.00 53.53 ? 1287 LYS A N   1 
ATOM   909  C  CA  . LYS A 1 109 ? -9.897  -19.167 -4.359  1.00 53.85 ? 1287 LYS A CA  1 
ATOM   910  C  C   . LYS A 1 109 ? -9.462  -20.458 -3.647  1.00 53.93 ? 1287 LYS A C   1 
ATOM   911  O  O   . LYS A 1 109 ? -9.050  -20.439 -2.463  1.00 53.50 ? 1287 LYS A O   1 
ATOM   912  C  CB  . LYS A 1 109 ? -8.683  -18.377 -4.855  1.00 53.93 ? 1287 LYS A CB  1 
ATOM   913  C  CG  . LYS A 1 109 ? -8.010  -18.967 -6.089  1.00 54.41 ? 1287 LYS A CG  1 
ATOM   914  C  CD  . LYS A 1 109 ? -6.886  -18.075 -6.617  1.00 54.91 ? 1287 LYS A CD  1 
ATOM   915  C  CE  . LYS A 1 109 ? -5.534  -18.392 -5.958  1.00 57.67 ? 1287 LYS A CE  1 
ATOM   916  N  NZ  . LYS A 1 109 ? -4.391  -17.661 -6.602  1.00 57.92 ? 1287 LYS A NZ  1 
ATOM   917  N  N   . VAL A 1 110 ? -9.603  -21.578 -4.356  1.00 53.38 ? 1288 VAL A N   1 
ATOM   918  C  CA  . VAL A 1 110 ? -9.265  -22.879 -3.790  1.00 52.68 ? 1288 VAL A CA  1 
ATOM   919  C  C   . VAL A 1 110 ? -7.772  -22.994 -3.641  1.00 51.71 ? 1288 VAL A C   1 
ATOM   920  O  O   . VAL A 1 110 ? -7.007  -22.703 -4.582  1.00 51.72 ? 1288 VAL A O   1 
ATOM   921  C  CB  . VAL A 1 110 ? -9.859  -24.087 -4.590  1.00 53.50 ? 1288 VAL A CB  1 
ATOM   922  C  CG1 . VAL A 1 110 ? -11.393 -24.133 -4.420  1.00 53.45 ? 1288 VAL A CG1 1 
ATOM   923  C  CG2 . VAL A 1 110 ? -9.438  -24.065 -6.088  1.00 53.48 ? 1288 VAL A CG2 1 
ATOM   924  N  N   . GLY A 1 111 ? -7.364  -23.384 -2.437  1.00 50.34 ? 1289 GLY A N   1 
ATOM   925  C  CA  . GLY A 1 111 ? -5.962  -23.524 -2.120  1.00 48.28 ? 1289 GLY A CA  1 
ATOM   926  C  C   . GLY A 1 111 ? -5.259  -22.202 -1.943  1.00 46.92 ? 1289 GLY A C   1 
ATOM   927  O  O   . GLY A 1 111 ? -4.034  -22.167 -1.924  1.00 47.09 ? 1289 GLY A O   1 
ATOM   928  N  N   . LEU A 1 112 ? -6.021  -21.111 -1.830  1.00 45.60 ? 1290 LEU A N   1 
ATOM   929  C  CA  . LEU A 1 112 ? -5.428  -19.805 -1.509  1.00 43.97 ? 1290 LEU A CA  1 
ATOM   930  C  C   . LEU A 1 112 ? -4.701  -19.876 -0.166  1.00 43.24 ? 1290 LEU A C   1 
ATOM   931  O  O   . LEU A 1 112 ? -5.307  -20.167 0.887   1.00 42.54 ? 1290 LEU A O   1 
ATOM   932  C  CB  . LEU A 1 112 ? -6.478  -18.682 -1.450  1.00 43.66 ? 1290 LEU A CB  1 
ATOM   933  C  CG  . LEU A 1 112 ? -5.924  -17.304 -1.055  1.00 43.13 ? 1290 LEU A CG  1 
ATOM   934  C  CD1 . LEU A 1 112 ? -5.228  -16.650 -2.245  1.00 43.18 ? 1290 LEU A CD1 1 
ATOM   935  C  CD2 . LEU A 1 112 ? -6.987  -16.387 -0.488  1.00 41.86 ? 1290 LEU A CD2 1 
ATOM   936  N  N   . THR A 1 113 ? -3.404  -19.615 -0.228  1.00 42.48 ? 1291 THR A N   1 
ATOM   937  C  CA  . THR A 1 113 ? -2.590  -19.453 0.944   1.00 42.25 ? 1291 THR A CA  1 
ATOM   938  C  C   . THR A 1 113 ? -2.235  -17.971 1.007   1.00 41.52 ? 1291 THR A C   1 
ATOM   939  O  O   . THR A 1 113 ? -1.890  -17.364 -0.017  1.00 41.33 ? 1291 THR A O   1 
ATOM   940  C  CB  . THR A 1 113 ? -1.328  -20.320 0.871   1.00 42.56 ? 1291 THR A CB  1 
ATOM   941  O  OG1 . THR A 1 113 ? -0.492  -19.866 -0.196  1.00 45.15 ? 1291 THR A OG1 1 
ATOM   942  C  CG2 . THR A 1 113 ? -1.681  -21.775 0.601   1.00 43.59 ? 1291 THR A CG2 1 
ATOM   943  N  N   . LEU A 1 114 ? -2.335  -17.394 2.202   1.00 40.05 ? 1292 LEU A N   1 
ATOM   944  C  CA  . LEU A 1 114 ? -2.134  -15.961 2.401   1.00 38.77 ? 1292 LEU A CA  1 
ATOM   945  C  C   . LEU A 1 114 ? -1.085  -15.700 3.491   1.00 37.59 ? 1292 LEU A C   1 
ATOM   946  O  O   . LEU A 1 114 ? -1.268  -16.078 4.643   1.00 37.69 ? 1292 LEU A O   1 
ATOM   947  C  CB  . LEU A 1 114 ? -3.454  -15.329 2.826   1.00 39.17 ? 1292 LEU A CB  1 
ATOM   948  C  CG  . LEU A 1 114 ? -3.939  -14.023 2.219   1.00 40.16 ? 1292 LEU A CG  1 
ATOM   949  C  CD1 . LEU A 1 114 ? -3.855  -14.045 0.682   1.00 38.41 ? 1292 LEU A CD1 1 
ATOM   950  C  CD2 . LEU A 1 114 ? -5.386  -13.818 2.702   1.00 38.95 ? 1292 LEU A CD2 1 
ATOM   951  N  N   . SER A 1 115 ? 0.007   -15.050 3.123   1.00 35.12 ? 1293 SER A N   1 
ATOM   952  C  CA  . SER A 1 115 ? 1.057   -14.770 4.070   1.00 34.18 ? 1293 SER A CA  1 
ATOM   953  C  C   . SER A 1 115 ? 1.832   -13.543 3.625   1.00 34.02 ? 1293 SER A C   1 
ATOM   954  O  O   . SER A 1 115 ? 1.650   -13.054 2.496   1.00 33.66 ? 1293 SER A O   1 
ATOM   955  C  CB  . SER A 1 115 ? 2.020   -15.957 4.160   1.00 33.59 ? 1293 SER A CB  1 
ATOM   956  O  OG  . SER A 1 115 ? 2.651   -16.174 2.922   1.00 32.75 ? 1293 SER A OG  1 
ATOM   957  N  N   . LYS A 1 116 ? 2.705   -13.064 4.500   1.00 33.38 ? 1294 LYS A N   1 
ATOM   958  C  CA  . LYS A 1 116 ? 3.620   -12.006 4.140   1.00 33.82 ? 1294 LYS A CA  1 
ATOM   959  C  C   . LYS A 1 116 ? 4.287   -12.417 2.847   1.00 34.08 ? 1294 LYS A C   1 
ATOM   960  O  O   . LYS A 1 116 ? 4.426   -11.602 1.928   1.00 33.25 ? 1294 LYS A O   1 
ATOM   961  C  CB  . LYS A 1 116 ? 4.669   -11.780 5.235   1.00 33.42 ? 1294 LYS A CB  1 
ATOM   962  C  CG  . LYS A 1 116 ? 5.859   -10.957 4.794   1.00 33.36 ? 1294 LYS A CG  1 
ATOM   963  C  CD  . LYS A 1 116 ? 6.850   -10.787 5.936   1.00 35.18 ? 1294 LYS A CD  1 
ATOM   964  C  CE  . LYS A 1 116 ? 7.790   -9.642  5.658   1.00 36.49 ? 1294 LYS A CE  1 
ATOM   965  N  NZ  . LYS A 1 116 ? 8.762   -9.977  4.555   1.00 42.11 ? 1294 LYS A NZ  1 
ATOM   966  N  N   . HIS A 1 117 ? 4.690   -13.689 2.785   1.00 34.55 ? 1295 HIS A N   1 
ATOM   967  C  CA  . HIS A 1 117 ? 5.352   -14.227 1.615   1.00 35.32 ? 1295 HIS A CA  1 
ATOM   968  C  C   . HIS A 1 117 ? 4.540   -14.064 0.318   1.00 35.74 ? 1295 HIS A C   1 
ATOM   969  O  O   . HIS A 1 117 ? 5.069   -13.592 -0.689  1.00 35.99 ? 1295 HIS A O   1 
ATOM   970  C  CB  . HIS A 1 117 ? 5.728   -15.701 1.799   1.00 36.02 ? 1295 HIS A CB  1 
ATOM   971  C  CG  . HIS A 1 117 ? 6.628   -16.198 0.715   1.00 37.87 ? 1295 HIS A CG  1 
ATOM   972  N  ND1 . HIS A 1 117 ? 6.177   -16.976 -0.329  1.00 41.79 ? 1295 HIS A ND1 1 
ATOM   973  C  CD2 . HIS A 1 117 ? 7.935   -15.951 0.467   1.00 38.93 ? 1295 HIS A CD2 1 
ATOM   974  C  CE1 . HIS A 1 117 ? 7.177   -17.213 -1.161  1.00 41.30 ? 1295 HIS A CE1 1 
ATOM   975  N  NE2 . HIS A 1 117 ? 8.253   -16.601 -0.700  1.00 40.33 ? 1295 HIS A NE2 1 
ATOM   976  N  N   . THR A 1 118 ? 3.271   -14.465 0.336   1.00 35.87 ? 1296 THR A N   1 
ATOM   977  C  CA  . THR A 1 118 ? 2.472   -14.421 -0.883  1.00 36.74 ? 1296 THR A CA  1 
ATOM   978  C  C   . THR A 1 118 ? 2.108   -12.979 -1.258  1.00 36.61 ? 1296 THR A C   1 
ATOM   979  O  O   . THR A 1 118 ? 2.000   -12.653 -2.439  1.00 36.40 ? 1296 THR A O   1 
ATOM   980  C  CB  . THR A 1 118 ? 1.218   -15.320 -0.816  1.00 36.54 ? 1296 THR A CB  1 
ATOM   981  O  OG1 . THR A 1 118 ? 0.397   -14.936 0.286   1.00 39.86 ? 1296 THR A OG1 1 
ATOM   982  C  CG2 . THR A 1 118 ? 1.609   -16.795 -0.644  1.00 37.85 ? 1296 THR A CG2 1 
ATOM   983  N  N   . ILE A 1 119 ? 1.954   -12.129 -0.245  1.00 36.51 ? 1297 ILE A N   1 
ATOM   984  C  CA  . ILE A 1 119 ? 1.752   -10.696 -0.443  1.00 36.82 ? 1297 ILE A CA  1 
ATOM   985  C  C   . ILE A 1 119 ? 2.992   -10.010 -1.016  1.00 37.08 ? 1297 ILE A C   1 
ATOM   986  O  O   . ILE A 1 119 ? 2.872   -9.209  -1.950  1.00 36.69 ? 1297 ILE A O   1 
ATOM   987  C  CB  . ILE A 1 119 ? 1.296   -10.003 0.856   1.00 36.75 ? 1297 ILE A CB  1 
ATOM   988  C  CG1 . ILE A 1 119 ? -0.116  -10.454 1.262   1.00 36.92 ? 1297 ILE A CG1 1 
ATOM   989  C  CG2 . ILE A 1 119 ? 1.416   -8.480  0.759   1.00 37.65 ? 1297 ILE A CG2 1 
ATOM   990  C  CD1 . ILE A 1 119 ? -1.153  -10.536 0.151   1.00 36.85 ? 1297 ILE A CD1 1 
ATOM   991  N  N   . CYS A 1 120 ? 4.176   -10.319 -0.484  1.00 37.26 ? 1298 CYS A N   1 
ATOM   992  C  CA  . CYS A 1 120 ? 5.397   -9.739  -1.033  1.00 38.06 ? 1298 CYS A CA  1 
ATOM   993  C  C   . CYS A 1 120 ? 5.683   -10.224 -2.461  1.00 39.08 ? 1298 CYS A C   1 
ATOM   994  O  O   . CYS A 1 120 ? 6.157   -9.446  -3.292  1.00 39.52 ? 1298 CYS A O   1 
ATOM   995  C  CB  . CYS A 1 120 ? 6.601   -9.917  -0.104  1.00 37.57 ? 1298 CYS A CB  1 
ATOM   996  S  SG  . CYS A 1 120 ? 6.407   -9.019  1.498   1.00 37.61 ? 1298 CYS A SG  1 
ATOM   997  N  N   . GLU A 1 121 ? 5.367   -11.483 -2.755  1.00 40.20 ? 1299 GLU A N   1 
ATOM   998  C  CA  . GLU A 1 121 ? 5.445   -11.996 -4.130  1.00 41.11 ? 1299 GLU A CA  1 
ATOM   999  C  C   . GLU A 1 121 ? 4.441   -11.288 -5.042  1.00 40.94 ? 1299 GLU A C   1 
ATOM   1000 O  O   . GLU A 1 121 ? 4.758   -10.955 -6.188  1.00 40.98 ? 1299 GLU A O   1 
ATOM   1001 C  CB  . GLU A 1 121 ? 5.206   -13.516 -4.174  1.00 41.81 ? 1299 GLU A CB  1 
ATOM   1002 C  CG  . GLU A 1 121 ? 6.418   -14.364 -3.758  1.00 44.97 ? 1299 GLU A CG  1 
ATOM   1003 C  CD  . GLU A 1 121 ? 7.707   -13.956 -4.486  1.00 50.36 ? 1299 GLU A CD  1 
ATOM   1004 O  OE1 . GLU A 1 121 ? 7.701   -13.941 -5.745  1.00 52.99 ? 1299 GLU A OE1 1 
ATOM   1005 O  OE2 . GLU A 1 121 ? 8.722   -13.647 -3.808  1.00 50.71 ? 1299 GLU A OE2 1 
ATOM   1006 N  N   . PHE A 1 122 ? 3.227   -11.083 -4.529  1.00 40.48 ? 1300 PHE A N   1 
ATOM   1007 C  CA  . PHE A 1 122 ? 2.179   -10.388 -5.254  1.00 40.60 ? 1300 PHE A CA  1 
ATOM   1008 C  C   . PHE A 1 122 ? 2.559   -8.944  -5.625  1.00 40.69 ? 1300 PHE A C   1 
ATOM   1009 O  O   . PHE A 1 122 ? 2.268   -8.482  -6.733  1.00 41.12 ? 1300 PHE A O   1 
ATOM   1010 C  CB  . PHE A 1 122 ? 0.887   -10.409 -4.443  1.00 40.36 ? 1300 PHE A CB  1 
ATOM   1011 C  CG  . PHE A 1 122 ? -0.207  -9.570  -5.025  1.00 41.39 ? 1300 PHE A CG  1 
ATOM   1012 C  CD1 . PHE A 1 122 ? -0.986  -10.049 -6.075  1.00 41.55 ? 1300 PHE A CD1 1 
ATOM   1013 C  CD2 . PHE A 1 122 ? -0.471  -8.299  -4.516  1.00 42.41 ? 1300 PHE A CD2 1 
ATOM   1014 C  CE1 . PHE A 1 122 ? -2.005  -9.276  -6.608  1.00 41.80 ? 1300 PHE A CE1 1 
ATOM   1015 C  CE2 . PHE A 1 122 ? -1.502  -7.520  -5.035  1.00 42.74 ? 1300 PHE A CE2 1 
ATOM   1016 C  CZ  . PHE A 1 122 ? -2.269  -8.006  -6.083  1.00 41.60 ? 1300 PHE A CZ  1 
ATOM   1017 N  N   . SER A 1 123 ? 3.185   -8.225  -4.694  1.00 40.36 ? 1301 SER A N   1 
ATOM   1018 C  CA  . SER A 1 123 ? 3.740   -6.897  -5.004  1.00 39.59 ? 1301 SER A CA  1 
ATOM   1019 C  C   . SER A 1 123 ? 4.955   -6.588  -4.156  1.00 38.41 ? 1301 SER A C   1 
ATOM   1020 O  O   . SER A 1 123 ? 4.844   -6.496  -2.932  1.00 39.41 ? 1301 SER A O   1 
ATOM   1021 C  CB  . SER A 1 123 ? 2.707   -5.785  -4.809  1.00 39.48 ? 1301 SER A CB  1 
ATOM   1022 O  OG  . SER A 1 123 ? 3.326   -4.547  -5.141  1.00 41.72 ? 1301 SER A OG  1 
ATOM   1023 N  N   . PRO A 1 124 ? 6.112   -6.412  -4.797  1.00 37.20 ? 1302 PRO A N   1 
ATOM   1024 C  CA  . PRO A 1 124 ? 7.367   -6.055  -4.145  1.00 36.22 ? 1302 PRO A CA  1 
ATOM   1025 C  C   . PRO A 1 124 ? 7.354   -4.712  -3.412  1.00 34.92 ? 1302 PRO A C   1 
ATOM   1026 O  O   . PRO A 1 124 ? 8.331   -4.387  -2.726  1.00 34.89 ? 1302 PRO A O   1 
ATOM   1027 C  CB  . PRO A 1 124 ? 8.376   -6.021  -5.309  1.00 36.61 ? 1302 PRO A CB  1 
ATOM   1028 C  CG  . PRO A 1 124 ? 7.541   -5.855  -6.535  1.00 36.93 ? 1302 PRO A CG  1 
ATOM   1029 C  CD  . PRO A 1 124 ? 6.279   -6.590  -6.250  1.00 37.51 ? 1302 PRO A CD  1 
ATOM   1030 N  N   . PHE A 1 125 ? 6.275   -3.939  -3.570  1.00 33.59 ? 1303 PHE A N   1 
ATOM   1031 C  CA  . PHE A 1 125 ? 6.042   -2.727  -2.786  1.00 32.27 ? 1303 PHE A CA  1 
ATOM   1032 C  C   . PHE A 1 125 ? 6.131   -3.109  -1.310  1.00 31.72 ? 1303 PHE A C   1 
ATOM   1033 O  O   . PHE A 1 125 ? 6.724   -2.397  -0.517  1.00 29.91 ? 1303 PHE A O   1 
ATOM   1034 C  CB  . PHE A 1 125 ? 4.664   -2.143  -3.097  1.00 31.51 ? 1303 PHE A CB  1 
ATOM   1035 C  CG  . PHE A 1 125 ? 4.256   -0.953  -2.213  1.00 30.93 ? 1303 PHE A CG  1 
ATOM   1036 C  CD1 . PHE A 1 125 ? 4.598   0.351   -2.568  1.00 30.34 ? 1303 PHE A CD1 1 
ATOM   1037 C  CD2 . PHE A 1 125 ? 3.479   -1.146  -1.062  1.00 31.50 ? 1303 PHE A CD2 1 
ATOM   1038 C  CE1 . PHE A 1 125 ? 4.200   1.443   -1.793  1.00 29.88 ? 1303 PHE A CE1 1 
ATOM   1039 C  CE2 . PHE A 1 125 ? 3.092   -0.066  -0.257  1.00 29.80 ? 1303 PHE A CE2 1 
ATOM   1040 C  CZ  . PHE A 1 125 ? 3.436   1.233   -0.627  1.00 30.31 ? 1303 PHE A CZ  1 
ATOM   1041 N  N   . PHE A 1 126 ? 5.575   -4.276  -0.990  1.00 31.94 ? 1304 PHE A N   1 
ATOM   1042 C  CA  . PHE A 1 126 ? 5.532   -4.772  0.374   1.00 32.88 ? 1304 PHE A CA  1 
ATOM   1043 C  C   . PHE A 1 126 ? 6.778   -5.524  0.864   1.00 33.73 ? 1304 PHE A C   1 
ATOM   1044 O  O   . PHE A 1 126 ? 6.874   -5.840  2.058   1.00 33.59 ? 1304 PHE A O   1 
ATOM   1045 C  CB  . PHE A 1 126 ? 4.263   -5.589  0.565   1.00 32.71 ? 1304 PHE A CB  1 
ATOM   1046 C  CG  . PHE A 1 126 ? 2.997   -4.769  0.441   1.00 32.08 ? 1304 PHE A CG  1 
ATOM   1047 C  CD1 . PHE A 1 126 ? 2.627   -3.895  1.449   1.00 30.82 ? 1304 PHE A CD1 1 
ATOM   1048 C  CD2 . PHE A 1 126 ? 2.185   -4.878  -0.677  1.00 32.10 ? 1304 PHE A CD2 1 
ATOM   1049 C  CE1 . PHE A 1 126 ? 1.474   -3.144  1.352   1.00 31.74 ? 1304 PHE A CE1 1 
ATOM   1050 C  CE2 . PHE A 1 126 ? 1.032   -4.122  -0.789  1.00 33.32 ? 1304 PHE A CE2 1 
ATOM   1051 C  CZ  . PHE A 1 126 ? 0.667   -3.260  0.243   1.00 32.27 ? 1304 PHE A CZ  1 
ATOM   1052 N  N   . LYS A 1 127 ? 7.743   -5.767  -0.028  1.00 34.96 ? 1305 LYS A N   1 
ATOM   1053 C  CA  . LYS A 1 127 ? 9.012   -6.417  0.357   1.00 37.00 ? 1305 LYS A CA  1 
ATOM   1054 C  C   . LYS A 1 127 ? 9.876   -5.468  1.187   1.00 37.15 ? 1305 LYS A C   1 
ATOM   1055 O  O   . LYS A 1 127 ? 10.076  -4.329  0.824   1.00 36.62 ? 1305 LYS A O   1 
ATOM   1056 C  CB  . LYS A 1 127 ? 9.840   -6.858  -0.857  1.00 36.20 ? 1305 LYS A CB  1 
ATOM   1057 C  CG  . LYS A 1 127 ? 9.290   -8.013  -1.661  1.00 39.06 ? 1305 LYS A CG  1 
ATOM   1058 C  CD  . LYS A 1 127 ? 10.311  -8.452  -2.736  1.00 39.32 ? 1305 LYS A CD  1 
ATOM   1059 C  CE  . LYS A 1 127 ? 9.833   -9.670  -3.521  1.00 43.11 ? 1305 LYS A CE  1 
ATOM   1060 N  NZ  . LYS A 1 127 ? 8.786   -9.297  -4.540  1.00 46.60 ? 1305 LYS A NZ  1 
ATOM   1061 N  N   . LYS A 1 128 ? 10.430  -5.982  2.274   1.00 39.16 ? 1306 LYS A N   1 
ATOM   1062 C  CA  . LYS A 1 128 ? 11.237  -5.200  3.200   1.00 40.52 ? 1306 LYS A CA  1 
ATOM   1063 C  C   . LYS A 1 128 ? 12.580  -4.797  2.619   1.00 41.41 ? 1306 LYS A C   1 
ATOM   1064 O  O   . LYS A 1 128 ? 13.348  -5.637  2.137   1.00 42.02 ? 1306 LYS A O   1 
ATOM   1065 C  CB  . LYS A 1 128 ? 11.424  -5.968  4.507   1.00 40.98 ? 1306 LYS A CB  1 
ATOM   1066 C  CG  . LYS A 1 128 ? 10.165  -5.939  5.394   1.00 42.07 ? 1306 LYS A CG  1 
ATOM   1067 C  CD  . LYS A 1 128 ? 10.163  -7.041  6.430   1.00 43.06 ? 1306 LYS A CD  1 
ATOM   1068 C  CE  . LYS A 1 128 ? 11.332  -6.907  7.387   1.00 45.60 ? 1306 LYS A CE  1 
ATOM   1069 N  NZ  . LYS A 1 128 ? 12.043  -8.212  7.520   1.00 47.35 ? 1306 LYS A NZ  1 
ATOM   1070 N  N   . GLY A 1 129 ? 12.830  -3.495  2.620   1.00 41.77 ? 1307 GLY A N   1 
ATOM   1071 C  CA  . GLY A 1 129 ? 14.117  -2.959  2.238   1.00 42.93 ? 1307 GLY A CA  1 
ATOM   1072 C  C   . GLY A 1 129 ? 14.855  -2.568  3.497   1.00 43.84 ? 1307 GLY A C   1 
ATOM   1073 O  O   . GLY A 1 129 ? 14.578  -3.100  4.582   1.00 43.68 ? 1307 GLY A O   1 
ATOM   1074 N  N   . VAL A 1 130 ? 15.767  -1.609  3.375   1.00 44.54 ? 1308 VAL A N   1 
ATOM   1075 C  CA  . VAL A 1 130 ? 16.746  -1.369  4.443   1.00 45.33 ? 1308 VAL A CA  1 
ATOM   1076 C  C   . VAL A 1 130 ? 16.189  -0.784  5.758   1.00 44.55 ? 1308 VAL A C   1 
ATOM   1077 O  O   . VAL A 1 130 ? 16.640  -1.161  6.845   1.00 45.73 ? 1308 VAL A O   1 
ATOM   1078 C  CB  . VAL A 1 130 ? 17.965  -0.555  3.940   1.00 45.56 ? 1308 VAL A CB  1 
ATOM   1079 C  CG1 . VAL A 1 130 ? 19.005  -1.502  3.313   1.00 47.38 ? 1308 VAL A CG1 1 
ATOM   1080 C  CG2 . VAL A 1 130 ? 17.527  0.525   2.956   1.00 47.48 ? 1308 VAL A CG2 1 
ATOM   1081 N  N   . PHE A 1 131 ? 15.221  0.118   5.670   1.00 43.25 ? 1309 PHE A N   1 
ATOM   1082 C  CA  . PHE A 1 131 ? 14.685  0.739   6.890   1.00 41.45 ? 1309 PHE A CA  1 
ATOM   1083 C  C   . PHE A 1 131 ? 13.436  0.064   7.408   1.00 40.16 ? 1309 PHE A C   1 
ATOM   1084 O  O   . PHE A 1 131 ? 13.001  0.337   8.514   1.00 39.98 ? 1309 PHE A O   1 
ATOM   1085 C  CB  . PHE A 1 131 ? 14.474  2.234   6.684   1.00 41.71 ? 1309 PHE A CB  1 
ATOM   1086 C  CG  . PHE A 1 131 ? 15.760  2.989   6.539   1.00 42.82 ? 1309 PHE A CG  1 
ATOM   1087 C  CD1 . PHE A 1 131 ? 16.578  3.223   7.655   1.00 43.60 ? 1309 PHE A CD1 1 
ATOM   1088 C  CD2 . PHE A 1 131 ? 16.185  3.434   5.288   1.00 43.42 ? 1309 PHE A CD2 1 
ATOM   1089 C  CE1 . PHE A 1 131 ? 17.785  3.921   7.533   1.00 44.02 ? 1309 PHE A CE1 1 
ATOM   1090 C  CE2 . PHE A 1 131 ? 17.386  4.142   5.150   1.00 44.74 ? 1309 PHE A CE2 1 
ATOM   1091 C  CZ  . PHE A 1 131 ? 18.193  4.380   6.281   1.00 44.00 ? 1309 PHE A CZ  1 
ATOM   1092 N  N   . ASP A 1 132 ? 12.896  -0.850  6.606   1.00 38.73 ? 1310 ASP A N   1 
ATOM   1093 C  CA  . ASP A 1 132 ? 11.676  -1.583  6.914   1.00 37.51 ? 1310 ASP A CA  1 
ATOM   1094 C  C   . ASP A 1 132 ? 11.934  -2.638  7.982   1.00 37.01 ? 1310 ASP A C   1 
ATOM   1095 O  O   . ASP A 1 132 ? 13.063  -3.073  8.157   1.00 36.82 ? 1310 ASP A O   1 
ATOM   1096 C  CB  . ASP A 1 132 ? 11.127  -2.187  5.624   1.00 36.55 ? 1310 ASP A CB  1 
ATOM   1097 C  CG  . ASP A 1 132 ? 11.039  -1.150  4.492   1.00 36.97 ? 1310 ASP A CG  1 
ATOM   1098 O  OD1 . ASP A 1 132 ? 10.919  0.083   4.784   1.00 33.38 ? 1310 ASP A OD1 1 
ATOM   1099 O  OD2 . ASP A 1 132 ? 11.099  -1.564  3.314   1.00 36.13 ? 1310 ASP A OD2 1 
ATOM   1100 N  N   . TYR A 1 133 ? 10.886  -3.027  8.703   1.00 36.91 ? 1311 TYR A N   1 
ATOM   1101 C  CA  . TYR A 1 133 ? 11.042  -3.882  9.880   1.00 37.02 ? 1311 TYR A CA  1 
ATOM   1102 C  C   . TYR A 1 133 ? 9.810   -4.748  10.205  1.00 38.16 ? 1311 TYR A C   1 
ATOM   1103 O  O   . TYR A 1 133 ? 8.671   -4.401  9.860   1.00 36.97 ? 1311 TYR A O   1 
ATOM   1104 C  CB  . TYR A 1 133 ? 11.453  -3.016  11.075  1.00 36.04 ? 1311 TYR A CB  1 
ATOM   1105 C  CG  . TYR A 1 133 ? 10.389  -2.040  11.554  1.00 34.36 ? 1311 TYR A CG  1 
ATOM   1106 C  CD1 . TYR A 1 133 ? 9.494   -2.401  12.573  1.00 32.45 ? 1311 TYR A CD1 1 
ATOM   1107 C  CD2 . TYR A 1 133 ? 10.286  -0.751  11.006  1.00 32.75 ? 1311 TYR A CD2 1 
ATOM   1108 C  CE1 . TYR A 1 133 ? 8.525   -1.503  13.040  1.00 31.33 ? 1311 TYR A CE1 1 
ATOM   1109 C  CE2 . TYR A 1 133 ? 9.320   0.156   11.465  1.00 31.56 ? 1311 TYR A CE2 1 
ATOM   1110 C  CZ  . TYR A 1 133 ? 8.449   -0.230  12.486  1.00 32.97 ? 1311 TYR A CZ  1 
ATOM   1111 O  OH  . TYR A 1 133 ? 7.477   0.645   12.926  1.00 34.42 ? 1311 TYR A OH  1 
ATOM   1112 N  N   . SER A 1 134 ? 10.058  -5.877  10.870  1.00 40.04 ? 1312 SER A N   1 
ATOM   1113 C  CA  . SER A 1 134 ? 9.004   -6.802  11.298  1.00 42.06 ? 1312 SER A CA  1 
ATOM   1114 C  C   . SER A 1 134 ? 8.617   -6.560  12.748  1.00 43.11 ? 1312 SER A C   1 
ATOM   1115 O  O   . SER A 1 134 ? 9.457   -6.143  13.555  1.00 43.64 ? 1312 SER A O   1 
ATOM   1116 C  CB  . SER A 1 134 ? 9.445   -8.254  11.137  1.00 42.24 ? 1312 SER A CB  1 
ATOM   1117 O  OG  . SER A 1 134 ? 9.225   -8.711  9.812   1.00 45.47 ? 1312 SER A OG  1 
ATOM   1118 O  OXT . SER A 1 134 ? 7.451   -6.791  13.132  1.00 44.44 ? 1312 SER A OXT 1 
HETATM 1119 O  O   . HOH B 2 .   ? -1.227  9.019   -11.076 1.00 39.96 ? 2001 HOH A O   1 
HETATM 1120 O  O   . HOH B 2 .   ? -3.257  17.411  -2.487  1.00 35.07 ? 2002 HOH A O   1 
HETATM 1121 O  O   . HOH B 2 .   ? 7.685   23.482  -3.164  1.00 72.68 ? 2003 HOH A O   1 
HETATM 1122 O  O   . HOH B 2 .   ? -9.115  -8.073  4.905   1.00 41.41 ? 2004 HOH A O   1 
HETATM 1123 O  O   . HOH B 2 .   ? -7.563  -2.419  7.407   1.00 32.28 ? 2005 HOH A O   1 
HETATM 1124 O  O   . HOH B 2 .   ? 1.511   4.073   17.124  1.00 52.71 ? 2006 HOH A O   1 
HETATM 1125 O  O   . HOH B 2 .   ? 2.646   11.554  11.685  1.00 35.85 ? 2007 HOH A O   1 
HETATM 1126 O  O   . HOH B 2 .   ? 15.007  11.842  8.549   1.00 31.43 ? 2008 HOH A O   1 
HETATM 1127 O  O   . HOH B 2 .   ? 7.344   14.573  -0.097  1.00 32.25 ? 2009 HOH A O   1 
HETATM 1128 O  O   . HOH B 2 .   ? 6.398   11.202  -0.765  1.00 21.25 ? 2010 HOH A O   1 
HETATM 1129 O  O   . HOH B 2 .   ? 12.282  3.974   2.840   1.00 44.55 ? 2011 HOH A O   1 
HETATM 1130 O  O   . HOH B 2 .   ? 3.468   1.943   13.420  1.00 54.89 ? 2012 HOH A O   1 
HETATM 1131 O  O   . HOH B 2 .   ? -1.911  -3.645  10.759  1.00 42.13 ? 2013 HOH A O   1 
HETATM 1132 O  O   . HOH B 2 .   ? 0.316   -14.751 7.599   1.00 33.72 ? 2014 HOH A O   1 
HETATM 1133 O  O   . HOH B 2 .   ? 5.486   -15.333 5.237   1.00 34.22 ? 2015 HOH A O   1 
HETATM 1134 O  O   . HOH B 2 .   ? 5.907   -3.845  12.319  1.00 41.21 ? 2016 HOH A O   1 
HETATM 1135 O  O   . HOH B 2 .   ? 13.508  7.521   -2.871  1.00 46.98 ? 2017 HOH A O   1 
HETATM 1136 O  O   . HOH B 2 .   ? 7.408   10.840  -3.822  1.00 32.12 ? 2018 HOH A O   1 
HETATM 1137 O  O   . HOH B 2 .   ? 13.108  14.084  -3.610  1.00 59.66 ? 2019 HOH A O   1 
HETATM 1138 O  O   . HOH B 2 .   ? 10.250  5.078   -0.581  1.00 23.57 ? 2020 HOH A O   1 
HETATM 1139 O  O   . HOH B 2 .   ? 0.167   11.122  -9.241  1.00 33.90 ? 2021 HOH A O   1 
HETATM 1140 O  O   . HOH B 2 .   ? 6.852   0.563   -5.919  1.00 31.95 ? 2022 HOH A O   1 
HETATM 1141 O  O   . HOH B 2 .   ? 8.146   -1.979  -5.613  1.00 41.48 ? 2023 HOH A O   1 
HETATM 1142 O  O   . HOH B 2 .   ? -5.185  5.146   -12.602 1.00 59.06 ? 2024 HOH A O   1 
HETATM 1143 O  O   . HOH B 2 .   ? 1.990   -10.239 -9.314  1.00 43.14 ? 2025 HOH A O   1 
HETATM 1144 O  O   . HOH B 2 .   ? 4.134   -7.109  -12.520 1.00 47.51 ? 2026 HOH A O   1 
HETATM 1145 O  O   . HOH B 2 .   ? -6.466  6.979   -11.011 1.00 56.10 ? 2027 HOH A O   1 
HETATM 1146 O  O   . HOH B 2 .   ? 4.557   13.331  -0.729  1.00 13.70 ? 2028 HOH A O   1 
HETATM 1147 O  O   . HOH B 2 .   ? -0.838  13.496  -9.664  1.00 34.47 ? 2029 HOH A O   1 
HETATM 1148 O  O   . HOH B 2 .   ? 2.036   17.351  -9.844  1.00 38.17 ? 2030 HOH A O   1 
HETATM 1149 O  O   . HOH B 2 .   ? -0.983  17.719  -3.658  1.00 37.69 ? 2031 HOH A O   1 
HETATM 1150 O  O   . HOH B 2 .   ? 4.698   17.699  -7.346  1.00 39.13 ? 2032 HOH A O   1 
HETATM 1151 O  O   . HOH B 2 .   ? 4.961   20.951  -4.425  1.00 39.86 ? 2033 HOH A O   1 
HETATM 1152 O  O   . HOH B 2 .   ? 7.360   17.262  0.309   1.00 35.41 ? 2034 HOH A O   1 
HETATM 1153 O  O   . HOH B 2 .   ? 4.836   23.605  -0.338  1.00 41.87 ? 2035 HOH A O   1 
HETATM 1154 O  O   . HOH B 2 .   ? 0.789   26.361  2.080   1.00 48.83 ? 2036 HOH A O   1 
HETATM 1155 O  O   . HOH B 2 .   ? 2.788   25.501  6.018   1.00 51.78 ? 2037 HOH A O   1 
HETATM 1156 O  O   . HOH B 2 .   ? -3.065  15.914  0.043   1.00 33.27 ? 2038 HOH A O   1 
HETATM 1157 O  O   . HOH B 2 .   ? -3.737  12.367  8.433   1.00 23.25 ? 2039 HOH A O   1 
HETATM 1158 O  O   . HOH B 2 .   ? -8.296  9.402   7.855   1.00 40.41 ? 2040 HOH A O   1 
HETATM 1159 O  O   . HOH B 2 .   ? -7.899  7.555   -1.236  1.00 32.90 ? 2041 HOH A O   1 
HETATM 1160 O  O   . HOH B 2 .   ? -4.022  13.569  -1.077  1.00 32.18 ? 2042 HOH A O   1 
HETATM 1161 O  O   . HOH B 2 .   ? -4.299  5.051   10.952  1.00 44.41 ? 2043 HOH A O   1 
HETATM 1162 O  O   . HOH B 2 .   ? -7.723  6.770   6.154   1.00 34.24 ? 2044 HOH A O   1 
HETATM 1163 O  O   . HOH B 2 .   ? -9.855  -19.949 0.030   1.00 37.51 ? 2045 HOH A O   1 
HETATM 1164 O  O   . HOH B 2 .   ? -7.696  -21.400 1.369   1.00 36.86 ? 2046 HOH A O   1 
HETATM 1165 O  O   . HOH B 2 .   ? -1.226  -17.781 -2.915  1.00 47.96 ? 2047 HOH A O   1 
HETATM 1166 O  O   . HOH B 2 .   ? 2.864   -18.919 1.967   1.00 37.83 ? 2048 HOH A O   1 
HETATM 1167 O  O   . HOH B 2 .   ? 10.709  -8.909  2.794   1.00 41.88 ? 2049 HOH A O   1 
HETATM 1168 O  O   . HOH B 2 .   ? 10.999  -11.464 6.399   1.00 46.44 ? 2050 HOH A O   1 
HETATM 1169 O  O   . HOH B 2 .   ? 7.797   -14.259 4.582   1.00 45.14 ? 2051 HOH A O   1 
HETATM 1170 O  O   . HOH B 2 .   ? 1.714   -14.328 -4.466  1.00 42.29 ? 2052 HOH A O   1 
HETATM 1171 O  O   . HOH B 2 .   ? 9.308   -12.407 -1.396  1.00 55.88 ? 2053 HOH A O   1 
HETATM 1172 O  O   . HOH B 2 .   ? 3.989   -3.946  -8.424  1.00 45.39 ? 2054 HOH A O   1 
HETATM 1173 O  O   . HOH B 2 .   ? 10.427  -3.095  -2.583  1.00 40.40 ? 2055 HOH A O   1 
HETATM 1174 O  O   . HOH B 2 .   ? 7.637   -10.636 -6.701  1.00 63.89 ? 2056 HOH A O   1 
HETATM 1175 O  O   . HOH B 2 .   ? 14.821  -4.602  6.451   1.00 51.63 ? 2057 HOH A O   1 
HETATM 1176 O  O   . HOH B 2 .   ? 14.170  2.054   10.101  1.00 39.97 ? 2058 HOH A O   1 
HETATM 1177 O  O   . HOH B 2 .   ? 15.366  -2.361  9.961   1.00 44.78 ? 2059 HOH A O   1 
HETATM 1178 O  O   . HOH B 2 .   ? 5.064   -0.357  13.420  1.00 36.89 ? 2060 HOH A O   1 
HETATM 1179 O  O   . HOH B 2 .   ? 7.066   -10.272 9.529   1.00 44.77 ? 2061 HOH A O   1 
HETATM 1180 O  O   . HOH B 2 .   ? 5.562   -5.809  14.515  1.00 53.11 ? 2062 HOH A O   1 
# 
